data_9BZ4
#
_entry.id   9BZ4
#
_cell.length_a   70.894
_cell.length_b   94.036
_cell.length_c   96.713
_cell.angle_alpha   95.81
_cell.angle_beta   111.10
_cell.angle_gamma   108.51
#
_symmetry.space_group_name_H-M   'P 1'
#
loop_
_entity.id
_entity.type
_entity.pdbx_description
1 polymer 'Ras GTPase-activating protein 1'
2 water water
#
_entity_poly.entity_id   1
_entity_poly.type   'polypeptide(L)'
_entity_poly.pdbx_seq_one_letter_code
;GSSPGTSNKRLRQVSSLVLHIEEAHKLPVKHFTNPYCNIYLNSVQVAKTHAREGQNPVWSEEFVFDDLPPDINRFEITLS
NKTKKSKDPDILFMRCQLSRLQKGHATDEWFLLSSHIPLKGIEPGSLRVRARYSMEKIMPEEEYSEFKELILQKELHVVY
ALSHVCGQDRTLLASILLRIFLHEKLESLLLCTLNDREISMEDEATTLFRATTLASTLMEQYMKATATQFVHHALKDSIL
KIMESKQSCELSPSKLEKNEDVNTNLTHLLNILSELVEKIFMASEILPPTLRYIYGCLQKSVQHKWPTNTTMRTRVVSGF
VFLRLICPAILNPRMFNIISDSPSPIAARTLILVAKSVQNLANLVEFGAKEPYMEGVNPFIKSNKHRMIMFLDELGNVPE
LPDTTEHSRTDLSRDLAALHEICVAHSDELRTLSNERGAQQHVLKKLLAITELLQQKQNQYTKTNDVR
;
_entity_poly.pdbx_strand_id   A,B,C,D
#
# COMPACT_ATOMS: atom_id res chain seq x y z
N LYS A 9 15.91 -0.97 0.91
CA LYS A 9 14.64 -0.31 0.65
C LYS A 9 13.58 -1.37 0.32
N ARG A 10 12.97 -1.27 -0.85
CA ARG A 10 11.81 -2.08 -1.22
C ARG A 10 11.97 -2.51 -2.68
N LEU A 11 11.15 -3.48 -3.09
CA LEU A 11 11.21 -3.99 -4.45
C LEU A 11 10.67 -2.97 -5.45
N ARG A 12 11.34 -2.89 -6.60
CA ARG A 12 10.90 -2.05 -7.71
C ARG A 12 10.11 -2.90 -8.69
N GLN A 13 8.95 -2.41 -9.10
CA GLN A 13 8.05 -3.11 -10.00
C GLN A 13 7.85 -2.25 -11.25
N VAL A 14 8.43 -2.70 -12.37
CA VAL A 14 8.47 -1.91 -13.60
C VAL A 14 7.67 -2.64 -14.67
N SER A 15 6.59 -2.01 -15.13
CA SER A 15 5.74 -2.54 -16.17
C SER A 15 6.15 -1.97 -17.52
N SER A 16 6.06 -2.79 -18.57
CA SER A 16 6.40 -2.33 -19.91
C SER A 16 5.56 -3.08 -20.93
N LEU A 17 5.28 -2.41 -22.05
CA LEU A 17 4.50 -2.99 -23.13
C LEU A 17 5.17 -2.65 -24.45
N VAL A 18 5.57 -3.67 -25.20
CA VAL A 18 6.14 -3.50 -26.53
C VAL A 18 5.09 -3.94 -27.55
N LEU A 19 4.81 -3.06 -28.52
CA LEU A 19 3.78 -3.30 -29.51
C LEU A 19 4.39 -3.23 -30.90
N HIS A 20 4.09 -4.24 -31.72
CA HIS A 20 4.51 -4.28 -33.12
C HIS A 20 3.26 -4.25 -34.00
N ILE A 21 3.04 -3.12 -34.67
CA ILE A 21 1.96 -2.99 -35.64
C ILE A 21 2.50 -3.48 -36.97
N GLU A 22 2.05 -4.66 -37.40
CA GLU A 22 2.60 -5.30 -38.59
C GLU A 22 1.86 -4.89 -39.86
N GLU A 23 0.56 -5.20 -39.94
CA GLU A 23 -0.18 -5.01 -41.17
C GLU A 23 -1.67 -5.17 -40.87
N ALA A 24 -2.49 -4.77 -41.85
CA ALA A 24 -3.93 -4.94 -41.78
C ALA A 24 -4.40 -5.66 -43.04
N HIS A 25 -5.58 -6.27 -42.96
CA HIS A 25 -6.07 -7.13 -44.02
C HIS A 25 -7.53 -6.83 -44.31
N LYS A 26 -7.83 -6.61 -45.60
CA LYS A 26 -9.20 -6.44 -46.09
C LYS A 26 -9.94 -5.33 -45.35
N LEU A 27 -9.27 -4.19 -45.20
CA LEU A 27 -9.96 -3.01 -44.70
C LEU A 27 -11.00 -2.56 -45.73
N PRO A 28 -12.16 -2.10 -45.28
CA PRO A 28 -13.22 -1.68 -46.23
C PRO A 28 -12.73 -0.57 -47.14
N VAL A 29 -12.81 -0.82 -48.45
CA VAL A 29 -12.38 0.15 -49.45
C VAL A 29 -13.23 1.43 -49.42
N LYS A 30 -14.47 1.33 -48.94
CA LYS A 30 -15.35 2.49 -48.88
C LYS A 30 -14.90 3.53 -47.87
N HIS A 31 -13.93 3.20 -47.00
CA HIS A 31 -13.52 4.13 -45.95
C HIS A 31 -12.01 4.27 -45.82
N PHE A 32 -11.21 3.48 -46.52
CA PHE A 32 -9.75 3.49 -46.35
C PHE A 32 -9.07 3.66 -47.70
N THR A 33 -8.30 4.74 -47.83
CA THR A 33 -7.31 4.88 -48.89
C THR A 33 -5.90 5.02 -48.37
N ASN A 34 -5.72 5.72 -47.24
CA ASN A 34 -4.42 5.85 -46.57
C ASN A 34 -4.61 5.56 -45.09
N PRO A 35 -4.73 4.30 -44.70
CA PRO A 35 -4.96 3.99 -43.29
C PRO A 35 -3.71 4.20 -42.44
N TYR A 36 -3.94 4.61 -41.20
CA TYR A 36 -2.90 4.64 -40.19
C TYR A 36 -3.54 4.31 -38.84
N CYS A 37 -2.70 3.96 -37.87
CA CYS A 37 -3.15 3.48 -36.57
C CYS A 37 -2.92 4.53 -35.49
N ASN A 38 -3.89 4.66 -34.61
CA ASN A 38 -3.73 5.40 -33.36
C ASN A 38 -3.64 4.39 -32.23
N ILE A 39 -2.64 4.57 -31.35
CA ILE A 39 -2.39 3.64 -30.25
C ILE A 39 -2.76 4.31 -28.95
N TYR A 40 -3.51 3.59 -28.11
CA TYR A 40 -3.98 4.10 -26.82
C TYR A 40 -3.60 3.12 -25.72
N LEU A 41 -3.16 3.66 -24.58
CA LEU A 41 -3.08 2.91 -23.34
C LEU A 41 -4.30 3.29 -22.50
N ASN A 42 -5.14 2.30 -22.19
CA ASN A 42 -6.52 2.54 -21.77
C ASN A 42 -7.18 3.32 -22.89
N SER A 43 -7.72 4.52 -22.64
CA SER A 43 -8.28 5.35 -23.69
C SER A 43 -7.48 6.64 -23.89
N VAL A 44 -6.19 6.60 -23.59
CA VAL A 44 -5.31 7.77 -23.69
C VAL A 44 -4.33 7.53 -24.83
N GLN A 45 -4.39 8.38 -25.85
CA GLN A 45 -3.55 8.21 -27.03
C GLN A 45 -2.08 8.47 -26.68
N VAL A 46 -1.21 7.58 -27.13
CA VAL A 46 0.21 7.70 -26.82
C VAL A 46 1.11 7.67 -28.05
N ALA A 47 0.63 7.21 -29.20
CA ALA A 47 1.47 7.10 -30.39
C ALA A 47 0.58 6.89 -31.61
N LYS A 48 1.20 6.92 -32.78
CA LYS A 48 0.50 6.63 -34.03
C LYS A 48 1.51 6.18 -35.07
N THR A 49 1.04 5.37 -36.02
CA THR A 49 1.89 4.89 -37.10
C THR A 49 1.86 5.87 -38.27
N HIS A 50 2.71 5.60 -39.25
CA HIS A 50 2.68 6.35 -40.50
C HIS A 50 1.48 5.92 -41.34
N ALA A 51 1.14 6.75 -42.32
CA ALA A 51 0.05 6.45 -43.23
C ALA A 51 0.57 5.58 -44.37
N ARG A 52 -0.12 4.47 -44.64
CA ARG A 52 0.29 3.53 -45.66
C ARG A 52 -0.79 3.40 -46.73
N GLU A 53 -0.48 2.63 -47.76
CA GLU A 53 -1.27 2.60 -48.99
C GLU A 53 -2.34 1.51 -48.96
N GLY A 54 -3.53 1.85 -49.46
CA GLY A 54 -4.51 0.86 -49.85
C GLY A 54 -5.29 0.22 -48.71
N GLN A 55 -5.79 -0.98 -49.03
CA GLN A 55 -6.64 -1.73 -48.12
C GLN A 55 -5.89 -2.79 -47.32
N ASN A 56 -4.70 -3.17 -47.75
CA ASN A 56 -3.88 -4.18 -47.06
C ASN A 56 -2.51 -3.60 -46.72
N PRO A 57 -2.47 -2.56 -45.89
CA PRO A 57 -1.19 -1.88 -45.65
C PRO A 57 -0.28 -2.67 -44.73
N VAL A 58 1.01 -2.40 -44.84
CA VAL A 58 2.04 -2.98 -44.00
C VAL A 58 2.81 -1.84 -43.34
N TRP A 59 2.85 -1.85 -42.00
CA TRP A 59 3.52 -0.80 -41.24
C TRP A 59 4.87 -1.27 -40.69
N SER A 60 4.87 -2.34 -39.90
CA SER A 60 6.07 -2.87 -39.25
C SER A 60 6.77 -1.79 -38.43
N GLU A 61 6.01 -1.21 -37.50
CA GLU A 61 6.51 -0.18 -36.61
C GLU A 61 6.45 -0.69 -35.17
N GLU A 62 7.50 -0.39 -34.41
CA GLU A 62 7.62 -0.84 -33.03
C GLU A 62 7.44 0.34 -32.08
N PHE A 63 6.74 0.08 -30.98
CA PHE A 63 6.50 1.09 -29.96
C PHE A 63 6.80 0.49 -28.59
N VAL A 64 7.64 1.17 -27.82
CA VAL A 64 8.04 0.73 -26.49
C VAL A 64 7.44 1.67 -25.47
N PHE A 65 6.60 1.13 -24.58
CA PHE A 65 6.00 1.89 -23.49
C PHE A 65 6.55 1.34 -22.19
N ASP A 66 7.59 1.97 -21.67
CA ASP A 66 8.23 1.54 -20.43
C ASP A 66 7.58 2.23 -19.24
N ASP A 67 7.66 1.56 -18.08
CA ASP A 67 7.16 2.10 -16.81
C ASP A 67 5.68 2.46 -16.90
N LEU A 68 4.87 1.44 -17.20
CA LEU A 68 3.43 1.63 -17.31
C LEU A 68 2.85 1.98 -15.94
N PRO A 69 2.00 3.00 -15.83
CA PRO A 69 1.34 3.27 -14.57
C PRO A 69 0.48 2.09 -14.16
N PRO A 70 0.24 1.91 -12.85
CA PRO A 70 -0.44 0.69 -12.39
C PRO A 70 -1.90 0.59 -12.80
N ASP A 71 -2.49 1.64 -13.38
CA ASP A 71 -3.89 1.64 -13.75
C ASP A 71 -4.11 1.33 -15.24
N ILE A 72 -3.06 0.94 -15.96
CA ILE A 72 -3.20 0.57 -17.37
C ILE A 72 -3.62 -0.89 -17.42
N ASN A 73 -4.85 -1.14 -17.88
CA ASN A 73 -5.39 -2.48 -17.94
C ASN A 73 -5.56 -2.99 -19.37
N ARG A 74 -5.24 -2.19 -20.38
CA ARG A 74 -5.46 -2.57 -21.76
C ARG A 74 -4.73 -1.60 -22.68
N PHE A 75 -4.60 -2.00 -23.94
CA PHE A 75 -4.26 -1.09 -25.02
C PHE A 75 -5.31 -1.20 -26.11
N GLU A 76 -5.63 -0.07 -26.73
CA GLU A 76 -6.58 -0.03 -27.83
C GLU A 76 -5.91 0.58 -29.05
N ILE A 77 -6.34 0.15 -30.23
CA ILE A 77 -5.81 0.64 -31.49
C ILE A 77 -6.97 1.07 -32.37
N THR A 78 -6.91 2.28 -32.89
CA THR A 78 -7.93 2.81 -33.79
C THR A 78 -7.31 3.07 -35.16
N LEU A 79 -7.96 2.58 -36.20
CA LEU A 79 -7.52 2.77 -37.57
C LEU A 79 -8.27 3.96 -38.17
N SER A 80 -7.52 4.98 -38.58
CA SER A 80 -8.07 6.17 -39.20
C SER A 80 -7.66 6.23 -40.66
N ASN A 81 -8.24 7.18 -41.38
CA ASN A 81 -7.92 7.42 -42.79
C ASN A 81 -7.32 8.81 -42.92
N LYS A 82 -6.05 8.88 -43.32
CA LYS A 82 -5.41 10.16 -43.56
C LYS A 82 -5.98 10.80 -44.82
N THR A 83 -6.64 11.94 -44.66
CA THR A 83 -7.27 12.59 -45.79
C THR A 83 -7.28 14.11 -45.57
N LYS A 84 -7.61 14.83 -46.63
CA LYS A 84 -7.73 16.28 -46.60
C LYS A 84 -9.17 16.75 -46.81
N LYS A 85 -10.10 15.83 -47.07
CA LYS A 85 -11.50 16.21 -47.24
C LYS A 85 -12.11 16.71 -45.94
N SER A 86 -11.65 16.19 -44.81
CA SER A 86 -12.13 16.58 -43.49
C SER A 86 -11.05 16.23 -42.48
N LYS A 87 -11.38 16.33 -41.19
CA LYS A 87 -10.54 15.71 -40.19
C LYS A 87 -10.50 14.21 -40.43
N ASP A 88 -9.39 13.59 -40.04
CA ASP A 88 -9.24 12.16 -40.28
C ASP A 88 -10.29 11.39 -39.48
N PRO A 89 -11.06 10.52 -40.12
CA PRO A 89 -12.15 9.83 -39.42
C PRO A 89 -11.66 8.61 -38.65
N ASP A 90 -12.23 8.42 -37.46
CA ASP A 90 -12.02 7.21 -36.69
C ASP A 90 -13.00 6.15 -37.19
N ILE A 91 -12.48 5.08 -37.80
CA ILE A 91 -13.30 4.10 -38.50
C ILE A 91 -13.37 2.77 -37.75
N LEU A 92 -12.24 2.13 -37.53
CA LEU A 92 -12.19 0.81 -36.92
C LEU A 92 -11.33 0.82 -35.67
N PHE A 93 -11.52 -0.18 -34.82
CA PHE A 93 -10.74 -0.29 -33.59
C PHE A 93 -10.76 -1.71 -33.06
N MET A 94 -9.72 -2.05 -32.32
CA MET A 94 -9.65 -3.25 -31.51
C MET A 94 -9.23 -2.86 -30.10
N ARG A 95 -9.44 -3.78 -29.16
CA ARG A 95 -9.03 -3.58 -27.78
C ARG A 95 -8.46 -4.89 -27.25
N CYS A 96 -7.44 -4.79 -26.40
CA CYS A 96 -6.78 -5.97 -25.85
C CYS A 96 -6.44 -5.73 -24.39
N GLN A 97 -7.13 -6.43 -23.49
CA GLN A 97 -6.82 -6.36 -22.07
C GLN A 97 -5.44 -6.95 -21.81
N LEU A 98 -4.68 -6.29 -20.93
CA LEU A 98 -3.37 -6.81 -20.55
C LEU A 98 -3.48 -8.12 -19.78
N SER A 99 -4.65 -8.42 -19.21
CA SER A 99 -4.85 -9.67 -18.48
C SER A 99 -4.77 -10.89 -19.40
N ARG A 100 -5.01 -10.71 -20.69
CA ARG A 100 -4.92 -11.80 -21.66
C ARG A 100 -3.49 -12.03 -22.15
N LEU A 101 -2.55 -11.14 -21.83
CA LEU A 101 -1.18 -11.25 -22.29
C LEU A 101 -0.35 -12.01 -21.24
N GLN A 102 0.22 -13.14 -21.65
CA GLN A 102 1.09 -13.89 -20.76
C GLN A 102 2.37 -13.10 -20.51
N LYS A 103 2.68 -12.89 -19.22
CA LYS A 103 3.78 -12.00 -18.84
C LYS A 103 5.11 -12.50 -19.39
N GLY A 104 5.74 -11.68 -20.23
CA GLY A 104 7.03 -11.98 -20.79
C GLY A 104 7.01 -12.66 -22.15
N HIS A 105 5.90 -13.29 -22.51
CA HIS A 105 5.80 -14.02 -23.78
C HIS A 105 5.29 -13.08 -24.87
N ALA A 106 5.99 -13.07 -26.00
CA ALA A 106 5.62 -12.23 -27.13
C ALA A 106 4.50 -12.92 -27.91
N THR A 107 3.32 -12.33 -27.91
CA THR A 107 2.20 -12.87 -28.67
C THR A 107 2.20 -12.30 -30.09
N ASP A 108 1.55 -13.05 -30.99
CA ASP A 108 1.49 -12.66 -32.40
C ASP A 108 0.13 -13.11 -32.92
N GLU A 109 -0.80 -12.17 -33.07
CA GLU A 109 -2.17 -12.54 -33.40
C GLU A 109 -2.82 -11.48 -34.28
N TRP A 110 -3.74 -11.95 -35.13
CA TRP A 110 -4.63 -11.07 -35.88
C TRP A 110 -5.89 -10.83 -35.07
N PHE A 111 -6.30 -9.57 -34.98
CA PHE A 111 -7.47 -9.18 -34.21
C PHE A 111 -8.59 -8.77 -35.15
N LEU A 112 -9.76 -9.36 -34.98
CA LEU A 112 -10.93 -8.92 -35.72
C LEU A 112 -11.31 -7.51 -35.26
N LEU A 113 -11.45 -6.61 -36.23
CA LEU A 113 -11.64 -5.19 -35.94
C LEU A 113 -13.10 -4.87 -35.68
N SER A 114 -13.33 -3.97 -34.73
CA SER A 114 -14.64 -3.41 -34.46
C SER A 114 -14.77 -2.06 -35.17
N SER A 115 -15.94 -1.45 -35.08
CA SER A 115 -16.22 -0.23 -35.81
C SER A 115 -16.73 0.86 -34.88
N HIS A 116 -16.30 2.10 -35.14
CA HIS A 116 -16.90 3.27 -34.51
C HIS A 116 -18.14 3.74 -35.24
N ILE A 117 -18.42 3.20 -36.43
CA ILE A 117 -19.51 3.66 -37.27
C ILE A 117 -20.28 2.44 -37.76
N PRO A 118 -21.55 2.61 -38.14
CA PRO A 118 -22.28 1.51 -38.77
C PRO A 118 -21.66 1.14 -40.10
N LEU A 119 -21.47 -0.17 -40.31
CA LEU A 119 -20.82 -0.67 -41.52
C LEU A 119 -21.80 -1.26 -42.53
N LYS A 120 -23.01 -1.62 -42.09
CA LYS A 120 -24.09 -2.06 -42.98
C LYS A 120 -23.64 -3.18 -43.91
N GLY A 121 -23.25 -4.30 -43.29
CA GLY A 121 -22.91 -5.50 -44.02
C GLY A 121 -21.47 -5.59 -44.50
N ILE A 122 -20.71 -4.50 -44.44
CA ILE A 122 -19.33 -4.50 -44.89
C ILE A 122 -18.46 -5.19 -43.86
N GLU A 123 -17.57 -6.07 -44.31
CA GLU A 123 -16.70 -6.78 -43.39
C GLU A 123 -15.62 -5.83 -42.85
N PRO A 124 -15.35 -5.88 -41.54
CA PRO A 124 -14.42 -4.89 -40.96
C PRO A 124 -12.96 -5.16 -41.30
N GLY A 125 -12.53 -6.41 -41.32
CA GLY A 125 -11.13 -6.72 -41.54
C GLY A 125 -10.43 -7.07 -40.24
N SER A 126 -9.10 -7.22 -40.34
CA SER A 126 -8.29 -7.66 -39.23
C SER A 126 -7.00 -6.85 -39.17
N LEU A 127 -6.36 -6.90 -38.00
CA LEU A 127 -5.12 -6.17 -37.75
C LEU A 127 -4.15 -7.09 -37.01
N ARG A 128 -2.95 -7.24 -37.55
CA ARG A 128 -1.94 -8.11 -36.96
C ARG A 128 -1.08 -7.30 -35.99
N VAL A 129 -1.06 -7.71 -34.73
CA VAL A 129 -0.28 -7.06 -33.69
C VAL A 129 0.61 -8.09 -33.01
N ARG A 130 1.87 -7.73 -32.79
CA ARG A 130 2.75 -8.46 -31.89
C ARG A 130 2.88 -7.67 -30.61
N ALA A 131 2.72 -8.33 -29.47
CA ALA A 131 2.69 -7.65 -28.20
C ALA A 131 3.45 -8.45 -27.15
N ARG A 132 4.27 -7.77 -26.37
CA ARG A 132 4.96 -8.36 -25.22
C ARG A 132 4.70 -7.48 -24.01
N TYR A 133 3.95 -8.01 -23.05
CA TYR A 133 3.69 -7.32 -21.79
C TYR A 133 4.59 -7.96 -20.72
N SER A 134 5.54 -7.19 -20.21
CA SER A 134 6.55 -7.70 -19.30
C SER A 134 6.46 -7.01 -17.96
N MET A 135 7.00 -7.69 -16.93
CA MET A 135 7.01 -7.16 -15.57
C MET A 135 8.36 -7.50 -14.95
N GLU A 136 9.15 -6.47 -14.65
CA GLU A 136 10.47 -6.63 -14.06
C GLU A 136 10.39 -6.43 -12.56
N LYS A 137 11.00 -7.35 -11.81
CA LYS A 137 11.10 -7.26 -10.36
C LYS A 137 12.55 -6.97 -10.00
N ILE A 138 12.79 -5.78 -9.47
CA ILE A 138 14.15 -5.28 -9.26
C ILE A 138 14.36 -5.06 -7.77
N MET A 139 15.25 -5.83 -7.16
CA MET A 139 15.61 -5.65 -5.78
C MET A 139 16.50 -4.41 -5.62
N PRO A 140 16.66 -3.91 -4.39
CA PRO A 140 17.68 -2.87 -4.16
C PRO A 140 19.04 -3.30 -4.69
N GLU A 141 19.82 -2.30 -5.12
CA GLU A 141 21.07 -2.56 -5.82
C GLU A 141 22.06 -3.35 -4.97
N GLU A 142 22.08 -3.12 -3.65
CA GLU A 142 23.05 -3.80 -2.80
C GLU A 142 22.89 -5.31 -2.79
N GLU A 143 21.70 -5.82 -3.11
CA GLU A 143 21.49 -7.26 -3.13
C GLU A 143 22.20 -7.93 -4.30
N TYR A 144 22.51 -7.19 -5.36
CA TYR A 144 23.24 -7.71 -6.51
C TYR A 144 24.75 -7.53 -6.38
N SER A 145 25.24 -7.26 -5.17
CA SER A 145 26.65 -6.90 -5.00
C SER A 145 27.58 -8.06 -5.41
N GLU A 146 27.41 -9.21 -4.76
CA GLU A 146 28.25 -10.36 -5.10
C GLU A 146 28.04 -10.79 -6.55
N PHE A 147 26.81 -10.69 -7.04
CA PHE A 147 26.52 -10.98 -8.44
C PHE A 147 27.32 -10.05 -9.35
N LYS A 148 27.32 -8.75 -9.05
CA LYS A 148 28.05 -7.79 -9.87
C LYS A 148 29.55 -8.03 -9.80
N GLU A 149 30.07 -8.37 -8.61
CA GLU A 149 31.50 -8.61 -8.44
C GLU A 149 31.98 -9.78 -9.29
N LEU A 150 31.14 -10.80 -9.46
CA LEU A 150 31.54 -11.95 -10.27
C LEU A 150 31.54 -11.64 -11.76
N ILE A 151 30.70 -10.70 -12.20
CA ILE A 151 30.63 -10.34 -13.61
C ILE A 151 31.82 -9.44 -13.99
N LEU A 152 32.18 -8.50 -13.13
CA LEU A 152 33.30 -7.60 -13.40
C LEU A 152 34.65 -8.23 -13.11
N GLN A 153 34.70 -9.55 -12.91
CA GLN A 153 35.96 -10.24 -12.69
C GLN A 153 36.84 -10.19 -13.94
N LYS A 154 38.16 -10.18 -13.72
CA LYS A 154 39.06 -9.71 -14.77
C LYS A 154 39.15 -10.65 -15.96
N GLU A 155 38.94 -11.95 -15.77
CA GLU A 155 39.03 -12.87 -16.90
C GLU A 155 37.67 -13.18 -17.53
N LEU A 156 36.60 -12.57 -17.04
CA LEU A 156 35.30 -12.57 -17.71
C LEU A 156 34.76 -13.97 -17.97
N HIS A 157 35.02 -14.90 -17.06
CA HIS A 157 34.56 -16.27 -17.24
C HIS A 157 33.05 -16.34 -17.36
N VAL A 158 32.33 -15.58 -16.53
CA VAL A 158 30.88 -15.55 -16.61
C VAL A 158 30.42 -14.92 -17.91
N VAL A 159 31.13 -13.89 -18.37
CA VAL A 159 30.79 -13.26 -19.65
C VAL A 159 30.92 -14.27 -20.78
N TYR A 160 32.01 -15.04 -20.79
CA TYR A 160 32.18 -16.08 -21.81
C TYR A 160 31.02 -17.07 -21.79
N ALA A 161 30.65 -17.55 -20.60
CA ALA A 161 29.59 -18.54 -20.49
C ALA A 161 28.25 -17.96 -20.94
N LEU A 162 28.00 -16.69 -20.65
CA LEU A 162 26.73 -16.08 -21.03
C LEU A 162 26.63 -15.93 -22.54
N SER A 163 27.74 -15.61 -23.21
CA SER A 163 27.72 -15.55 -24.66
C SER A 163 27.48 -16.92 -25.28
N HIS A 164 28.07 -17.96 -24.68
CA HIS A 164 27.91 -19.32 -25.22
C HIS A 164 26.47 -19.81 -25.08
N VAL A 165 25.75 -19.36 -24.05
CA VAL A 165 24.40 -19.87 -23.80
C VAL A 165 23.33 -19.03 -24.49
N CYS A 166 23.66 -17.85 -24.99
CA CYS A 166 22.69 -16.95 -25.61
C CYS A 166 22.82 -17.07 -27.13
N GLY A 167 21.95 -17.87 -27.73
CA GLY A 167 21.97 -18.06 -29.17
C GLY A 167 21.42 -16.87 -29.93
N GLN A 168 20.14 -16.57 -29.71
CA GLN A 168 19.47 -15.44 -30.35
C GLN A 168 19.50 -14.18 -29.49
N ASP A 169 19.83 -14.30 -28.21
CA ASP A 169 19.98 -13.15 -27.32
C ASP A 169 21.35 -12.49 -27.45
N ARG A 170 21.85 -12.39 -28.68
CA ARG A 170 23.12 -11.72 -28.93
C ARG A 170 23.03 -10.22 -28.61
N THR A 171 22.03 -9.55 -29.19
CA THR A 171 21.95 -8.09 -29.08
C THR A 171 21.53 -7.67 -27.68
N LEU A 172 20.60 -8.41 -27.06
CA LEU A 172 20.14 -8.06 -25.72
C LEU A 172 21.26 -8.20 -24.71
N LEU A 173 21.95 -9.36 -24.72
CA LEU A 173 23.04 -9.57 -23.78
C LEU A 173 24.15 -8.55 -23.98
N ALA A 174 24.46 -8.21 -25.23
CA ALA A 174 25.48 -7.20 -25.51
C ALA A 174 25.05 -5.83 -24.98
N SER A 175 23.80 -5.46 -25.20
CA SER A 175 23.30 -4.18 -24.70
C SER A 175 23.41 -4.10 -23.18
N ILE A 176 22.96 -5.15 -22.49
CA ILE A 176 22.97 -5.14 -21.03
C ILE A 176 24.41 -5.16 -20.51
N LEU A 177 25.26 -6.02 -21.07
CA LEU A 177 26.65 -6.10 -20.64
C LEU A 177 27.38 -4.78 -20.91
N LEU A 178 27.10 -4.14 -22.06
CA LEU A 178 27.80 -2.90 -22.40
C LEU A 178 27.42 -1.78 -21.45
N ARG A 179 26.13 -1.65 -21.12
CA ARG A 179 25.71 -0.63 -20.17
C ARG A 179 26.30 -0.87 -18.79
N ILE A 180 26.44 -2.13 -18.39
CA ILE A 180 26.96 -2.44 -17.06
C ILE A 180 28.43 -2.05 -16.96
N PHE A 181 29.23 -2.48 -17.94
CA PHE A 181 30.65 -2.16 -17.90
C PHE A 181 30.90 -0.67 -18.12
N LEU A 182 30.07 0.00 -18.92
CA LEU A 182 30.16 1.45 -19.04
C LEU A 182 29.85 2.13 -17.72
N HIS A 183 28.81 1.65 -17.03
CA HIS A 183 28.44 2.23 -15.74
C HIS A 183 29.58 2.13 -14.74
N GLU A 184 30.38 1.07 -14.82
CA GLU A 184 31.49 0.84 -13.90
C GLU A 184 32.83 1.28 -14.48
N LYS A 185 32.82 2.03 -15.59
CA LYS A 185 34.05 2.52 -16.24
C LYS A 185 35.01 1.39 -16.59
N LEU A 186 34.47 0.22 -16.93
CA LEU A 186 35.28 -0.95 -17.24
C LEU A 186 35.01 -1.44 -18.66
N GLU A 187 34.55 -0.55 -19.53
CA GLU A 187 34.29 -0.95 -20.91
C GLU A 187 35.58 -1.36 -21.63
N SER A 188 36.73 -0.81 -21.20
CA SER A 188 38.00 -1.20 -21.80
C SER A 188 38.32 -2.66 -21.49
N LEU A 189 38.15 -3.07 -20.24
CA LEU A 189 38.40 -4.47 -19.88
C LEU A 189 37.49 -5.42 -20.65
N LEU A 190 36.21 -5.07 -20.78
CA LEU A 190 35.27 -5.94 -21.48
C LEU A 190 35.63 -6.07 -22.95
N LEU A 191 35.77 -4.93 -23.65
CA LEU A 191 35.97 -4.97 -25.09
C LEU A 191 37.34 -5.50 -25.46
N CYS A 192 38.37 -5.13 -24.71
CA CYS A 192 39.72 -5.58 -25.04
C CYS A 192 39.87 -7.09 -24.84
N THR A 193 39.34 -7.61 -23.73
CA THR A 193 39.50 -9.04 -23.45
C THR A 193 38.75 -9.90 -24.46
N LEU A 194 37.52 -9.49 -24.80
CA LEU A 194 36.72 -10.27 -25.75
C LEU A 194 37.31 -10.18 -27.16
N ASN A 195 37.77 -8.98 -27.56
CA ASN A 195 38.43 -8.86 -28.85
C ASN A 195 39.68 -9.71 -28.92
N ASP A 196 40.44 -9.76 -27.81
CA ASP A 196 41.65 -10.57 -27.79
C ASP A 196 41.33 -12.05 -27.90
N ARG A 197 40.29 -12.52 -27.20
CA ARG A 197 39.88 -13.90 -27.33
C ARG A 197 39.36 -14.20 -28.72
N GLU A 198 38.63 -13.25 -29.32
CA GLU A 198 38.13 -13.44 -30.67
C GLU A 198 39.28 -13.63 -31.65
N ILE A 199 40.31 -12.80 -31.57
CA ILE A 199 41.47 -12.98 -32.44
C ILE A 199 42.19 -14.28 -32.13
N SER A 200 42.12 -14.74 -30.89
CA SER A 200 42.90 -15.89 -30.46
C SER A 200 42.40 -17.22 -31.03
N MET A 201 41.12 -17.30 -31.42
CA MET A 201 40.57 -18.54 -31.91
C MET A 201 40.28 -18.52 -33.42
N GLU A 202 40.98 -17.66 -34.17
CA GLU A 202 40.79 -17.61 -35.63
C GLU A 202 42.00 -18.14 -36.39
N LEU A 208 38.94 -12.15 -40.14
CA LEU A 208 38.50 -12.19 -38.74
C LEU A 208 37.50 -11.08 -38.44
N PHE A 209 36.75 -11.26 -37.35
CA PHE A 209 35.75 -10.30 -36.89
C PHE A 209 34.64 -10.09 -37.93
N ARG A 210 34.74 -10.78 -39.07
CA ARG A 210 33.70 -10.73 -40.08
C ARG A 210 32.48 -11.56 -39.69
N ALA A 211 32.59 -12.38 -38.65
CA ALA A 211 31.45 -13.09 -38.11
C ALA A 211 30.76 -12.24 -37.05
N THR A 212 29.43 -12.36 -36.98
CA THR A 212 28.63 -11.64 -35.99
C THR A 212 28.78 -12.35 -34.65
N THR A 213 29.86 -12.02 -33.96
CA THR A 213 30.16 -12.57 -32.64
C THR A 213 29.76 -11.55 -31.57
N LEU A 214 29.90 -11.95 -30.30
CA LEU A 214 29.61 -11.02 -29.22
C LEU A 214 30.60 -9.85 -29.21
N ALA A 215 31.86 -10.10 -29.60
CA ALA A 215 32.84 -9.02 -29.65
C ALA A 215 32.50 -8.01 -30.72
N SER A 216 32.02 -8.47 -31.87
CA SER A 216 31.72 -7.56 -32.97
C SER A 216 30.51 -6.68 -32.66
N THR A 217 29.44 -7.27 -32.13
CA THR A 217 28.26 -6.47 -31.80
C THR A 217 28.47 -5.59 -30.57
N LEU A 218 29.40 -5.97 -29.68
CA LEU A 218 29.77 -5.06 -28.60
C LEU A 218 30.56 -3.86 -29.13
N MET A 219 31.48 -4.10 -30.07
CA MET A 219 32.20 -2.99 -30.69
C MET A 219 31.27 -2.14 -31.54
N GLU A 220 30.28 -2.77 -32.18
CA GLU A 220 29.32 -2.00 -32.98
C GLU A 220 28.45 -1.12 -32.10
N GLN A 221 27.96 -1.66 -30.98
CA GLN A 221 27.16 -0.85 -30.07
C GLN A 221 28.00 0.22 -29.39
N TYR A 222 29.24 -0.10 -29.05
CA TYR A 222 30.11 0.88 -28.40
C TYR A 222 30.46 2.03 -29.36
N MET A 223 30.70 1.71 -30.63
CA MET A 223 31.12 2.75 -31.57
C MET A 223 29.96 3.64 -31.98
N LYS A 224 28.75 3.07 -32.08
CA LYS A 224 27.58 3.89 -32.34
C LYS A 224 27.32 4.89 -31.23
N ALA A 225 27.84 4.63 -30.03
CA ALA A 225 27.62 5.49 -28.87
C ALA A 225 28.79 6.41 -28.58
N THR A 226 29.97 6.17 -29.18
CA THR A 226 31.16 6.96 -28.85
C THR A 226 31.81 7.64 -30.03
N ALA A 227 31.47 7.28 -31.27
CA ALA A 227 32.14 7.80 -32.44
C ALA A 227 31.23 8.66 -33.31
N THR A 228 30.10 9.12 -32.77
CA THR A 228 29.11 9.81 -33.60
C THR A 228 29.61 11.18 -34.05
N GLN A 229 30.36 11.89 -33.20
CA GLN A 229 30.81 13.22 -33.57
C GLN A 229 32.17 13.21 -34.26
N PHE A 230 32.91 12.10 -34.21
CA PHE A 230 34.02 11.93 -35.14
C PHE A 230 33.49 11.78 -36.57
N VAL A 231 32.42 11.00 -36.74
CA VAL A 231 31.83 10.81 -38.06
C VAL A 231 31.27 12.12 -38.59
N HIS A 232 30.58 12.88 -37.73
CA HIS A 232 30.03 14.17 -38.16
C HIS A 232 31.13 15.15 -38.53
N HIS A 233 32.14 15.27 -37.65
CA HIS A 233 33.21 16.24 -37.90
C HIS A 233 34.05 15.89 -39.12
N ALA A 234 34.02 14.64 -39.56
CA ALA A 234 34.84 14.22 -40.70
C ALA A 234 34.06 14.12 -42.01
N LEU A 235 32.76 13.93 -41.96
CA LEU A 235 31.97 13.62 -43.15
C LEU A 235 30.90 14.65 -43.48
N LYS A 236 30.36 15.36 -42.49
CA LYS A 236 29.23 16.26 -42.71
C LYS A 236 29.53 17.30 -43.77
N ASP A 237 30.61 18.07 -43.57
CA ASP A 237 30.95 19.13 -44.51
C ASP A 237 31.22 18.58 -45.90
N SER A 238 31.93 17.45 -45.98
CA SER A 238 32.23 16.85 -47.28
C SER A 238 30.96 16.41 -48.00
N ILE A 239 30.08 15.70 -47.28
CA ILE A 239 28.86 15.20 -47.91
C ILE A 239 27.91 16.34 -48.25
N LEU A 240 27.89 17.40 -47.42
CA LEU A 240 27.07 18.56 -47.75
C LEU A 240 27.48 19.17 -49.09
N LYS A 241 28.79 19.30 -49.32
CA LYS A 241 29.27 19.82 -50.60
C LYS A 241 28.88 18.90 -51.75
N ILE A 242 28.87 17.59 -51.51
CA ILE A 242 28.46 16.65 -52.55
C ILE A 242 26.95 16.65 -52.76
N MET A 243 26.18 17.13 -51.78
CA MET A 243 24.73 17.10 -51.90
C MET A 243 24.21 18.21 -52.81
N GLU A 244 24.80 19.40 -52.72
CA GLU A 244 24.39 20.54 -53.54
C GLU A 244 25.09 20.58 -54.88
N SER A 245 25.95 19.62 -55.18
CA SER A 245 26.76 19.65 -56.38
C SER A 245 26.02 19.08 -57.58
N LYS A 246 26.39 19.55 -58.77
CA LYS A 246 25.84 19.05 -60.02
C LYS A 246 26.91 18.50 -60.95
N GLN A 247 28.19 18.63 -60.59
CA GLN A 247 29.25 18.08 -61.43
C GLN A 247 29.37 16.58 -61.22
N SER A 248 29.37 15.84 -62.32
CA SER A 248 29.40 14.38 -62.27
C SER A 248 30.81 13.87 -62.00
N CYS A 249 30.87 12.69 -61.38
CA CYS A 249 32.11 11.96 -61.18
C CYS A 249 32.10 10.60 -61.88
N GLU A 250 31.15 10.40 -62.79
CA GLU A 250 30.95 9.09 -63.39
C GLU A 250 32.16 8.69 -64.23
N LEU A 251 32.60 7.45 -64.08
CA LEU A 251 33.74 6.92 -64.81
C LEU A 251 33.41 5.70 -65.65
N SER A 252 32.32 5.00 -65.38
CA SER A 252 31.94 3.86 -66.18
C SER A 252 31.41 4.33 -67.54
N PRO A 253 32.05 3.95 -68.65
CA PRO A 253 31.58 4.44 -69.96
C PRO A 253 30.18 3.99 -70.32
N SER A 254 29.63 2.98 -69.63
CA SER A 254 28.25 2.57 -69.89
C SER A 254 27.26 3.50 -69.21
N LYS A 255 27.66 4.16 -68.14
CA LYS A 255 26.80 5.09 -67.42
C LYS A 255 27.07 6.55 -67.77
N LEU A 256 27.95 6.81 -68.72
CA LEU A 256 28.30 8.17 -69.12
C LEU A 256 27.34 8.64 -70.20
N GLU A 257 26.47 9.59 -69.86
CA GLU A 257 25.77 10.33 -70.90
C GLU A 257 26.78 11.05 -71.77
N LYS A 258 26.62 10.92 -73.09
CA LYS A 258 27.65 11.43 -74.00
C LYS A 258 27.78 12.94 -73.88
N ASN A 259 28.79 13.47 -74.59
CA ASN A 259 29.23 14.86 -74.44
C ASN A 259 29.77 15.14 -73.04
N GLU A 260 30.34 14.12 -72.41
CA GLU A 260 30.94 14.23 -71.09
C GLU A 260 32.41 13.91 -71.18
N ASP A 261 33.24 14.73 -70.55
CA ASP A 261 34.67 14.49 -70.46
C ASP A 261 34.95 13.72 -69.18
N VAL A 262 35.28 12.43 -69.32
CA VAL A 262 35.55 11.59 -68.16
C VAL A 262 36.72 12.11 -67.34
N ASN A 263 37.54 12.98 -67.93
CA ASN A 263 38.71 13.49 -67.24
C ASN A 263 38.35 14.59 -66.24
N THR A 264 37.42 15.46 -66.61
CA THR A 264 36.90 16.43 -65.64
C THR A 264 36.19 15.73 -64.50
N ASN A 265 35.45 14.66 -64.81
CA ASN A 265 34.78 13.89 -63.77
C ASN A 265 35.78 13.25 -62.83
N LEU A 266 36.87 12.69 -63.37
CA LEU A 266 37.87 12.10 -62.49
C LEU A 266 38.64 13.17 -61.72
N THR A 267 38.87 14.32 -62.35
CA THR A 267 39.51 15.42 -61.63
C THR A 267 38.66 15.87 -60.45
N HIS A 268 37.34 15.97 -60.64
CA HIS A 268 36.47 16.38 -59.56
C HIS A 268 36.46 15.35 -58.44
N LEU A 269 36.44 14.06 -58.79
CA LEU A 269 36.45 13.01 -57.78
C LEU A 269 37.73 13.06 -56.94
N LEU A 270 38.87 13.34 -57.58
CA LEU A 270 40.13 13.39 -56.85
C LEU A 270 40.18 14.58 -55.90
N ASN A 271 39.60 15.72 -56.31
CA ASN A 271 39.52 16.86 -55.41
C ASN A 271 38.62 16.58 -54.22
N ILE A 272 37.52 15.86 -54.46
CA ILE A 272 36.60 15.51 -53.37
C ILE A 272 37.29 14.55 -52.41
N LEU A 273 37.95 13.51 -52.94
CA LEU A 273 38.58 12.52 -52.08
C LEU A 273 39.72 13.13 -51.27
N SER A 274 40.51 14.01 -51.89
CA SER A 274 41.64 14.60 -51.19
C SER A 274 41.19 15.47 -50.02
N GLU A 275 40.14 16.27 -50.22
CA GLU A 275 39.63 17.10 -49.13
C GLU A 275 38.98 16.26 -48.04
N LEU A 276 38.23 15.22 -48.42
CA LEU A 276 37.57 14.38 -47.42
C LEU A 276 38.58 13.56 -46.63
N VAL A 277 39.56 12.97 -47.31
CA VAL A 277 40.56 12.16 -46.63
C VAL A 277 41.34 13.00 -45.63
N GLU A 278 41.67 14.24 -46.00
CA GLU A 278 42.31 15.15 -45.05
C GLU A 278 41.39 15.46 -43.88
N LYS A 279 40.09 15.60 -44.15
CA LYS A 279 39.15 15.89 -43.07
C LYS A 279 39.02 14.72 -42.10
N ILE A 280 39.12 13.48 -42.60
CA ILE A 280 39.08 12.31 -41.72
C ILE A 280 40.31 12.28 -40.83
N PHE A 281 41.49 12.49 -41.43
CA PHE A 281 42.74 12.45 -40.66
C PHE A 281 42.76 13.50 -39.55
N MET A 282 42.14 14.65 -39.77
CA MET A 282 42.17 15.72 -38.79
C MET A 282 41.05 15.61 -37.76
N ALA A 283 39.90 15.05 -38.12
CA ALA A 283 38.85 14.81 -37.15
C ALA A 283 39.18 13.67 -36.20
N SER A 284 40.31 12.98 -36.41
CA SER A 284 40.69 11.89 -35.53
C SER A 284 40.88 12.34 -34.10
N GLU A 285 41.24 13.60 -33.88
CA GLU A 285 41.46 14.12 -32.55
C GLU A 285 40.19 14.13 -31.70
N ILE A 286 39.03 13.97 -32.32
CA ILE A 286 37.77 14.00 -31.60
C ILE A 286 37.41 12.63 -30.99
N LEU A 287 37.95 11.55 -31.55
CA LEU A 287 37.70 10.21 -31.02
C LEU A 287 38.01 10.15 -29.53
N PRO A 288 37.13 9.58 -28.71
CA PRO A 288 37.41 9.51 -27.28
C PRO A 288 38.62 8.62 -27.00
N PRO A 289 39.38 8.90 -25.94
CA PRO A 289 40.61 8.13 -25.70
C PRO A 289 40.36 6.66 -25.42
N THR A 290 39.23 6.30 -24.83
CA THR A 290 38.96 4.89 -24.54
C THR A 290 38.82 4.08 -25.81
N LEU A 291 38.08 4.60 -26.79
CA LEU A 291 37.97 3.90 -28.07
C LEU A 291 39.34 3.75 -28.74
N ARG A 292 40.15 4.81 -28.70
CA ARG A 292 41.50 4.73 -29.25
C ARG A 292 42.34 3.70 -28.52
N TYR A 293 42.19 3.64 -27.19
CA TYR A 293 42.90 2.62 -26.41
C TYR A 293 42.47 1.21 -26.82
N ILE A 294 41.19 1.02 -27.11
CA ILE A 294 40.70 -0.28 -27.55
C ILE A 294 41.26 -0.62 -28.93
N TYR A 295 41.44 0.38 -29.79
CA TYR A 295 42.05 0.14 -31.10
C TYR A 295 43.50 -0.29 -30.96
N GLY A 296 44.24 0.33 -30.04
CA GLY A 296 45.60 -0.10 -29.77
C GLY A 296 45.69 -1.50 -29.22
N CYS A 297 44.72 -1.90 -28.40
CA CYS A 297 44.70 -3.27 -27.90
C CYS A 297 44.40 -4.26 -29.01
N LEU A 298 43.56 -3.88 -29.97
CA LEU A 298 43.36 -4.70 -31.16
C LEU A 298 44.68 -4.91 -31.89
N GLN A 299 45.48 -3.84 -32.02
CA GLN A 299 46.76 -3.96 -32.71
C GLN A 299 47.73 -4.85 -31.92
N LYS A 300 47.73 -4.73 -30.60
CA LYS A 300 48.62 -5.56 -29.80
C LYS A 300 48.24 -7.03 -29.86
N SER A 301 46.93 -7.32 -29.81
CA SER A 301 46.48 -8.71 -29.86
C SER A 301 46.81 -9.34 -31.21
N VAL A 302 46.64 -8.59 -32.29
CA VAL A 302 46.98 -9.10 -33.62
C VAL A 302 48.48 -9.30 -33.76
N GLN A 303 49.27 -8.37 -33.17
CA GLN A 303 50.72 -8.50 -33.22
C GLN A 303 51.20 -9.72 -32.44
N HIS A 304 50.53 -10.04 -31.34
CA HIS A 304 50.86 -11.24 -30.58
C HIS A 304 50.64 -12.49 -31.42
N LYS A 305 49.51 -12.55 -32.12
CA LYS A 305 49.15 -13.77 -32.85
C LYS A 305 49.93 -13.93 -34.15
N TRP A 306 50.06 -12.85 -34.92
CA TRP A 306 50.75 -12.87 -36.21
C TRP A 306 51.84 -11.80 -36.21
N PRO A 307 53.01 -12.09 -35.62
CA PRO A 307 54.11 -11.12 -35.70
C PRO A 307 54.67 -10.95 -37.10
N THR A 308 54.41 -11.88 -38.01
CA THR A 308 54.90 -11.79 -39.38
C THR A 308 53.99 -10.98 -40.29
N ASN A 309 52.67 -11.07 -40.07
CA ASN A 309 51.71 -10.26 -40.84
C ASN A 309 51.76 -8.84 -40.30
N THR A 310 52.80 -8.10 -40.70
CA THR A 310 52.98 -6.73 -40.26
C THR A 310 51.94 -5.78 -40.83
N THR A 311 51.12 -6.24 -41.77
CA THR A 311 50.02 -5.42 -42.28
C THR A 311 48.72 -5.66 -41.54
N MET A 312 48.62 -6.79 -40.80
CA MET A 312 47.38 -7.12 -40.11
C MET A 312 47.00 -6.09 -39.06
N ARG A 313 47.99 -5.44 -38.44
CA ARG A 313 47.71 -4.48 -37.38
C ARG A 313 46.97 -3.26 -37.91
N THR A 314 47.13 -2.93 -39.18
CA THR A 314 46.34 -1.88 -39.80
C THR A 314 45.01 -2.41 -40.35
N ARG A 315 44.97 -3.67 -40.78
CA ARG A 315 43.72 -4.25 -41.28
C ARG A 315 42.67 -4.31 -40.18
N VAL A 316 43.07 -4.72 -38.97
CA VAL A 316 42.10 -4.94 -37.90
C VAL A 316 41.49 -3.62 -37.43
N VAL A 317 42.22 -2.52 -37.54
CA VAL A 317 41.68 -1.24 -37.09
C VAL A 317 40.80 -0.61 -38.16
N SER A 318 41.24 -0.66 -39.43
CA SER A 318 40.46 -0.04 -40.49
C SER A 318 39.13 -0.76 -40.72
N GLY A 319 39.06 -2.05 -40.39
CA GLY A 319 37.80 -2.77 -40.53
C GLY A 319 36.69 -2.19 -39.67
N PHE A 320 37.04 -1.61 -38.52
CA PHE A 320 36.06 -0.94 -37.67
C PHE A 320 35.92 0.54 -38.02
N VAL A 321 37.05 1.25 -38.15
CA VAL A 321 37.00 2.69 -38.38
C VAL A 321 36.37 3.00 -39.74
N PHE A 322 36.71 2.22 -40.76
CA PHE A 322 36.28 2.51 -42.12
C PHE A 322 35.21 1.55 -42.62
N LEU A 323 35.49 0.24 -42.61
CA LEU A 323 34.58 -0.72 -43.24
C LEU A 323 33.24 -0.80 -42.50
N ARG A 324 33.23 -0.58 -41.19
CA ARG A 324 32.01 -0.65 -40.41
C ARG A 324 31.45 0.70 -39.99
N LEU A 325 32.27 1.75 -39.97
CA LEU A 325 31.86 3.04 -39.46
C LEU A 325 31.82 4.12 -40.54
N ILE A 326 32.96 4.42 -41.16
CA ILE A 326 33.04 5.58 -42.05
C ILE A 326 32.41 5.27 -43.40
N CYS A 327 32.83 4.19 -44.05
CA CYS A 327 32.32 3.87 -45.38
C CYS A 327 30.81 3.65 -45.44
N PRO A 328 30.16 2.95 -44.50
CA PRO A 328 28.70 2.89 -44.54
C PRO A 328 28.04 4.23 -44.24
N ALA A 329 28.74 5.14 -43.57
CA ALA A 329 28.18 6.46 -43.33
C ALA A 329 28.20 7.32 -44.59
N ILE A 330 29.20 7.12 -45.45
CA ILE A 330 29.19 7.80 -46.75
C ILE A 330 28.09 7.23 -47.62
N LEU A 331 27.91 5.91 -47.60
CA LEU A 331 26.91 5.28 -48.46
C LEU A 331 25.50 5.62 -48.03
N ASN A 332 25.23 5.60 -46.72
CA ASN A 332 23.88 5.77 -46.19
C ASN A 332 23.88 6.89 -45.15
N PRO A 333 24.12 8.14 -45.58
CA PRO A 333 24.28 9.23 -44.61
C PRO A 333 23.02 9.59 -43.85
N ARG A 334 21.86 9.06 -44.22
CA ARG A 334 20.62 9.40 -43.52
C ARG A 334 20.55 8.73 -42.15
N MET A 335 21.02 7.49 -42.05
CA MET A 335 20.92 6.73 -40.81
C MET A 335 21.95 7.14 -39.76
N PHE A 336 22.74 8.17 -40.01
CA PHE A 336 23.79 8.59 -39.08
C PHE A 336 23.59 10.03 -38.62
N ASN A 337 22.39 10.58 -38.81
CA ASN A 337 22.07 11.97 -38.48
C ASN A 337 22.98 12.96 -39.20
N ILE A 338 23.67 12.53 -40.25
CA ILE A 338 24.48 13.45 -41.04
C ILE A 338 23.57 14.39 -41.81
N ILE A 339 22.69 13.85 -42.65
CA ILE A 339 21.75 14.65 -43.41
C ILE A 339 20.40 13.95 -43.40
N SER A 340 19.34 14.74 -43.19
CA SER A 340 17.98 14.20 -43.19
C SER A 340 17.45 14.00 -44.61
N ASP A 341 17.82 14.88 -45.53
CA ASP A 341 17.31 14.81 -46.90
C ASP A 341 18.10 13.79 -47.72
N SER A 342 17.38 13.00 -48.50
CA SER A 342 18.01 11.93 -49.27
C SER A 342 18.88 12.49 -50.37
N PRO A 343 19.99 11.84 -50.71
CA PRO A 343 20.89 12.39 -51.74
C PRO A 343 20.29 12.32 -53.13
N SER A 344 20.81 13.18 -54.00
CA SER A 344 20.42 13.19 -55.40
C SER A 344 21.03 11.98 -56.12
N PRO A 345 20.41 11.55 -57.22
CA PRO A 345 21.01 10.46 -58.02
C PRO A 345 22.45 10.75 -58.44
N ILE A 346 22.76 12.00 -58.79
CA ILE A 346 24.15 12.37 -59.03
C ILE A 346 24.94 12.37 -57.73
N ALA A 347 24.36 12.93 -56.67
CA ALA A 347 25.03 12.93 -55.38
C ALA A 347 25.19 11.50 -54.84
N ALA A 348 24.20 10.65 -55.08
CA ALA A 348 24.31 9.26 -54.65
C ALA A 348 25.40 8.52 -55.42
N ARG A 349 25.52 8.79 -56.73
CA ARG A 349 26.57 8.16 -57.52
C ARG A 349 27.95 8.60 -57.05
N THR A 350 28.12 9.90 -56.81
CA THR A 350 29.40 10.39 -56.32
C THR A 350 29.72 9.81 -54.94
N LEU A 351 28.70 9.69 -54.09
CA LEU A 351 28.91 9.10 -52.77
C LEU A 351 29.35 7.64 -52.88
N ILE A 352 28.76 6.89 -53.80
CA ILE A 352 29.16 5.50 -53.99
C ILE A 352 30.59 5.42 -54.50
N LEU A 353 30.96 6.33 -55.42
CA LEU A 353 32.32 6.33 -55.93
C LEU A 353 33.33 6.73 -54.86
N VAL A 354 32.96 7.70 -54.01
CA VAL A 354 33.84 8.10 -52.92
C VAL A 354 33.99 6.96 -51.92
N ALA A 355 32.88 6.28 -51.60
CA ALA A 355 32.93 5.18 -50.64
C ALA A 355 33.79 4.02 -51.14
N LYS A 356 33.66 3.67 -52.43
CA LYS A 356 34.50 2.64 -53.00
C LYS A 356 35.98 3.00 -52.89
N SER A 357 36.31 4.27 -53.16
CA SER A 357 37.70 4.70 -53.09
C SER A 357 38.22 4.71 -51.66
N VAL A 358 37.41 5.22 -50.73
CA VAL A 358 37.80 5.23 -49.32
C VAL A 358 37.96 3.80 -48.81
N GLN A 359 37.08 2.90 -49.26
CA GLN A 359 37.19 1.50 -48.85
C GLN A 359 38.50 0.89 -49.33
N ASN A 360 38.82 1.05 -50.62
CA ASN A 360 40.04 0.48 -51.15
C ASN A 360 41.28 1.10 -50.51
N LEU A 361 41.24 2.41 -50.24
CA LEU A 361 42.36 3.05 -49.57
C LEU A 361 42.52 2.54 -48.14
N ALA A 362 41.40 2.33 -47.44
CA ALA A 362 41.47 1.79 -46.09
C ALA A 362 41.99 0.35 -46.08
N ASN A 363 41.80 -0.39 -47.18
CA ASN A 363 42.32 -1.73 -47.31
C ASN A 363 43.72 -1.77 -47.88
N LEU A 364 44.34 -0.60 -48.11
CA LEU A 364 45.70 -0.49 -48.64
C LEU A 364 45.84 -1.15 -50.01
N VAL A 365 44.75 -1.19 -50.78
CA VAL A 365 44.75 -1.84 -52.08
C VAL A 365 44.25 -0.86 -53.12
N GLU A 366 44.75 -1.03 -54.35
CA GLU A 366 44.36 -0.24 -55.50
C GLU A 366 43.37 -1.02 -56.35
N PHE A 367 42.56 -0.29 -57.10
CA PHE A 367 41.59 -0.92 -57.99
C PHE A 367 42.32 -1.82 -59.01
N GLY A 368 41.61 -2.84 -59.48
CA GLY A 368 42.22 -3.81 -60.36
C GLY A 368 41.44 -4.08 -61.63
N ALA A 369 41.66 -5.25 -62.23
CA ALA A 369 40.99 -5.61 -63.47
C ALA A 369 39.49 -5.88 -63.29
N LYS A 370 39.02 -6.00 -62.04
CA LYS A 370 37.60 -6.17 -61.79
C LYS A 370 36.84 -4.86 -61.96
N GLU A 371 37.50 -3.73 -61.74
CA GLU A 371 36.92 -2.40 -61.94
C GLU A 371 37.87 -1.56 -62.77
N PRO A 372 37.99 -1.87 -64.07
CA PRO A 372 38.99 -1.19 -64.90
C PRO A 372 38.75 0.29 -65.05
N TYR A 373 37.51 0.75 -64.93
CA TYR A 373 37.19 2.16 -65.09
C TYR A 373 37.62 3.00 -63.91
N MET A 374 37.96 2.39 -62.78
CA MET A 374 38.34 3.11 -61.57
C MET A 374 39.84 3.34 -61.44
N GLU A 375 40.64 2.89 -62.41
CA GLU A 375 42.09 2.99 -62.29
C GLU A 375 42.60 4.42 -62.20
N GLY A 376 41.77 5.42 -62.53
CA GLY A 376 42.19 6.80 -62.38
C GLY A 376 42.37 7.24 -60.95
N VAL A 377 41.71 6.57 -60.00
CA VAL A 377 41.90 6.86 -58.59
C VAL A 377 43.15 6.20 -58.02
N ASN A 378 43.76 5.28 -58.77
CA ASN A 378 44.89 4.53 -58.23
C ASN A 378 46.08 5.40 -57.84
N PRO A 379 46.49 6.42 -58.62
CA PRO A 379 47.58 7.29 -58.12
C PRO A 379 47.27 7.96 -56.80
N PHE A 380 46.03 8.43 -56.60
CA PHE A 380 45.67 9.02 -55.31
C PHE A 380 45.77 7.99 -54.19
N ILE A 381 45.30 6.76 -54.44
CA ILE A 381 45.35 5.72 -53.42
C ILE A 381 46.80 5.36 -53.10
N LYS A 382 47.61 5.17 -54.14
CA LYS A 382 48.99 4.75 -53.94
C LYS A 382 49.78 5.77 -53.13
N SER A 383 49.59 7.06 -53.41
CA SER A 383 50.35 8.09 -52.70
C SER A 383 49.85 8.32 -51.29
N ASN A 384 48.71 7.75 -50.91
CA ASN A 384 48.13 7.98 -49.59
C ASN A 384 48.15 6.75 -48.71
N LYS A 385 48.60 5.60 -49.22
CA LYS A 385 48.56 4.37 -48.43
C LYS A 385 49.39 4.51 -47.16
N HIS A 386 50.59 5.10 -47.26
CA HIS A 386 51.43 5.27 -46.08
C HIS A 386 50.80 6.26 -45.09
N ARG A 387 50.10 7.27 -45.59
CA ARG A 387 49.38 8.18 -44.71
C ARG A 387 48.27 7.44 -43.96
N MET A 388 47.60 6.49 -44.64
CA MET A 388 46.55 5.72 -43.97
C MET A 388 47.14 4.78 -42.91
N ILE A 389 48.28 4.15 -43.21
CA ILE A 389 48.94 3.31 -42.22
C ILE A 389 49.32 4.13 -41.00
N MET A 390 49.92 5.30 -41.22
CA MET A 390 50.33 6.15 -40.11
C MET A 390 49.14 6.70 -39.35
N PHE A 391 48.02 6.97 -40.04
CA PHE A 391 46.83 7.46 -39.36
C PHE A 391 46.27 6.43 -38.39
N LEU A 392 46.26 5.15 -38.79
CA LEU A 392 45.68 4.12 -37.95
C LEU A 392 46.60 3.72 -36.79
N ASP A 393 47.92 3.73 -37.01
CA ASP A 393 48.84 3.40 -35.93
C ASP A 393 48.79 4.46 -34.84
N GLU A 394 48.63 5.73 -35.23
CA GLU A 394 48.51 6.81 -34.25
C GLU A 394 47.14 6.81 -33.57
N LEU A 395 46.12 6.28 -34.25
CA LEU A 395 44.80 6.15 -33.63
C LEU A 395 44.89 5.40 -32.31
N GLY A 396 45.48 4.21 -32.32
CA GLY A 396 45.63 3.43 -31.11
C GLY A 396 46.87 3.77 -30.33
N ASN A 397 47.45 4.95 -30.58
CA ASN A 397 48.67 5.37 -29.90
C ASN A 397 48.33 6.15 -28.63
N VAL A 398 47.53 5.52 -27.77
CA VAL A 398 47.16 6.08 -26.48
C VAL A 398 47.28 4.98 -25.43
N PRO A 399 48.38 4.95 -24.65
CA PRO A 399 48.56 3.97 -23.58
C PRO A 399 48.03 4.47 -22.24
N THR A 405 33.16 13.36 -13.45
CA THR A 405 33.22 11.94 -13.78
C THR A 405 32.90 11.73 -15.27
N GLU A 406 31.94 12.51 -15.78
CA GLU A 406 31.58 12.61 -17.21
C GLU A 406 31.43 11.24 -17.90
N HIS A 407 31.17 10.17 -17.16
CA HIS A 407 31.01 8.86 -17.78
C HIS A 407 29.55 8.48 -17.89
N SER A 408 29.28 7.54 -18.80
CA SER A 408 27.91 7.15 -19.14
C SER A 408 27.41 6.09 -18.17
N ARG A 409 26.33 6.39 -17.47
CA ARG A 409 25.76 5.51 -16.46
C ARG A 409 24.43 4.93 -16.93
N THR A 410 23.93 3.96 -16.15
CA THR A 410 22.69 3.27 -16.46
C THR A 410 21.93 3.04 -15.15
N ASP A 411 20.81 2.33 -15.26
CA ASP A 411 20.06 1.85 -14.10
C ASP A 411 20.66 0.50 -13.73
N LEU A 412 21.64 0.53 -12.81
CA LEU A 412 22.47 -0.64 -12.55
C LEU A 412 21.63 -1.81 -12.02
N SER A 413 20.80 -1.57 -11.00
CA SER A 413 20.01 -2.65 -10.42
C SER A 413 19.08 -3.26 -11.46
N ARG A 414 18.52 -2.44 -12.36
CA ARG A 414 17.63 -2.95 -13.39
C ARG A 414 18.38 -3.86 -14.36
N ASP A 415 19.55 -3.45 -14.81
CA ASP A 415 20.33 -4.26 -15.74
C ASP A 415 20.86 -5.52 -15.06
N LEU A 416 21.27 -5.40 -13.80
CA LEU A 416 21.72 -6.59 -13.07
C LEU A 416 20.57 -7.57 -12.89
N ALA A 417 19.36 -7.06 -12.63
CA ALA A 417 18.19 -7.92 -12.52
C ALA A 417 17.87 -8.59 -13.86
N ALA A 418 18.06 -7.87 -14.96
CA ALA A 418 17.84 -8.47 -16.28
C ALA A 418 18.88 -9.55 -16.56
N LEU A 419 20.13 -9.32 -16.18
CA LEU A 419 21.17 -10.33 -16.36
C LEU A 419 20.88 -11.57 -15.51
N HIS A 420 20.40 -11.36 -14.28
CA HIS A 420 20.07 -12.49 -13.42
C HIS A 420 18.94 -13.33 -14.01
N GLU A 421 17.97 -12.67 -14.66
CA GLU A 421 16.88 -13.39 -15.30
C GLU A 421 17.40 -14.26 -16.45
N ILE A 422 18.42 -13.78 -17.17
CA ILE A 422 19.03 -14.60 -18.21
C ILE A 422 19.75 -15.79 -17.59
N CYS A 423 20.42 -15.57 -16.45
CA CYS A 423 21.07 -16.67 -15.75
C CYS A 423 20.06 -17.73 -15.30
N VAL A 424 18.91 -17.27 -14.80
CA VAL A 424 17.88 -18.21 -14.33
C VAL A 424 17.34 -19.02 -15.49
N ALA A 425 17.02 -18.36 -16.61
CA ALA A 425 16.42 -19.06 -17.75
C ALA A 425 17.41 -20.00 -18.43
N HIS A 426 18.71 -19.76 -18.28
CA HIS A 426 19.74 -20.60 -18.87
C HIS A 426 20.54 -21.36 -17.81
N SER A 427 19.96 -21.55 -16.62
CA SER A 427 20.72 -22.09 -15.50
C SER A 427 21.22 -23.50 -15.79
N ASP A 428 20.40 -24.34 -16.41
CA ASP A 428 20.79 -25.72 -16.64
C ASP A 428 21.90 -25.82 -17.69
N GLU A 429 21.92 -24.94 -18.68
CA GLU A 429 23.01 -24.94 -19.63
C GLU A 429 24.27 -24.33 -19.03
N LEU A 430 24.12 -23.34 -18.15
CA LEU A 430 25.27 -22.86 -17.37
C LEU A 430 25.78 -23.93 -16.43
N ARG A 431 24.90 -24.83 -15.97
CA ARG A 431 25.32 -25.94 -15.13
C ARG A 431 26.18 -26.92 -15.93
N THR A 432 25.75 -27.25 -17.15
CA THR A 432 26.59 -28.03 -18.05
C THR A 432 27.93 -27.35 -18.26
N LEU A 433 27.93 -26.01 -18.32
CA LEU A 433 29.17 -25.27 -18.50
C LEU A 433 30.07 -25.36 -17.27
N SER A 434 29.48 -25.30 -16.08
CA SER A 434 30.28 -25.39 -14.86
C SER A 434 30.86 -26.77 -14.64
N ASN A 435 30.33 -27.80 -15.31
CA ASN A 435 30.83 -29.16 -15.19
C ASN A 435 31.82 -29.52 -16.29
N GLU A 436 32.51 -28.52 -16.83
CA GLU A 436 33.58 -28.73 -17.78
C GLU A 436 34.89 -28.27 -17.17
N ARG A 437 35.98 -28.94 -17.53
CA ARG A 437 37.29 -28.64 -16.96
C ARG A 437 37.82 -27.32 -17.48
N GLY A 438 38.43 -26.55 -16.60
CA GLY A 438 39.02 -25.27 -16.97
C GLY A 438 39.02 -24.32 -15.79
N ALA A 439 39.70 -23.18 -16.00
CA ALA A 439 39.81 -22.16 -14.96
C ALA A 439 38.48 -21.48 -14.67
N GLN A 440 37.54 -21.52 -15.61
CA GLN A 440 36.22 -20.95 -15.43
C GLN A 440 35.33 -21.79 -14.52
N GLN A 441 35.81 -22.95 -14.05
CA GLN A 441 34.92 -23.90 -13.37
C GLN A 441 34.39 -23.34 -12.06
N HIS A 442 35.27 -22.84 -11.20
CA HIS A 442 34.85 -22.42 -9.86
C HIS A 442 33.89 -21.24 -9.91
N VAL A 443 34.19 -20.25 -10.76
CA VAL A 443 33.35 -19.05 -10.80
C VAL A 443 31.97 -19.39 -11.35
N LEU A 444 31.90 -20.32 -12.31
CA LEU A 444 30.59 -20.74 -12.82
C LEU A 444 29.81 -21.49 -11.75
N LYS A 445 30.50 -22.25 -10.89
CA LYS A 445 29.82 -22.84 -9.74
C LYS A 445 29.29 -21.78 -8.80
N LYS A 446 30.11 -20.75 -8.53
CA LYS A 446 29.64 -19.63 -7.70
C LYS A 446 28.47 -18.93 -8.37
N LEU A 447 28.55 -18.70 -9.70
CA LEU A 447 27.46 -18.05 -10.42
C LEU A 447 26.14 -18.79 -10.22
N LEU A 448 26.18 -20.13 -10.26
CA LEU A 448 24.97 -20.92 -10.03
C LEU A 448 24.43 -20.71 -8.62
N ALA A 449 25.33 -20.78 -7.63
CA ALA A 449 24.91 -20.58 -6.25
C ALA A 449 24.35 -19.18 -6.02
N ILE A 450 25.00 -18.16 -6.60
CA ILE A 450 24.51 -16.80 -6.48
C ILE A 450 23.15 -16.65 -7.15
N THR A 451 22.99 -17.29 -8.31
CA THR A 451 21.74 -17.16 -9.07
C THR A 451 20.55 -17.72 -8.28
N GLU A 452 20.72 -18.91 -7.69
CA GLU A 452 19.65 -19.48 -6.89
C GLU A 452 19.39 -18.66 -5.64
N LEU A 453 20.45 -18.15 -5.00
CA LEU A 453 20.27 -17.32 -3.81
C LEU A 453 19.51 -16.04 -4.14
N LEU A 454 19.83 -15.42 -5.28
CA LEU A 454 19.11 -14.21 -5.69
C LEU A 454 17.64 -14.51 -5.95
N GLN A 455 17.35 -15.70 -6.48
CA GLN A 455 15.95 -16.09 -6.70
C GLN A 455 15.22 -16.31 -5.38
N GLN A 456 15.89 -16.95 -4.41
CA GLN A 456 15.28 -17.14 -3.10
C GLN A 456 14.97 -15.80 -2.44
N LYS A 457 15.87 -14.82 -2.61
CA LYS A 457 15.66 -13.52 -1.98
C LYS A 457 14.64 -12.68 -2.72
N GLN A 458 14.57 -12.80 -4.05
CA GLN A 458 13.49 -12.17 -4.80
C GLN A 458 12.13 -12.69 -4.32
N ASN A 459 12.06 -13.99 -4.03
CA ASN A 459 10.82 -14.56 -3.50
C ASN A 459 10.47 -13.93 -2.16
N GLN A 460 11.48 -13.67 -1.32
CA GLN A 460 11.22 -13.07 -0.01
C GLN A 460 10.65 -11.66 -0.14
N TYR A 461 11.21 -10.87 -1.05
CA TYR A 461 10.69 -9.53 -1.29
C TYR A 461 9.25 -9.56 -1.81
N THR A 462 8.95 -10.55 -2.66
CA THR A 462 7.61 -10.67 -3.23
C THR A 462 6.61 -11.16 -2.17
N LYS A 463 7.07 -11.97 -1.21
CA LYS A 463 6.17 -12.50 -0.20
C LYS A 463 5.72 -11.42 0.78
N THR A 464 6.64 -10.51 1.15
CA THR A 464 6.32 -9.43 2.08
C THR A 464 5.81 -8.17 1.39
N ASN A 465 5.25 -8.30 0.19
CA ASN A 465 4.70 -7.18 -0.56
C ASN A 465 5.77 -6.11 -0.82
N LYS B 9 -15.21 4.10 0.28
CA LYS B 9 -14.19 3.50 1.14
C LYS B 9 -13.34 2.49 0.36
N ARG B 10 -12.76 1.54 1.08
CA ARG B 10 -11.92 0.50 0.50
C ARG B 10 -12.52 -0.87 0.78
N LEU B 11 -11.90 -1.89 0.19
CA LEU B 11 -12.40 -3.25 0.34
C LEU B 11 -11.77 -3.93 1.54
N ARG B 12 -12.59 -4.68 2.28
CA ARG B 12 -12.14 -5.43 3.44
C ARG B 12 -11.79 -6.86 3.02
N GLN B 13 -10.64 -7.33 3.46
CA GLN B 13 -10.16 -8.68 3.14
C GLN B 13 -9.90 -9.41 4.45
N VAL B 14 -10.69 -10.44 4.72
CA VAL B 14 -10.61 -11.21 5.96
C VAL B 14 -10.14 -12.61 5.63
N SER B 15 -8.93 -12.95 6.06
CA SER B 15 -8.41 -14.30 5.93
C SER B 15 -8.80 -15.11 7.16
N SER B 16 -9.11 -16.38 6.95
CA SER B 16 -9.50 -17.25 8.04
C SER B 16 -8.95 -18.64 7.80
N LEU B 17 -8.74 -19.38 8.89
CA LEU B 17 -8.16 -20.72 8.84
C LEU B 17 -8.88 -21.59 9.86
N VAL B 18 -9.49 -22.67 9.38
CA VAL B 18 -10.18 -23.64 10.23
C VAL B 18 -9.39 -24.95 10.19
N LEU B 19 -9.09 -25.49 11.37
CA LEU B 19 -8.33 -26.73 11.49
C LEU B 19 -9.16 -27.78 12.20
N HIS B 20 -9.24 -28.97 11.60
CA HIS B 20 -9.81 -30.15 12.23
C HIS B 20 -8.68 -31.14 12.43
N ILE B 21 -8.19 -31.23 13.67
CA ILE B 21 -7.20 -32.24 14.01
C ILE B 21 -7.95 -33.53 14.33
N GLU B 22 -7.84 -34.53 13.47
CA GLU B 22 -8.67 -35.72 13.55
C GLU B 22 -8.02 -36.82 14.40
N GLU B 23 -6.86 -37.32 13.98
CA GLU B 23 -6.25 -38.46 14.65
C GLU B 23 -4.81 -38.60 14.17
N ALA B 24 -4.04 -39.40 14.91
CA ALA B 24 -2.68 -39.76 14.56
C ALA B 24 -2.56 -41.27 14.42
N HIS B 25 -1.57 -41.70 13.64
CA HIS B 25 -1.42 -43.11 13.30
C HIS B 25 0.04 -43.53 13.46
N LYS B 26 0.26 -44.61 14.21
CA LYS B 26 1.58 -45.24 14.36
C LYS B 26 2.60 -44.26 14.95
N LEU B 27 2.22 -43.62 16.05
CA LEU B 27 3.16 -42.80 16.77
C LEU B 27 4.24 -43.66 17.42
N PRO B 28 5.46 -43.16 17.57
CA PRO B 28 6.52 -43.94 18.21
C PRO B 28 6.10 -44.37 19.62
N VAL B 29 6.23 -45.67 19.90
CA VAL B 29 5.64 -46.21 21.11
C VAL B 29 6.44 -45.83 22.35
N LYS B 30 7.75 -45.65 22.23
CA LYS B 30 8.58 -45.36 23.40
C LYS B 30 8.66 -43.87 23.70
N HIS B 31 7.94 -43.03 22.95
CA HIS B 31 7.88 -41.61 23.22
C HIS B 31 6.49 -41.08 23.52
N PHE B 32 5.44 -41.86 23.24
CA PHE B 32 4.06 -41.38 23.33
C PHE B 32 3.22 -42.34 24.16
N THR B 33 2.72 -41.84 25.29
CA THR B 33 1.67 -42.50 26.05
C THR B 33 0.40 -41.68 26.11
N ASN B 34 0.52 -40.35 26.20
CA ASN B 34 -0.63 -39.44 26.20
C ASN B 34 -0.32 -38.30 25.24
N PRO B 35 -0.44 -38.52 23.94
CA PRO B 35 -0.13 -37.46 22.97
C PRO B 35 -1.16 -36.35 22.97
N TYR B 36 -0.68 -35.13 22.79
CA TYR B 36 -1.53 -33.99 22.47
C TYR B 36 -0.79 -33.10 21.47
N CYS B 37 -1.55 -32.24 20.80
CA CYS B 37 -1.03 -31.41 19.73
C CYS B 37 -0.94 -29.96 20.17
N ASN B 38 0.16 -29.30 19.78
CA ASN B 38 0.28 -27.85 19.87
C ASN B 38 0.13 -27.27 18.47
N ILE B 39 -0.72 -26.26 18.33
CA ILE B 39 -0.99 -25.64 17.03
C ILE B 39 -0.26 -24.29 16.99
N TYR B 40 0.46 -24.04 15.90
CA TYR B 40 1.24 -22.83 15.73
C TYR B 40 0.82 -22.10 14.47
N LEU B 41 0.67 -20.79 14.57
CA LEU B 41 0.54 -19.92 13.40
C LEU B 41 1.89 -19.31 13.13
N ASN B 42 2.44 -19.57 11.95
CA ASN B 42 3.87 -19.47 11.70
C ASN B 42 4.60 -20.30 12.74
N SER B 43 5.38 -19.67 13.62
CA SER B 43 6.07 -20.39 14.67
C SER B 43 5.59 -19.96 16.06
N VAL B 44 4.37 -19.45 16.17
CA VAL B 44 3.84 -18.92 17.42
C VAL B 44 2.68 -19.81 17.85
N GLN B 45 2.77 -20.34 19.07
CA GLN B 45 1.73 -21.23 19.58
C GLN B 45 0.43 -20.47 19.79
N VAL B 46 -0.67 -21.05 19.32
CA VAL B 46 -1.98 -20.42 19.41
C VAL B 46 -3.04 -21.30 20.04
N ALA B 47 -2.87 -22.62 20.07
CA ALA B 47 -3.89 -23.52 20.58
C ALA B 47 -3.26 -24.87 20.87
N LYS B 48 -4.01 -25.71 21.59
CA LYS B 48 -3.58 -27.07 21.86
C LYS B 48 -4.80 -27.95 22.06
N THR B 49 -4.62 -29.24 21.82
CA THR B 49 -5.67 -30.24 21.99
C THR B 49 -5.56 -30.91 23.35
N HIS B 50 -6.59 -31.68 23.68
CA HIS B 50 -6.54 -32.50 24.89
C HIS B 50 -5.58 -33.67 24.69
N ALA B 51 -5.21 -34.29 25.80
CA ALA B 51 -4.36 -35.48 25.77
C ALA B 51 -5.23 -36.73 25.66
N ARG B 52 -4.91 -37.59 24.70
CA ARG B 52 -5.59 -38.85 24.51
C ARG B 52 -4.62 -40.00 24.71
N GLU B 53 -5.15 -41.21 24.86
CA GLU B 53 -4.33 -42.36 25.20
C GLU B 53 -3.83 -43.08 23.96
N GLY B 54 -2.65 -43.69 24.10
CA GLY B 54 -2.14 -44.60 23.09
C GLY B 54 -1.31 -43.95 22.00
N GLN B 55 -0.94 -44.77 21.03
CA GLN B 55 -0.17 -44.34 19.87
C GLN B 55 -1.04 -44.06 18.65
N ASN B 56 -2.33 -44.35 18.72
CA ASN B 56 -3.28 -44.06 17.64
C ASN B 56 -4.41 -43.18 18.17
N PRO B 57 -4.10 -42.00 18.69
CA PRO B 57 -5.12 -41.20 19.36
C PRO B 57 -6.07 -40.54 18.36
N VAL B 58 -7.31 -40.37 18.80
CA VAL B 58 -8.33 -39.68 18.02
C VAL B 58 -8.77 -38.47 18.84
N TRP B 59 -8.46 -37.27 18.32
CA TRP B 59 -8.85 -36.04 18.99
C TRP B 59 -10.18 -35.51 18.45
N SER B 60 -10.24 -35.27 17.13
CA SER B 60 -11.42 -34.70 16.47
C SER B 60 -11.80 -33.37 17.10
N GLU B 61 -10.85 -32.43 17.08
CA GLU B 61 -11.03 -31.11 17.64
C GLU B 61 -10.94 -30.06 16.55
N GLU B 62 -11.79 -29.05 16.63
CA GLU B 62 -11.87 -27.99 15.63
C GLU B 62 -11.34 -26.69 16.22
N PHE B 63 -10.59 -25.95 15.40
CA PHE B 63 -10.01 -24.68 15.81
C PHE B 63 -10.27 -23.66 14.71
N VAL B 64 -10.83 -22.51 15.09
CA VAL B 64 -11.15 -21.44 14.17
C VAL B 64 -10.23 -20.26 14.46
N PHE B 65 -9.48 -19.82 13.45
CA PHE B 65 -8.62 -18.64 13.56
C PHE B 65 -9.13 -17.61 12.56
N ASP B 66 -9.85 -16.61 13.07
CA ASP B 66 -10.46 -15.59 12.23
C ASP B 66 -9.55 -14.38 12.09
N ASP B 67 -9.60 -13.78 10.90
CA ASP B 67 -8.86 -12.55 10.60
C ASP B 67 -7.37 -12.72 10.86
N LEU B 68 -6.75 -13.62 10.08
CA LEU B 68 -5.32 -13.85 10.21
C LEU B 68 -4.55 -12.60 9.80
N PRO B 69 -3.50 -12.22 10.53
CA PRO B 69 -2.62 -11.16 10.05
C PRO B 69 -2.02 -11.54 8.72
N PRO B 70 -1.64 -10.54 7.90
CA PRO B 70 -1.22 -10.85 6.52
C PRO B 70 0.12 -11.56 6.42
N ASP B 71 0.85 -11.73 7.52
CA ASP B 71 2.18 -12.33 7.48
C ASP B 71 2.18 -13.80 7.90
N ILE B 72 1.03 -14.43 8.02
CA ILE B 72 0.95 -15.86 8.31
C ILE B 72 0.97 -16.60 6.98
N ASN B 73 2.02 -17.40 6.77
CA ASN B 73 2.18 -18.17 5.56
C ASN B 73 2.01 -19.66 5.78
N ARG B 74 1.78 -20.09 7.02
CA ARG B 74 1.78 -21.51 7.34
C ARG B 74 1.17 -21.72 8.72
N PHE B 75 0.78 -22.96 8.98
CA PHE B 75 0.50 -23.43 10.32
C PHE B 75 1.37 -24.64 10.61
N GLU B 76 1.70 -24.84 11.89
CA GLU B 76 2.54 -25.94 12.32
C GLU B 76 1.88 -26.65 13.50
N ILE B 77 2.08 -27.96 13.56
CA ILE B 77 1.56 -28.79 14.65
C ILE B 77 2.71 -29.59 15.25
N THR B 78 2.89 -29.50 16.56
CA THR B 78 3.87 -30.28 17.29
C THR B 78 3.14 -31.29 18.17
N LEU B 79 3.57 -32.54 18.11
CA LEU B 79 2.97 -33.59 18.94
C LEU B 79 3.80 -33.75 20.20
N SER B 80 3.19 -33.45 21.34
CA SER B 80 3.82 -33.60 22.65
C SER B 80 3.20 -34.78 23.38
N ASN B 81 3.83 -35.17 24.48
CA ASN B 81 3.36 -36.27 25.32
C ASN B 81 3.11 -35.73 26.72
N LYS B 82 1.86 -35.80 27.16
CA LYS B 82 1.52 -35.39 28.52
C LYS B 82 2.08 -36.42 29.50
N THR B 83 3.02 -35.99 30.33
CA THR B 83 3.65 -36.89 31.28
C THR B 83 3.80 -36.18 32.62
N LYS B 84 3.93 -36.99 33.67
CA LYS B 84 4.08 -36.51 35.03
C LYS B 84 5.52 -36.45 35.50
N LYS B 85 6.47 -36.94 34.69
CA LYS B 85 7.86 -36.99 35.10
C LYS B 85 8.53 -35.62 35.03
N SER B 86 8.31 -34.90 33.93
CA SER B 86 9.03 -33.65 33.67
C SER B 86 8.17 -32.77 32.78
N LYS B 87 8.76 -31.68 32.31
CA LYS B 87 8.10 -30.85 31.31
C LYS B 87 7.76 -31.69 30.09
N ASP B 88 6.57 -31.47 29.54
CA ASP B 88 6.09 -32.30 28.44
C ASP B 88 6.99 -32.14 27.22
N PRO B 89 7.53 -33.23 26.68
CA PRO B 89 8.47 -33.12 25.57
C PRO B 89 7.78 -32.95 24.23
N ASP B 90 8.46 -32.22 23.33
CA ASP B 90 8.06 -32.09 21.94
C ASP B 90 8.86 -33.10 21.12
N ILE B 91 8.16 -33.96 20.38
CA ILE B 91 8.83 -35.06 19.69
C ILE B 91 8.67 -34.91 18.18
N LEU B 92 7.43 -34.85 17.71
CA LEU B 92 7.13 -34.83 16.29
C LEU B 92 6.50 -33.50 15.88
N PHE B 93 6.70 -33.13 14.61
CA PHE B 93 6.12 -31.90 14.10
C PHE B 93 5.78 -32.06 12.63
N MET B 94 4.80 -31.27 12.19
CA MET B 94 4.45 -31.14 10.78
C MET B 94 4.29 -29.66 10.47
N ARG B 95 4.39 -29.34 9.19
CA ARG B 95 4.27 -27.98 8.70
C ARG B 95 3.52 -27.97 7.38
N CYS B 96 2.65 -26.99 7.20
CA CYS B 96 1.88 -26.87 5.96
C CYS B 96 1.75 -25.39 5.60
N GLN B 97 2.33 -25.00 4.47
CA GLN B 97 2.21 -23.64 3.99
C GLN B 97 0.82 -23.39 3.39
N LEU B 98 0.26 -22.22 3.71
CA LEU B 98 -1.08 -21.89 3.23
C LEU B 98 -1.15 -21.78 1.71
N SER B 99 -0.01 -21.56 1.04
CA SER B 99 0.01 -21.56 -0.42
C SER B 99 -0.40 -22.91 -1.00
N ARG B 100 -0.27 -23.98 -0.22
CA ARG B 100 -0.68 -25.30 -0.68
C ARG B 100 -2.15 -25.58 -0.45
N LEU B 101 -2.86 -24.70 0.25
CA LEU B 101 -4.27 -24.87 0.54
C LEU B 101 -5.11 -24.07 -0.45
N GLN B 102 -5.93 -24.77 -1.23
CA GLN B 102 -6.83 -24.10 -2.17
C GLN B 102 -7.82 -23.23 -1.40
N LYS B 103 -7.89 -21.95 -1.77
CA LYS B 103 -8.70 -20.99 -1.03
C LYS B 103 -10.17 -21.34 -1.10
N GLY B 104 -10.79 -21.54 0.07
CA GLY B 104 -12.20 -21.83 0.17
C GLY B 104 -12.58 -23.29 0.15
N HIS B 105 -11.67 -24.16 -0.31
CA HIS B 105 -11.97 -25.58 -0.44
C HIS B 105 -11.45 -26.35 0.77
N ALA B 106 -12.30 -27.18 1.35
CA ALA B 106 -11.95 -27.94 2.55
C ALA B 106 -11.10 -29.14 2.16
N THR B 107 -9.85 -29.14 2.60
CA THR B 107 -8.92 -30.23 2.33
C THR B 107 -8.90 -31.21 3.49
N ASP B 108 -8.55 -32.45 3.19
CA ASP B 108 -8.50 -33.51 4.20
C ASP B 108 -7.36 -34.45 3.82
N GLU B 109 -6.26 -34.40 4.57
CA GLU B 109 -5.03 -35.10 4.19
C GLU B 109 -4.33 -35.66 5.42
N TRP B 110 -3.61 -36.75 5.22
CA TRP B 110 -2.71 -37.30 6.22
C TRP B 110 -1.31 -36.75 5.99
N PHE B 111 -0.70 -36.22 7.04
CA PHE B 111 0.61 -35.59 6.96
C PHE B 111 1.67 -36.49 7.56
N LEU B 112 2.73 -36.73 6.78
CA LEU B 112 3.88 -37.46 7.30
C LEU B 112 4.59 -36.60 8.34
N LEU B 113 4.81 -37.16 9.52
CA LEU B 113 5.37 -36.40 10.63
C LEU B 113 6.90 -36.39 10.58
N SER B 114 7.48 -35.25 10.92
CA SER B 114 8.91 -35.11 11.15
C SER B 114 9.17 -35.15 12.64
N SER B 115 10.47 -35.15 13.00
CA SER B 115 10.86 -35.32 14.39
C SER B 115 11.80 -34.22 14.82
N HIS B 116 11.62 -33.74 16.06
CA HIS B 116 12.55 -32.82 16.70
C HIS B 116 13.79 -33.53 17.23
N ILE B 117 13.70 -34.84 17.45
CA ILE B 117 14.78 -35.61 18.07
C ILE B 117 15.06 -36.83 17.21
N PRO B 118 16.26 -37.40 17.32
CA PRO B 118 16.58 -38.60 16.52
C PRO B 118 15.81 -39.81 17.02
N LEU B 119 15.44 -40.68 16.07
CA LEU B 119 14.72 -41.91 16.37
C LEU B 119 15.39 -43.18 15.85
N LYS B 120 16.25 -43.07 14.85
CA LYS B 120 17.12 -44.17 14.41
C LYS B 120 16.31 -45.35 13.87
N GLY B 121 15.43 -45.09 12.91
CA GLY B 121 14.67 -46.12 12.26
C GLY B 121 13.24 -46.27 12.73
N ILE B 122 12.90 -45.67 13.88
CA ILE B 122 11.51 -45.65 14.31
C ILE B 122 10.70 -44.83 13.31
N GLU B 123 9.60 -45.39 12.83
CA GLU B 123 8.74 -44.66 11.92
C GLU B 123 8.08 -43.52 12.68
N PRO B 124 8.08 -42.29 12.13
CA PRO B 124 7.54 -41.16 12.90
C PRO B 124 6.03 -41.17 13.01
N GLY B 125 5.32 -41.70 12.04
CA GLY B 125 3.87 -41.73 12.10
C GLY B 125 3.23 -40.69 11.19
N SER B 126 1.91 -40.58 11.33
CA SER B 126 1.12 -39.71 10.48
C SER B 126 0.09 -38.98 11.32
N LEU B 127 -0.38 -37.84 10.80
CA LEU B 127 -1.39 -37.02 11.45
C LEU B 127 -2.41 -36.57 10.40
N ARG B 128 -3.69 -36.85 10.66
CA ARG B 128 -4.76 -36.50 9.74
C ARG B 128 -5.33 -35.14 10.13
N VAL B 129 -5.28 -34.18 9.21
CA VAL B 129 -5.71 -32.81 9.46
C VAL B 129 -6.65 -32.39 8.33
N ARG B 130 -7.78 -31.80 8.70
CA ARG B 130 -8.68 -31.15 7.76
C ARG B 130 -8.54 -29.65 7.91
N ALA B 131 -8.30 -28.95 6.80
CA ALA B 131 -8.00 -27.53 6.83
C ALA B 131 -8.83 -26.78 5.80
N ARG B 132 -9.22 -25.55 6.15
CA ARG B 132 -9.91 -24.66 5.23
C ARG B 132 -9.29 -23.28 5.39
N TYR B 133 -8.60 -22.82 4.34
CA TYR B 133 -8.04 -21.47 4.30
C TYR B 133 -8.91 -20.65 3.36
N SER B 134 -9.61 -19.66 3.92
CA SER B 134 -10.57 -18.87 3.17
C SER B 134 -10.22 -17.38 3.26
N MET B 135 -10.66 -16.63 2.26
CA MET B 135 -10.40 -15.20 2.19
C MET B 135 -11.68 -14.52 1.72
N GLU B 136 -12.25 -13.68 2.59
CA GLU B 136 -13.53 -13.04 2.32
C GLU B 136 -13.30 -11.61 1.82
N LYS B 137 -13.92 -11.27 0.70
CA LYS B 137 -13.86 -9.92 0.13
C LYS B 137 -15.16 -9.21 0.49
N ILE B 138 -15.06 -8.18 1.32
CA ILE B 138 -16.22 -7.47 1.85
C ILE B 138 -16.15 -6.03 1.40
N MET B 139 -17.13 -5.60 0.62
CA MET B 139 -17.27 -4.21 0.22
C MET B 139 -17.90 -3.40 1.33
N PRO B 140 -17.82 -2.07 1.27
CA PRO B 140 -18.57 -1.25 2.22
C PRO B 140 -20.05 -1.62 2.23
N GLU B 141 -20.68 -1.47 3.40
CA GLU B 141 -22.02 -2.00 3.61
C GLU B 141 -23.03 -1.41 2.64
N GLU B 142 -22.91 -0.12 2.33
CA GLU B 142 -23.89 0.54 1.47
C GLU B 142 -23.89 -0.03 0.06
N GLU B 143 -22.83 -0.71 -0.36
CA GLU B 143 -22.85 -1.36 -1.66
C GLU B 143 -23.88 -2.49 -1.71
N TYR B 144 -24.20 -3.07 -0.55
CA TYR B 144 -25.19 -4.13 -0.45
C TYR B 144 -26.58 -3.61 -0.12
N SER B 145 -26.81 -2.31 -0.29
CA SER B 145 -28.09 -1.71 0.12
C SER B 145 -29.25 -2.28 -0.69
N GLU B 146 -29.15 -2.23 -2.02
CA GLU B 146 -30.20 -2.82 -2.85
C GLU B 146 -30.34 -4.32 -2.60
N PHE B 147 -29.24 -4.99 -2.28
CA PHE B 147 -29.29 -6.42 -1.97
C PHE B 147 -30.02 -6.68 -0.65
N LYS B 148 -29.82 -5.82 0.34
CA LYS B 148 -30.42 -6.04 1.66
C LYS B 148 -31.93 -5.84 1.63
N GLU B 149 -32.39 -4.76 0.99
CA GLU B 149 -33.83 -4.50 0.93
C GLU B 149 -34.56 -5.59 0.18
N LEU B 150 -33.92 -6.20 -0.81
CA LEU B 150 -34.53 -7.31 -1.54
C LEU B 150 -34.58 -8.56 -0.68
N ILE B 151 -33.62 -8.72 0.23
CA ILE B 151 -33.63 -9.89 1.12
C ILE B 151 -34.70 -9.74 2.19
N LEU B 152 -34.88 -8.53 2.72
CA LEU B 152 -35.79 -8.28 3.82
C LEU B 152 -37.19 -7.94 3.37
N GLN B 153 -37.54 -8.18 2.10
CA GLN B 153 -38.90 -7.96 1.65
C GLN B 153 -39.85 -8.89 2.39
N LYS B 154 -41.10 -8.45 2.53
CA LYS B 154 -42.00 -9.08 3.50
C LYS B 154 -42.41 -10.48 3.08
N GLU B 155 -42.45 -10.76 1.77
CA GLU B 155 -42.86 -12.06 1.29
C GLU B 155 -41.72 -13.08 1.29
N LEU B 156 -40.47 -12.64 1.53
CA LEU B 156 -39.32 -13.54 1.66
C LEU B 156 -39.13 -14.42 0.42
N HIS B 157 -39.46 -13.90 -0.76
CA HIS B 157 -39.31 -14.68 -1.98
C HIS B 157 -37.86 -15.11 -2.18
N VAL B 158 -36.92 -14.20 -1.95
CA VAL B 158 -35.51 -14.55 -2.07
C VAL B 158 -35.13 -15.60 -1.02
N VAL B 159 -35.67 -15.46 0.19
CA VAL B 159 -35.40 -16.43 1.25
C VAL B 159 -35.92 -17.81 0.87
N TYR B 160 -37.09 -17.88 0.21
CA TYR B 160 -37.60 -19.16 -0.25
C TYR B 160 -36.70 -19.78 -1.29
N ALA B 161 -36.31 -18.98 -2.30
CA ALA B 161 -35.45 -19.50 -3.35
C ALA B 161 -34.11 -19.96 -2.79
N LEU B 162 -33.55 -19.20 -1.85
CA LEU B 162 -32.30 -19.60 -1.21
C LEU B 162 -32.49 -20.87 -0.38
N SER B 163 -33.67 -21.04 0.23
CA SER B 163 -33.95 -22.26 0.98
C SER B 163 -34.04 -23.46 0.06
N HIS B 164 -34.58 -23.27 -1.14
CA HIS B 164 -34.75 -24.39 -2.06
C HIS B 164 -33.42 -24.84 -2.65
N VAL B 165 -32.51 -23.90 -2.92
CA VAL B 165 -31.29 -24.22 -3.65
C VAL B 165 -30.13 -24.63 -2.75
N CYS B 166 -30.24 -24.42 -1.43
CA CYS B 166 -29.17 -24.74 -0.50
C CYS B 166 -29.47 -26.10 0.13
N GLY B 167 -29.05 -27.16 -0.56
CA GLY B 167 -29.27 -28.51 -0.07
C GLY B 167 -28.33 -28.89 1.05
N GLN B 168 -27.04 -28.68 0.84
CA GLN B 168 -26.01 -29.05 1.80
C GLN B 168 -25.67 -27.94 2.78
N ASP B 169 -26.07 -26.70 2.50
CA ASP B 169 -25.64 -25.55 3.29
C ASP B 169 -26.80 -24.86 3.98
N ARG B 170 -27.84 -25.62 4.35
CA ARG B 170 -28.96 -25.04 5.08
C ARG B 170 -28.52 -24.54 6.46
N THR B 171 -27.54 -25.21 7.07
CA THR B 171 -27.07 -24.78 8.39
C THR B 171 -26.31 -23.46 8.29
N LEU B 172 -25.41 -23.35 7.30
CA LEU B 172 -24.68 -22.10 7.13
C LEU B 172 -25.61 -20.98 6.66
N LEU B 173 -26.55 -21.30 5.76
CA LEU B 173 -27.48 -20.28 5.29
C LEU B 173 -28.38 -19.79 6.42
N ALA B 174 -28.87 -20.70 7.26
CA ALA B 174 -29.71 -20.30 8.38
C ALA B 174 -28.91 -19.46 9.38
N SER B 175 -27.63 -19.79 9.56
CA SER B 175 -26.78 -18.99 10.45
C SER B 175 -26.66 -17.56 9.96
N ILE B 176 -26.47 -17.37 8.65
CA ILE B 176 -26.29 -16.03 8.10
C ILE B 176 -27.62 -15.27 8.11
N LEU B 177 -28.71 -15.93 7.70
CA LEU B 177 -29.99 -15.25 7.64
C LEU B 177 -30.47 -14.83 9.03
N LEU B 178 -30.27 -15.70 10.03
CA LEU B 178 -30.70 -15.36 11.38
C LEU B 178 -29.95 -14.16 11.92
N ARG B 179 -28.65 -14.08 11.66
CA ARG B 179 -27.86 -12.94 12.13
C ARG B 179 -28.29 -11.65 11.44
N ILE B 180 -28.56 -11.71 10.13
CA ILE B 180 -28.96 -10.52 9.39
C ILE B 180 -30.31 -10.01 9.90
N PHE B 181 -31.29 -10.90 9.99
CA PHE B 181 -32.62 -10.48 10.43
C PHE B 181 -32.61 -10.04 11.89
N LEU B 182 -31.82 -10.71 12.73
CA LEU B 182 -31.69 -10.27 14.13
C LEU B 182 -31.04 -8.89 14.21
N HIS B 183 -30.07 -8.63 13.34
CA HIS B 183 -29.42 -7.32 13.32
C HIS B 183 -30.41 -6.22 12.93
N GLU B 184 -31.41 -6.55 12.13
CA GLU B 184 -32.40 -5.59 11.68
C GLU B 184 -33.70 -5.64 12.49
N LYS B 185 -33.69 -6.36 13.62
CA LYS B 185 -34.87 -6.45 14.49
C LYS B 185 -36.09 -7.00 13.75
N LEU B 186 -35.87 -7.96 12.86
CA LEU B 186 -36.94 -8.54 12.06
C LEU B 186 -36.94 -10.06 12.16
N GLU B 187 -36.50 -10.61 13.29
CA GLU B 187 -36.47 -12.06 13.45
C GLU B 187 -37.88 -12.63 13.52
N SER B 188 -38.85 -11.87 14.03
CA SER B 188 -40.23 -12.34 14.06
C SER B 188 -40.76 -12.54 12.64
N LEU B 189 -40.51 -11.56 11.76
CA LEU B 189 -40.97 -11.70 10.38
C LEU B 189 -40.37 -12.92 9.71
N LEU B 190 -39.07 -13.18 9.94
CA LEU B 190 -38.42 -14.31 9.30
C LEU B 190 -38.97 -15.64 9.82
N LEU B 191 -38.96 -15.83 11.15
CA LEU B 191 -39.36 -17.11 11.73
C LEU B 191 -40.84 -17.39 11.50
N CYS B 192 -41.70 -16.40 11.73
CA CYS B 192 -43.14 -16.64 11.65
C CYS B 192 -43.57 -16.87 10.21
N THR B 193 -42.98 -16.16 9.25
CA THR B 193 -43.37 -16.36 7.86
C THR B 193 -42.92 -17.71 7.34
N LEU B 194 -41.67 -18.09 7.64
CA LEU B 194 -41.18 -19.41 7.20
C LEU B 194 -41.96 -20.54 7.84
N ASN B 195 -42.27 -20.40 9.14
CA ASN B 195 -43.08 -21.42 9.81
C ASN B 195 -44.46 -21.51 9.17
N ASP B 196 -45.04 -20.37 8.79
CA ASP B 196 -46.41 -20.37 8.27
C ASP B 196 -46.52 -21.17 6.98
N ARG B 197 -45.52 -21.07 6.10
CA ARG B 197 -45.61 -21.81 4.85
C ARG B 197 -45.16 -23.26 5.00
N GLU B 198 -44.27 -23.53 5.95
CA GLU B 198 -43.96 -24.92 6.26
C GLU B 198 -45.23 -25.65 6.68
N ILE B 199 -46.05 -25.02 7.53
CA ILE B 199 -47.34 -25.60 7.86
C ILE B 199 -48.28 -25.54 6.66
N SER B 200 -48.15 -24.53 5.81
CA SER B 200 -48.99 -24.43 4.62
C SER B 200 -48.69 -25.52 3.60
N MET B 201 -47.50 -26.13 3.67
CA MET B 201 -47.15 -27.22 2.77
C MET B 201 -47.63 -28.58 3.28
N GLU B 202 -47.64 -28.78 4.60
CA GLU B 202 -47.97 -30.06 5.18
C GLU B 202 -49.45 -30.38 4.99
N ASP B 203 -49.79 -31.66 5.07
CA ASP B 203 -51.16 -32.11 4.93
C ASP B 203 -51.70 -32.71 6.23
N ALA B 211 -39.91 -33.53 9.28
CA ALA B 211 -38.67 -33.37 8.54
C ALA B 211 -37.90 -32.13 8.99
N THR B 212 -36.58 -32.26 9.10
CA THR B 212 -35.73 -31.14 9.49
C THR B 212 -35.48 -30.28 8.25
N THR B 213 -36.15 -29.13 8.19
CA THR B 213 -36.07 -28.21 7.08
C THR B 213 -35.43 -26.90 7.54
N LEU B 214 -35.40 -25.91 6.63
CA LEU B 214 -34.80 -24.63 6.99
C LEU B 214 -35.57 -23.95 8.11
N ALA B 215 -36.90 -24.11 8.13
CA ALA B 215 -37.68 -23.58 9.22
C ALA B 215 -37.31 -24.23 10.55
N SER B 216 -37.02 -25.53 10.52
CA SER B 216 -36.67 -26.24 11.74
C SER B 216 -35.28 -25.84 12.22
N THR B 217 -34.32 -25.69 11.29
CA THR B 217 -32.97 -25.32 11.71
C THR B 217 -32.91 -23.88 12.17
N LEU B 218 -33.68 -23.00 11.54
CA LEU B 218 -33.77 -21.62 12.03
C LEU B 218 -34.40 -21.58 13.42
N MET B 219 -35.43 -22.42 13.64
CA MET B 219 -36.03 -22.51 14.97
C MET B 219 -35.03 -23.08 15.98
N GLU B 220 -34.32 -24.13 15.60
CA GLU B 220 -33.36 -24.74 16.52
C GLU B 220 -32.24 -23.76 16.88
N GLN B 221 -31.72 -23.04 15.89
CA GLN B 221 -30.66 -22.06 16.15
C GLN B 221 -31.18 -20.90 16.99
N TYR B 222 -32.37 -20.39 16.67
CA TYR B 222 -32.91 -19.27 17.42
C TYR B 222 -33.21 -19.66 18.87
N MET B 223 -33.66 -20.89 19.09
CA MET B 223 -33.98 -21.31 20.45
C MET B 223 -32.73 -21.52 21.28
N LYS B 224 -31.68 -22.10 20.69
CA LYS B 224 -30.39 -22.18 21.37
C LYS B 224 -29.90 -20.80 21.79
N ALA B 225 -30.14 -19.79 20.95
CA ALA B 225 -29.70 -18.44 21.26
C ALA B 225 -30.59 -17.73 22.27
N THR B 226 -31.85 -18.15 22.43
CA THR B 226 -32.80 -17.39 23.22
C THR B 226 -33.49 -18.16 24.34
N ALA B 227 -33.30 -19.47 24.44
CA ALA B 227 -34.06 -20.27 25.41
C ALA B 227 -33.18 -21.03 26.38
N THR B 228 -31.86 -20.78 26.40
CA THR B 228 -30.98 -21.53 27.30
C THR B 228 -31.19 -21.12 28.75
N GLN B 229 -31.41 -19.82 29.00
CA GLN B 229 -31.68 -19.37 30.37
C GLN B 229 -32.97 -19.97 30.90
N PHE B 230 -33.97 -20.16 30.02
CA PHE B 230 -35.20 -20.83 30.42
C PHE B 230 -34.93 -22.29 30.79
N VAL B 231 -34.08 -22.96 30.01
CA VAL B 231 -33.77 -24.37 30.27
C VAL B 231 -33.05 -24.50 31.61
N HIS B 232 -32.11 -23.59 31.89
CA HIS B 232 -31.36 -23.66 33.14
C HIS B 232 -32.26 -23.39 34.34
N HIS B 233 -33.02 -22.30 34.30
CA HIS B 233 -33.86 -21.91 35.43
C HIS B 233 -35.03 -22.85 35.65
N ALA B 234 -35.24 -23.84 34.78
CA ALA B 234 -36.28 -24.85 34.96
C ALA B 234 -35.74 -26.23 35.25
N LEU B 235 -34.52 -26.53 34.82
CA LEU B 235 -33.99 -27.88 34.86
C LEU B 235 -32.73 -28.04 35.71
N LYS B 236 -31.97 -26.97 35.94
CA LYS B 236 -30.68 -27.09 36.62
C LYS B 236 -30.83 -27.77 37.98
N ASP B 237 -31.59 -27.17 38.89
CA ASP B 237 -31.69 -27.69 40.24
C ASP B 237 -32.26 -29.10 40.26
N SER B 238 -33.19 -29.40 39.36
CA SER B 238 -33.71 -30.76 39.26
C SER B 238 -32.61 -31.73 38.87
N ILE B 239 -31.84 -31.41 37.82
CA ILE B 239 -30.80 -32.30 37.36
C ILE B 239 -29.74 -32.51 38.45
N LEU B 240 -29.29 -31.41 39.06
CA LEU B 240 -28.26 -31.53 40.10
C LEU B 240 -28.74 -32.39 41.26
N LYS B 241 -30.02 -32.29 41.62
CA LYS B 241 -30.53 -33.12 42.70
C LYS B 241 -30.61 -34.59 42.28
N ILE B 242 -30.84 -34.86 40.99
CA ILE B 242 -30.65 -36.23 40.49
C ILE B 242 -29.20 -36.63 40.53
N MET B 243 -28.29 -35.66 40.66
CA MET B 243 -26.88 -35.97 40.58
C MET B 243 -26.31 -36.45 41.90
N GLU B 244 -26.45 -35.63 42.94
CA GLU B 244 -25.93 -36.00 44.22
C GLU B 244 -26.75 -37.09 44.89
N SER B 245 -27.80 -37.57 44.22
CA SER B 245 -28.64 -38.63 44.75
C SER B 245 -28.23 -39.99 44.17
N LYS B 246 -28.45 -41.03 44.96
CA LYS B 246 -28.32 -42.40 44.50
C LYS B 246 -29.56 -43.21 44.83
N GLN B 247 -30.61 -42.57 45.32
CA GLN B 247 -31.90 -43.23 45.50
C GLN B 247 -32.45 -43.66 44.14
N SER B 248 -32.80 -44.93 44.03
CA SER B 248 -33.24 -45.48 42.76
C SER B 248 -34.65 -44.99 42.41
N CYS B 249 -34.93 -44.98 41.11
CA CYS B 249 -36.25 -44.66 40.58
C CYS B 249 -36.79 -45.77 39.68
N GLU B 250 -36.28 -46.99 39.84
CA GLU B 250 -36.61 -48.08 38.93
C GLU B 250 -37.96 -48.69 39.26
N LEU B 251 -38.78 -48.90 38.24
CA LEU B 251 -40.10 -49.50 38.40
C LEU B 251 -40.24 -50.86 37.73
N SER B 252 -39.31 -51.24 36.86
CA SER B 252 -39.39 -52.51 36.15
C SER B 252 -38.92 -53.64 37.07
N PRO B 253 -39.74 -54.68 37.28
CA PRO B 253 -39.31 -55.77 38.17
C PRO B 253 -38.21 -56.63 37.61
N SER B 254 -37.96 -56.55 36.29
CA SER B 254 -36.77 -57.19 35.73
C SER B 254 -35.51 -56.42 36.07
N LYS B 255 -35.64 -55.15 36.45
CA LYS B 255 -34.52 -54.30 36.82
C LYS B 255 -34.54 -53.90 38.29
N LEU B 256 -35.41 -54.51 39.10
CA LEU B 256 -35.49 -54.20 40.52
C LEU B 256 -34.66 -55.16 41.35
N ASN B 259 -35.20 -57.32 47.11
CA ASN B 259 -34.80 -56.56 48.29
C ASN B 259 -35.19 -55.10 48.16
N GLU B 260 -35.49 -54.70 46.94
CA GLU B 260 -35.70 -53.30 46.60
C GLU B 260 -37.19 -53.03 46.43
N ASP B 261 -37.73 -52.19 47.29
CA ASP B 261 -39.15 -51.88 47.24
C ASP B 261 -39.45 -50.97 46.05
N VAL B 262 -40.30 -51.45 45.13
CA VAL B 262 -40.68 -50.65 43.98
C VAL B 262 -41.53 -49.46 44.39
N ASN B 263 -42.21 -49.53 45.53
CA ASN B 263 -43.02 -48.40 45.98
C ASN B 263 -42.13 -47.22 46.38
N THR B 264 -41.02 -47.49 47.08
CA THR B 264 -40.09 -46.42 47.43
C THR B 264 -39.59 -45.70 46.18
N ASN B 265 -39.32 -46.46 45.11
CA ASN B 265 -38.95 -45.82 43.85
C ASN B 265 -40.11 -45.02 43.27
N LEU B 266 -41.34 -45.49 43.47
CA LEU B 266 -42.50 -44.79 42.92
C LEU B 266 -42.71 -43.45 43.60
N THR B 267 -42.66 -43.42 44.94
CA THR B 267 -42.88 -42.16 45.66
C THR B 267 -41.77 -41.16 45.40
N HIS B 268 -40.53 -41.62 45.23
CA HIS B 268 -39.46 -40.72 44.86
C HIS B 268 -39.71 -40.14 43.47
N LEU B 269 -39.75 -41.00 42.45
CA LEU B 269 -39.92 -40.55 41.07
C LEU B 269 -41.02 -39.52 40.93
N LEU B 270 -42.13 -39.71 41.65
CA LEU B 270 -43.21 -38.73 41.62
C LEU B 270 -42.81 -37.43 42.31
N ASN B 271 -41.87 -37.48 43.25
CA ASN B 271 -41.43 -36.26 43.93
C ASN B 271 -40.60 -35.38 43.01
N ILE B 272 -39.65 -35.97 42.27
CA ILE B 272 -38.88 -35.17 41.33
C ILE B 272 -39.79 -34.63 40.23
N LEU B 273 -40.71 -35.46 39.74
CA LEU B 273 -41.59 -35.05 38.66
C LEU B 273 -42.44 -33.85 39.07
N SER B 274 -42.93 -33.86 40.31
CA SER B 274 -43.79 -32.76 40.77
C SER B 274 -43.00 -31.46 40.87
N GLU B 275 -41.80 -31.51 41.46
CA GLU B 275 -41.01 -30.30 41.61
C GLU B 275 -40.46 -29.82 40.27
N LEU B 276 -40.13 -30.74 39.36
CA LEU B 276 -39.54 -30.35 38.09
C LEU B 276 -40.59 -29.72 37.17
N VAL B 277 -41.76 -30.37 37.06
CA VAL B 277 -42.82 -29.83 36.22
C VAL B 277 -43.27 -28.46 36.73
N GLU B 278 -43.35 -28.30 38.05
CA GLU B 278 -43.68 -27.00 38.61
C GLU B 278 -42.61 -25.97 38.30
N LYS B 279 -41.34 -26.40 38.32
CA LYS B 279 -40.25 -25.49 37.98
C LYS B 279 -40.35 -25.03 36.53
N ILE B 280 -40.76 -25.92 35.63
CA ILE B 280 -40.92 -25.55 34.23
C ILE B 280 -42.06 -24.55 34.06
N PHE B 281 -43.18 -24.79 34.74
CA PHE B 281 -44.36 -23.95 34.53
C PHE B 281 -44.11 -22.51 34.99
N MET B 282 -43.36 -22.32 36.06
CA MET B 282 -43.06 -20.98 36.52
C MET B 282 -41.84 -20.36 35.85
N ALA B 283 -40.95 -21.18 35.27
CA ALA B 283 -39.83 -20.64 34.51
C ALA B 283 -40.24 -20.14 33.13
N SER B 284 -41.48 -20.41 32.71
CA SER B 284 -41.99 -19.84 31.47
C SER B 284 -41.92 -18.32 31.47
N GLU B 285 -42.06 -17.72 32.66
CA GLU B 285 -42.04 -16.26 32.79
C GLU B 285 -40.73 -15.66 32.30
N ILE B 286 -39.67 -16.45 32.18
CA ILE B 286 -38.37 -15.93 31.78
C ILE B 286 -38.13 -16.07 30.27
N LEU B 287 -38.91 -16.89 29.59
CA LEU B 287 -38.81 -17.00 28.14
C LEU B 287 -38.94 -15.62 27.50
N PRO B 288 -38.11 -15.29 26.51
CA PRO B 288 -38.15 -13.95 25.94
C PRO B 288 -39.42 -13.74 25.12
N PRO B 289 -39.97 -12.52 25.11
CA PRO B 289 -41.30 -12.32 24.51
C PRO B 289 -41.36 -12.58 23.01
N THR B 290 -40.30 -12.28 22.26
CA THR B 290 -40.35 -12.51 20.81
C THR B 290 -40.48 -13.99 20.49
N LEU B 291 -39.80 -14.85 21.24
CA LEU B 291 -39.99 -16.28 21.08
C LEU B 291 -41.42 -16.69 21.45
N ARG B 292 -41.96 -16.08 22.51
CA ARG B 292 -43.36 -16.31 22.85
C ARG B 292 -44.27 -15.85 21.72
N TYR B 293 -43.94 -14.72 21.10
CA TYR B 293 -44.74 -14.23 19.98
C TYR B 293 -44.67 -15.18 18.79
N ILE B 294 -43.50 -15.80 18.57
CA ILE B 294 -43.34 -16.76 17.49
C ILE B 294 -44.16 -18.02 17.76
N TYR B 295 -44.26 -18.42 19.03
CA TYR B 295 -45.08 -19.58 19.37
C TYR B 295 -46.56 -19.30 19.16
N GLY B 296 -46.99 -18.06 19.41
CA GLY B 296 -48.38 -17.71 19.15
C GLY B 296 -48.70 -17.70 17.66
N CYS B 297 -47.78 -17.19 16.84
CA CYS B 297 -47.97 -17.26 15.40
C CYS B 297 -48.00 -18.71 14.93
N LEU B 298 -47.21 -19.57 15.57
CA LEU B 298 -47.28 -21.00 15.28
C LEU B 298 -48.70 -21.54 15.50
N GLN B 299 -49.35 -21.09 16.57
CA GLN B 299 -50.71 -21.56 16.86
C GLN B 299 -51.70 -20.97 15.87
N LYS B 300 -51.52 -19.71 15.48
CA LYS B 300 -52.42 -19.08 14.53
C LYS B 300 -52.32 -19.75 13.16
N SER B 301 -51.11 -20.06 12.71
CA SER B 301 -50.94 -20.76 11.44
C SER B 301 -51.60 -22.13 11.47
N VAL B 302 -51.41 -22.87 12.57
CA VAL B 302 -52.01 -24.19 12.70
C VAL B 302 -53.52 -24.11 12.67
N GLN B 303 -54.09 -23.10 13.35
CA GLN B 303 -55.53 -22.90 13.32
C GLN B 303 -56.03 -22.52 11.93
N HIS B 304 -55.20 -21.81 11.16
CA HIS B 304 -55.60 -21.41 9.82
C HIS B 304 -55.71 -22.62 8.89
N LYS B 305 -54.84 -23.60 9.06
CA LYS B 305 -54.77 -24.72 8.11
C LYS B 305 -55.69 -25.86 8.50
N TRP B 306 -55.84 -26.12 9.80
CA TRP B 306 -56.75 -27.14 10.31
C TRP B 306 -57.63 -26.50 11.37
N PRO B 307 -58.68 -25.79 10.96
CA PRO B 307 -59.56 -25.12 11.94
C PRO B 307 -60.33 -26.08 12.82
N THR B 308 -60.35 -27.37 12.51
CA THR B 308 -61.08 -28.34 13.32
C THR B 308 -60.21 -29.01 14.36
N ASN B 309 -58.91 -29.12 14.12
CA ASN B 309 -57.99 -29.79 15.04
C ASN B 309 -57.66 -28.84 16.18
N THR B 310 -58.39 -28.96 17.29
CA THR B 310 -58.18 -28.08 18.42
C THR B 310 -57.03 -28.52 19.32
N THR B 311 -56.54 -29.74 19.17
CA THR B 311 -55.32 -30.12 19.88
C THR B 311 -54.06 -29.74 19.13
N MET B 312 -54.16 -29.56 17.80
CA MET B 312 -52.99 -29.21 16.99
C MET B 312 -52.33 -27.91 17.45
N ARG B 313 -53.11 -26.99 18.01
CA ARG B 313 -52.55 -25.73 18.49
C ARG B 313 -51.59 -25.94 19.65
N THR B 314 -51.77 -27.02 20.41
CA THR B 314 -50.87 -27.32 21.51
C THR B 314 -49.75 -28.27 21.10
N ARG B 315 -49.97 -29.09 20.06
CA ARG B 315 -48.92 -30.02 19.63
C ARG B 315 -47.80 -29.30 18.91
N VAL B 316 -48.12 -28.26 18.15
CA VAL B 316 -47.08 -27.56 17.40
C VAL B 316 -46.16 -26.80 18.35
N VAL B 317 -46.66 -26.36 19.49
CA VAL B 317 -45.82 -25.66 20.45
C VAL B 317 -45.05 -26.64 21.32
N SER B 318 -45.70 -27.71 21.78
CA SER B 318 -45.03 -28.68 22.63
C SER B 318 -43.90 -29.39 21.92
N GLY B 319 -44.02 -29.57 20.59
CA GLY B 319 -42.95 -30.19 19.84
C GLY B 319 -41.65 -29.40 19.85
N PHE B 320 -41.72 -28.09 20.08
CA PHE B 320 -40.54 -27.25 20.16
C PHE B 320 -40.08 -27.06 21.59
N VAL B 321 -41.01 -26.74 22.50
CA VAL B 321 -40.63 -26.46 23.88
C VAL B 321 -40.16 -27.74 24.58
N PHE B 322 -40.87 -28.85 24.34
CA PHE B 322 -40.60 -30.09 25.07
C PHE B 322 -39.89 -31.14 24.23
N LEU B 323 -40.43 -31.50 23.07
CA LEU B 323 -39.85 -32.58 22.29
C LEU B 323 -38.49 -32.23 21.71
N ARG B 324 -38.19 -30.94 21.55
CA ARG B 324 -36.92 -30.52 21.00
C ARG B 324 -36.01 -29.79 21.98
N LEU B 325 -36.55 -29.28 23.09
CA LEU B 325 -35.78 -28.45 24.00
C LEU B 325 -35.67 -29.04 25.40
N ILE B 326 -36.79 -29.34 26.05
CA ILE B 326 -36.76 -29.74 27.46
C ILE B 326 -36.41 -31.22 27.59
N CYS B 327 -37.07 -32.08 26.83
CA CYS B 327 -36.84 -33.52 27.00
C CYS B 327 -35.43 -33.94 26.60
N PRO B 328 -34.86 -33.49 25.47
CA PRO B 328 -33.45 -33.81 25.21
C PRO B 328 -32.51 -33.21 26.24
N ALA B 329 -32.91 -32.12 26.89
CA ALA B 329 -32.11 -31.56 27.97
C ALA B 329 -32.04 -32.51 29.16
N ILE B 330 -33.16 -33.16 29.51
CA ILE B 330 -33.14 -34.12 30.62
C ILE B 330 -32.35 -35.36 30.24
N LEU B 331 -32.44 -35.79 28.98
CA LEU B 331 -31.74 -36.98 28.54
C LEU B 331 -30.24 -36.74 28.36
N ASN B 332 -29.86 -35.55 27.94
CA ASN B 332 -28.46 -35.22 27.64
C ASN B 332 -28.13 -33.89 28.31
N PRO B 333 -28.02 -33.88 29.64
CA PRO B 333 -27.85 -32.60 30.34
C PRO B 333 -26.56 -31.87 30.01
N ARG B 334 -25.57 -32.55 29.40
CA ARG B 334 -24.30 -31.90 29.13
C ARG B 334 -24.38 -30.94 27.95
N MET B 335 -25.24 -31.21 26.96
CA MET B 335 -25.31 -30.34 25.79
C MET B 335 -25.85 -28.95 26.11
N PHE B 336 -26.22 -28.67 27.36
CA PHE B 336 -26.79 -27.38 27.72
C PHE B 336 -26.03 -26.71 28.88
N ASN B 337 -24.81 -27.16 29.16
CA ASN B 337 -23.98 -26.66 30.26
C ASN B 337 -24.64 -26.88 31.62
N ILE B 338 -25.71 -27.67 31.68
CA ILE B 338 -26.30 -28.06 32.96
C ILE B 338 -25.29 -28.88 33.76
N ILE B 339 -24.66 -29.85 33.11
CA ILE B 339 -23.63 -30.68 33.74
C ILE B 339 -22.38 -30.63 32.87
N SER B 340 -21.26 -31.05 33.46
CA SER B 340 -20.01 -31.21 32.72
C SER B 340 -19.38 -32.59 32.90
N ASP B 341 -19.91 -33.40 33.81
CA ASP B 341 -19.48 -34.78 34.02
C ASP B 341 -20.71 -35.66 34.05
N SER B 342 -20.64 -36.76 33.26
CA SER B 342 -21.77 -37.67 33.07
C SER B 342 -22.26 -38.20 34.41
N PRO B 343 -23.54 -38.07 34.68
CA PRO B 343 -24.18 -38.70 35.80
C PRO B 343 -23.93 -40.21 35.81
N SER B 344 -24.16 -40.79 37.00
CA SER B 344 -23.91 -42.15 37.34
C SER B 344 -24.88 -43.08 36.62
N PRO B 345 -24.57 -44.38 36.60
CA PRO B 345 -25.52 -45.35 35.99
C PRO B 345 -26.93 -45.25 36.55
N ILE B 346 -27.09 -44.97 37.84
CA ILE B 346 -28.42 -44.91 38.43
C ILE B 346 -29.13 -43.61 38.05
N ALA B 347 -28.44 -42.49 38.19
CA ALA B 347 -29.00 -41.20 37.79
C ALA B 347 -29.35 -41.17 36.31
N ALA B 348 -28.71 -42.01 35.49
CA ALA B 348 -29.04 -42.07 34.07
C ALA B 348 -30.42 -42.67 33.86
N ARG B 349 -30.75 -43.74 34.59
CA ARG B 349 -32.09 -44.31 34.48
C ARG B 349 -33.15 -43.31 34.94
N THR B 350 -32.90 -42.66 36.08
CA THR B 350 -33.83 -41.64 36.56
C THR B 350 -34.01 -40.53 35.53
N LEU B 351 -32.94 -40.16 34.84
CA LEU B 351 -33.06 -39.15 33.77
C LEU B 351 -33.91 -39.68 32.63
N ILE B 352 -33.73 -40.94 32.25
CA ILE B 352 -34.53 -41.52 31.17
C ILE B 352 -35.99 -41.68 31.61
N LEU B 353 -36.21 -42.06 32.87
CA LEU B 353 -37.58 -42.20 33.36
C LEU B 353 -38.26 -40.84 33.48
N VAL B 354 -37.54 -39.83 34.00
CA VAL B 354 -38.12 -38.50 34.12
C VAL B 354 -38.40 -37.93 32.73
N ALA B 355 -37.48 -38.14 31.78
CA ALA B 355 -37.70 -37.68 30.42
C ALA B 355 -38.95 -38.31 29.81
N LYS B 356 -39.13 -39.62 29.99
CA LYS B 356 -40.29 -40.30 29.43
C LYS B 356 -41.58 -39.74 30.01
N SER B 357 -41.60 -39.44 31.31
CA SER B 357 -42.82 -38.98 31.96
C SER B 357 -43.19 -37.57 31.51
N VAL B 358 -42.22 -36.66 31.48
CA VAL B 358 -42.51 -35.30 31.03
C VAL B 358 -42.83 -35.28 29.54
N GLN B 359 -42.27 -36.22 28.78
CA GLN B 359 -42.61 -36.32 27.36
C GLN B 359 -44.05 -36.78 27.16
N ASN B 360 -44.48 -37.75 27.97
CA ASN B 360 -45.87 -38.20 27.89
C ASN B 360 -46.83 -37.13 28.39
N LEU B 361 -46.43 -36.40 29.43
CA LEU B 361 -47.23 -35.27 29.88
C LEU B 361 -47.36 -34.21 28.79
N ALA B 362 -46.24 -33.88 28.14
CA ALA B 362 -46.27 -32.92 27.03
C ALA B 362 -47.11 -33.40 25.85
N ASN B 363 -47.26 -34.71 25.70
CA ASN B 363 -48.07 -35.29 24.63
C ASN B 363 -49.50 -35.58 25.06
N LEU B 364 -49.88 -35.22 26.29
CA LEU B 364 -51.24 -35.38 26.81
C LEU B 364 -51.73 -36.83 26.70
N VAL B 365 -50.82 -37.79 26.83
CA VAL B 365 -51.16 -39.20 26.81
C VAL B 365 -50.53 -39.87 28.01
N GLU B 366 -51.17 -40.92 28.49
CA GLU B 366 -50.70 -41.67 29.65
C GLU B 366 -49.96 -42.93 29.21
N PHE B 367 -49.24 -43.52 30.17
CA PHE B 367 -48.55 -44.77 29.91
C PHE B 367 -49.56 -45.89 29.69
N GLY B 368 -49.31 -46.72 28.68
CA GLY B 368 -50.21 -47.80 28.30
C GLY B 368 -49.68 -49.17 28.66
N ALA B 369 -50.36 -50.19 28.13
CA ALA B 369 -49.97 -51.57 28.36
C ALA B 369 -48.61 -51.89 27.75
N LYS B 370 -48.11 -51.04 26.86
CA LYS B 370 -46.78 -51.23 26.30
C LYS B 370 -45.69 -50.98 27.34
N GLU B 371 -45.96 -50.12 28.32
CA GLU B 371 -45.07 -49.86 29.45
C GLU B 371 -45.88 -50.04 30.73
N PRO B 372 -46.23 -51.28 31.08
CA PRO B 372 -47.24 -51.49 32.15
C PRO B 372 -46.79 -51.05 33.53
N TYR B 373 -45.49 -50.99 33.78
CA TYR B 373 -44.98 -50.73 35.11
C TYR B 373 -44.72 -49.26 35.38
N MET B 374 -44.90 -48.41 34.37
CA MET B 374 -44.96 -46.96 34.57
C MET B 374 -46.36 -46.50 34.92
N GLU B 375 -47.30 -47.44 35.09
CA GLU B 375 -48.70 -47.08 35.33
C GLU B 375 -48.86 -46.26 36.62
N GLY B 376 -47.96 -46.43 37.59
CA GLY B 376 -48.02 -45.64 38.81
C GLY B 376 -47.87 -44.15 38.57
N VAL B 377 -47.26 -43.75 37.45
CA VAL B 377 -47.09 -42.33 37.14
C VAL B 377 -48.34 -41.75 36.47
N ASN B 378 -49.23 -42.61 35.98
CA ASN B 378 -50.42 -42.13 35.26
C ASN B 378 -51.31 -41.20 36.08
N PRO B 379 -51.57 -41.43 37.38
CA PRO B 379 -52.35 -40.45 38.13
C PRO B 379 -51.74 -39.05 38.14
N PHE B 380 -50.42 -38.95 38.29
CA PHE B 380 -49.78 -37.65 38.25
C PHE B 380 -49.96 -36.99 36.88
N ILE B 381 -49.78 -37.76 35.81
CA ILE B 381 -49.87 -37.19 34.47
C ILE B 381 -51.29 -36.72 34.16
N LYS B 382 -52.29 -37.52 34.53
CA LYS B 382 -53.67 -37.20 34.16
C LYS B 382 -54.15 -35.92 34.83
N SER B 383 -53.83 -35.73 36.10
CA SER B 383 -54.25 -34.53 36.81
C SER B 383 -53.49 -33.28 36.34
N ASN B 384 -52.50 -33.42 35.46
CA ASN B 384 -51.72 -32.29 34.96
C ASN B 384 -51.92 -32.03 33.48
N LYS B 385 -52.73 -32.85 32.80
CA LYS B 385 -52.91 -32.70 31.36
C LYS B 385 -53.47 -31.33 31.01
N HIS B 386 -54.50 -30.89 31.74
CA HIS B 386 -55.07 -29.56 31.47
C HIS B 386 -54.10 -28.45 31.82
N ARG B 387 -53.29 -28.63 32.86
CA ARG B 387 -52.25 -27.65 33.17
C ARG B 387 -51.24 -27.55 32.04
N MET B 388 -50.88 -28.70 31.44
CA MET B 388 -49.97 -28.70 30.30
C MET B 388 -50.58 -27.92 29.14
N ILE B 389 -51.87 -28.14 28.87
CA ILE B 389 -52.54 -27.41 27.78
C ILE B 389 -52.55 -25.91 28.08
N MET B 390 -52.95 -25.53 29.30
CA MET B 390 -53.01 -24.12 29.65
C MET B 390 -51.61 -23.51 29.68
N PHE B 391 -50.58 -24.31 29.94
CA PHE B 391 -49.22 -23.81 29.89
C PHE B 391 -48.81 -23.48 28.46
N LEU B 392 -49.16 -24.34 27.51
CA LEU B 392 -48.73 -24.15 26.13
C LEU B 392 -49.51 -23.05 25.42
N ASP B 393 -50.76 -22.80 25.83
CA ASP B 393 -51.55 -21.77 25.17
C ASP B 393 -51.09 -20.38 25.57
N GLU B 394 -50.71 -20.19 26.83
CA GLU B 394 -50.29 -18.87 27.31
C GLU B 394 -48.86 -18.56 26.93
N LEU B 395 -48.03 -19.58 26.65
CA LEU B 395 -46.70 -19.33 26.12
C LEU B 395 -46.77 -18.48 24.86
N GLY B 396 -47.68 -18.83 23.95
CA GLY B 396 -47.86 -18.05 22.75
C GLY B 396 -48.69 -16.79 22.91
N ASN B 397 -49.08 -16.44 24.13
CA ASN B 397 -49.97 -15.30 24.36
C ASN B 397 -49.17 -14.02 24.60
N VAL B 398 -48.39 -13.66 23.60
CA VAL B 398 -47.81 -12.32 23.51
C VAL B 398 -48.14 -11.76 22.14
N PRO B 399 -49.29 -11.12 21.97
CA PRO B 399 -49.68 -10.57 20.66
C PRO B 399 -49.02 -9.25 20.30
N GLU B 400 -47.97 -8.83 21.00
CA GLU B 400 -47.34 -7.53 20.74
C GLU B 400 -45.85 -7.60 21.05
N LEU B 401 -45.05 -6.86 20.25
CA LEU B 401 -43.60 -6.86 20.37
C LEU B 401 -43.14 -5.59 21.08
N PRO B 402 -42.23 -5.71 22.06
CA PRO B 402 -41.99 -4.59 22.99
C PRO B 402 -40.89 -3.61 22.61
N ASP B 403 -39.89 -4.04 21.83
CA ASP B 403 -38.83 -3.15 21.32
C ASP B 403 -37.96 -2.58 22.44
N THR B 404 -37.64 -3.40 23.44
CA THR B 404 -36.80 -2.94 24.55
C THR B 404 -35.34 -2.84 24.12
N HIS B 407 -30.59 -4.95 20.77
CA HIS B 407 -30.78 -6.18 20.01
C HIS B 407 -29.44 -6.86 19.74
N SER B 408 -29.50 -8.04 19.12
CA SER B 408 -28.30 -8.81 18.78
C SER B 408 -27.78 -8.32 17.44
N ARG B 409 -26.61 -7.68 17.46
CA ARG B 409 -25.99 -7.17 16.25
C ARG B 409 -24.98 -8.16 15.69
N THR B 410 -24.56 -7.91 14.46
CA THR B 410 -23.55 -8.72 13.79
C THR B 410 -22.73 -7.82 12.88
N ASP B 411 -21.76 -8.43 12.20
CA ASP B 411 -20.98 -7.75 11.16
C ASP B 411 -21.80 -7.84 9.88
N LEU B 412 -22.63 -6.80 9.65
CA LEU B 412 -23.65 -6.87 8.60
C LEU B 412 -23.03 -6.97 7.22
N SER B 413 -22.00 -6.17 6.94
CA SER B 413 -21.34 -6.24 5.64
C SER B 413 -20.78 -7.62 5.38
N ARG B 414 -20.17 -8.24 6.40
CA ARG B 414 -19.56 -9.56 6.24
C ARG B 414 -20.62 -10.61 5.93
N ASP B 415 -21.77 -10.57 6.62
CA ASP B 415 -22.81 -11.56 6.40
C ASP B 415 -23.51 -11.35 5.07
N LEU B 416 -23.72 -10.09 4.67
CA LEU B 416 -24.32 -9.81 3.37
C LEU B 416 -23.39 -10.26 2.25
N ALA B 417 -22.08 -10.05 2.40
CA ALA B 417 -21.14 -10.52 1.40
C ALA B 417 -21.14 -12.05 1.31
N ALA B 418 -21.33 -12.73 2.43
CA ALA B 418 -21.44 -14.18 2.41
C ALA B 418 -22.72 -14.63 1.73
N LEU B 419 -23.82 -13.92 1.99
CA LEU B 419 -25.08 -14.22 1.31
C LEU B 419 -24.95 -14.03 -0.20
N HIS B 420 -24.26 -12.96 -0.62
CA HIS B 420 -24.04 -12.75 -2.05
C HIS B 420 -23.23 -13.89 -2.65
N GLU B 421 -22.23 -14.39 -1.91
CA GLU B 421 -21.42 -15.50 -2.40
C GLU B 421 -22.26 -16.75 -2.61
N ILE B 422 -23.22 -17.00 -1.71
CA ILE B 422 -24.11 -18.14 -1.89
C ILE B 422 -24.99 -17.95 -3.12
N CYS B 423 -25.50 -16.74 -3.32
CA CYS B 423 -26.28 -16.46 -4.53
C CYS B 423 -25.46 -16.69 -5.79
N VAL B 424 -24.19 -16.31 -5.76
CA VAL B 424 -23.32 -16.55 -6.91
C VAL B 424 -23.14 -18.05 -7.14
N ALA B 425 -22.92 -18.82 -6.07
CA ALA B 425 -22.67 -20.24 -6.21
C ALA B 425 -23.91 -21.02 -6.64
N HIS B 426 -25.10 -20.47 -6.41
CA HIS B 426 -26.35 -21.11 -6.83
C HIS B 426 -27.07 -20.33 -7.91
N SER B 427 -26.33 -19.50 -8.68
CA SER B 427 -26.96 -18.58 -9.61
C SER B 427 -27.70 -19.31 -10.73
N ASP B 428 -27.20 -20.46 -11.15
CA ASP B 428 -27.86 -21.19 -12.24
C ASP B 428 -29.14 -21.86 -11.76
N GLU B 429 -29.13 -22.42 -10.54
CA GLU B 429 -30.35 -22.96 -9.98
C GLU B 429 -31.33 -21.85 -9.62
N LEU B 430 -30.82 -20.70 -9.19
CA LEU B 430 -31.68 -19.54 -8.99
C LEU B 430 -32.30 -19.06 -10.29
N ARG B 431 -31.53 -19.13 -11.39
CA ARG B 431 -32.08 -18.80 -12.71
C ARG B 431 -33.21 -19.74 -13.08
N THR B 432 -33.06 -21.03 -12.77
CA THR B 432 -34.14 -21.98 -13.03
C THR B 432 -35.39 -21.62 -12.24
N LEU B 433 -35.23 -21.24 -10.97
CA LEU B 433 -36.38 -20.85 -10.16
C LEU B 433 -37.01 -19.58 -10.70
N SER B 434 -36.18 -18.62 -11.14
CA SER B 434 -36.68 -17.36 -11.67
C SER B 434 -37.48 -17.52 -12.96
N ASN B 435 -37.42 -18.68 -13.60
CA ASN B 435 -38.13 -18.91 -14.85
C ASN B 435 -39.43 -19.68 -14.65
N GLU B 436 -39.87 -19.85 -13.41
CA GLU B 436 -41.20 -20.35 -13.09
C GLU B 436 -42.11 -19.17 -12.79
N ARG B 437 -43.42 -19.42 -12.88
CA ARG B 437 -44.42 -18.39 -12.70
C ARG B 437 -44.86 -18.28 -11.25
N GLY B 438 -45.26 -17.09 -10.85
CA GLY B 438 -45.71 -16.83 -9.49
C GLY B 438 -45.38 -15.41 -9.08
N ALA B 439 -45.73 -15.09 -7.83
CA ALA B 439 -45.46 -13.75 -7.31
C ALA B 439 -43.98 -13.49 -7.10
N GLN B 440 -43.17 -14.55 -7.00
CA GLN B 440 -41.73 -14.43 -6.76
C GLN B 440 -40.94 -14.18 -8.04
N GLN B 441 -41.59 -14.14 -9.21
CA GLN B 441 -40.87 -14.10 -10.47
C GLN B 441 -40.01 -12.86 -10.60
N HIS B 442 -40.64 -11.67 -10.54
CA HIS B 442 -39.91 -10.43 -10.76
C HIS B 442 -38.79 -10.25 -9.73
N VAL B 443 -39.07 -10.59 -8.47
CA VAL B 443 -38.08 -10.41 -7.41
C VAL B 443 -36.85 -11.29 -7.68
N LEU B 444 -37.07 -12.54 -8.09
CA LEU B 444 -35.95 -13.42 -8.39
C LEU B 444 -35.14 -12.92 -9.58
N LYS B 445 -35.82 -12.37 -10.58
CA LYS B 445 -35.12 -11.75 -11.71
C LYS B 445 -34.23 -10.60 -11.22
N LYS B 446 -34.77 -9.75 -10.35
CA LYS B 446 -33.97 -8.67 -9.77
C LYS B 446 -32.80 -9.23 -8.98
N LEU B 447 -33.03 -10.34 -8.24
CA LEU B 447 -31.96 -10.95 -7.46
C LEU B 447 -30.78 -11.33 -8.34
N LEU B 448 -31.06 -11.92 -9.51
CA LEU B 448 -29.98 -12.31 -10.42
C LEU B 448 -29.22 -11.09 -10.91
N ALA B 449 -29.94 -10.03 -11.31
CA ALA B 449 -29.29 -8.83 -11.83
C ALA B 449 -28.46 -8.14 -10.75
N ILE B 450 -29.00 -8.02 -9.54
CA ILE B 450 -28.24 -7.41 -8.45
C ILE B 450 -27.01 -8.24 -8.14
N THR B 451 -27.15 -9.57 -8.13
CA THR B 451 -26.01 -10.44 -7.88
C THR B 451 -24.90 -10.22 -8.90
N GLU B 452 -25.27 -10.07 -10.18
CA GLU B 452 -24.28 -9.81 -11.22
C GLU B 452 -23.61 -8.46 -11.02
N LEU B 453 -24.40 -7.41 -10.76
CA LEU B 453 -23.84 -6.07 -10.60
C LEU B 453 -22.95 -5.99 -9.37
N LEU B 454 -23.35 -6.64 -8.27
CA LEU B 454 -22.50 -6.68 -7.09
C LEU B 454 -21.18 -7.38 -7.37
N GLN B 455 -21.24 -8.45 -8.19
CA GLN B 455 -20.01 -9.15 -8.55
C GLN B 455 -19.07 -8.27 -9.36
N GLN B 456 -19.62 -7.53 -10.33
CA GLN B 456 -18.80 -6.63 -11.13
C GLN B 456 -18.20 -5.53 -10.29
N LYS B 457 -18.97 -4.98 -9.35
CA LYS B 457 -18.44 -3.94 -8.47
C LYS B 457 -17.38 -4.51 -7.53
N GLN B 458 -17.55 -5.75 -7.10
CA GLN B 458 -16.53 -6.39 -6.27
C GLN B 458 -15.21 -6.49 -7.02
N ASN B 459 -15.26 -6.88 -8.29
CA ASN B 459 -14.04 -6.93 -9.09
C ASN B 459 -13.51 -5.54 -9.39
N GLN B 460 -14.38 -4.54 -9.47
CA GLN B 460 -13.92 -3.16 -9.59
C GLN B 460 -13.13 -2.73 -8.36
N TYR B 461 -13.49 -3.26 -7.19
CA TYR B 461 -12.76 -2.92 -5.96
C TYR B 461 -11.39 -3.60 -5.93
N THR B 462 -11.30 -4.84 -6.40
CA THR B 462 -10.05 -5.58 -6.28
C THR B 462 -9.03 -5.17 -7.34
N LYS B 463 -9.48 -4.77 -8.54
CA LYS B 463 -8.56 -4.36 -9.58
C LYS B 463 -8.05 -2.94 -9.39
N THR B 464 -8.62 -2.19 -8.43
CA THR B 464 -8.08 -0.91 -8.01
C THR B 464 -7.69 -0.91 -6.53
N ASN B 465 -7.70 -2.08 -5.89
CA ASN B 465 -7.34 -2.24 -4.47
C ASN B 465 -8.15 -1.32 -3.57
N LYS C 9 5.92 8.09 -5.13
CA LYS C 9 4.93 7.20 -5.71
C LYS C 9 4.88 7.38 -7.23
N ARG C 10 3.68 7.21 -7.81
CA ARG C 10 3.47 7.43 -9.22
C ARG C 10 2.35 8.44 -9.43
N LEU C 11 2.20 8.88 -10.67
CA LEU C 11 1.22 9.92 -10.99
C LEU C 11 -0.19 9.34 -10.98
N ARG C 12 -1.08 10.00 -10.24
CA ARG C 12 -2.48 9.63 -10.20
C ARG C 12 -3.22 10.35 -11.31
N GLN C 13 -4.07 9.63 -12.04
CA GLN C 13 -4.79 10.17 -13.19
C GLN C 13 -6.28 9.96 -12.96
N VAL C 14 -7.01 11.04 -12.71
CA VAL C 14 -8.45 11.00 -12.47
C VAL C 14 -9.15 11.43 -13.76
N SER C 15 -10.01 10.57 -14.29
CA SER C 15 -10.74 10.84 -15.52
C SER C 15 -12.19 11.15 -15.21
N SER C 16 -12.79 11.99 -16.06
CA SER C 16 -14.20 12.35 -15.91
C SER C 16 -14.81 12.53 -17.29
N LEU C 17 -16.14 12.36 -17.34
CA LEU C 17 -16.89 12.44 -18.59
C LEU C 17 -18.07 13.39 -18.42
N VAL C 18 -18.31 14.21 -19.43
CA VAL C 18 -19.42 15.16 -19.44
C VAL C 18 -20.21 14.92 -20.72
N LEU C 19 -21.51 14.65 -20.59
CA LEU C 19 -22.38 14.34 -21.72
C LEU C 19 -23.45 15.42 -21.83
N HIS C 20 -23.68 15.88 -23.06
CA HIS C 20 -24.78 16.79 -23.38
C HIS C 20 -25.65 16.07 -24.41
N ILE C 21 -26.79 15.55 -23.99
CA ILE C 21 -27.75 14.93 -24.91
C ILE C 21 -28.61 16.06 -25.46
N GLU C 22 -28.33 16.44 -26.71
CA GLU C 22 -28.94 17.63 -27.30
C GLU C 22 -30.30 17.33 -27.93
N GLU C 23 -30.32 16.45 -28.94
CA GLU C 23 -31.57 16.17 -29.64
C GLU C 23 -31.40 14.91 -30.47
N ALA C 24 -32.53 14.39 -30.94
CA ALA C 24 -32.59 13.30 -31.89
C ALA C 24 -33.35 13.76 -33.13
N HIS C 25 -33.27 12.96 -34.19
CA HIS C 25 -33.83 13.38 -35.48
C HIS C 25 -34.33 12.16 -36.25
N LYS C 26 -35.56 12.25 -36.75
CA LYS C 26 -36.12 11.26 -37.67
C LYS C 26 -36.26 9.88 -37.02
N LEU C 27 -36.84 9.86 -35.84
CA LEU C 27 -37.11 8.59 -35.16
C LEU C 27 -38.28 7.88 -35.83
N PRO C 28 -38.28 6.55 -35.82
CA PRO C 28 -39.41 5.80 -36.39
C PRO C 28 -40.71 6.15 -35.69
N VAL C 29 -41.72 6.53 -36.49
CA VAL C 29 -42.99 6.98 -35.93
C VAL C 29 -43.77 5.87 -35.26
N LYS C 30 -43.50 4.60 -35.62
CA LYS C 30 -44.30 3.49 -35.09
C LYS C 30 -43.89 3.09 -33.69
N HIS C 31 -42.67 3.41 -33.25
CA HIS C 31 -42.16 2.96 -31.96
C HIS C 31 -41.85 4.11 -31.01
N PHE C 32 -41.99 5.36 -31.42
CA PHE C 32 -41.55 6.49 -30.61
C PHE C 32 -42.64 7.56 -30.61
N THR C 33 -43.23 7.78 -29.43
CA THR C 33 -44.12 8.89 -29.18
C THR C 33 -43.56 9.84 -28.12
N ASN C 34 -43.09 9.29 -27.00
CA ASN C 34 -42.46 10.07 -25.93
C ASN C 34 -41.07 9.49 -25.66
N PRO C 35 -40.12 9.75 -26.56
CA PRO C 35 -38.80 9.10 -26.44
C PRO C 35 -37.95 9.68 -25.34
N TYR C 36 -37.13 8.82 -24.76
CA TYR C 36 -36.13 9.22 -23.77
C TYR C 36 -34.90 8.35 -23.93
N CYS C 37 -33.77 8.86 -23.46
CA CYS C 37 -32.49 8.19 -23.58
C CYS C 37 -32.10 7.50 -22.28
N ASN C 38 -31.46 6.33 -22.40
CA ASN C 38 -30.76 5.68 -21.30
C ASN C 38 -29.27 5.82 -21.54
N ILE C 39 -28.52 6.19 -20.50
CA ILE C 39 -27.09 6.43 -20.59
C ILE C 39 -26.37 5.29 -19.88
N TYR C 40 -25.40 4.69 -20.55
CA TYR C 40 -24.62 3.59 -20.01
C TYR C 40 -23.14 3.93 -20.02
N LEU C 41 -22.46 3.61 -18.93
CA LEU C 41 -21.00 3.62 -18.89
C LEU C 41 -20.54 2.18 -19.07
N ASN C 42 -19.72 1.96 -20.10
CA ASN C 42 -19.57 0.62 -20.67
C ASN C 42 -20.97 0.10 -20.98
N SER C 43 -21.39 -0.98 -20.32
CA SER C 43 -22.73 -1.52 -20.53
C SER C 43 -23.57 -1.51 -19.27
N VAL C 44 -23.27 -0.61 -18.33
CA VAL C 44 -24.03 -0.47 -17.09
C VAL C 44 -24.76 0.86 -17.12
N GLN C 45 -26.07 0.83 -16.88
CA GLN C 45 -26.88 2.04 -16.94
C GLN C 45 -26.53 2.98 -15.80
N VAL C 46 -26.35 4.26 -16.13
CA VAL C 46 -26.00 5.26 -15.13
C VAL C 46 -26.99 6.42 -15.08
N ALA C 47 -27.79 6.66 -16.11
CA ALA C 47 -28.69 7.82 -16.12
C ALA C 47 -29.74 7.66 -17.20
N LYS C 48 -30.85 8.37 -17.00
CA LYS C 48 -31.86 8.58 -18.04
C LYS C 48 -32.12 10.06 -18.18
N THR C 49 -32.59 10.45 -19.35
CA THR C 49 -33.09 11.79 -19.57
C THR C 49 -34.59 11.83 -19.34
N HIS C 50 -35.12 13.05 -19.18
CA HIS C 50 -36.56 13.20 -19.12
C HIS C 50 -37.19 12.89 -20.48
N ALA C 51 -38.48 12.60 -20.45
CA ALA C 51 -39.20 12.20 -21.66
C ALA C 51 -39.67 13.45 -22.40
N ARG C 52 -39.31 13.57 -23.67
CA ARG C 52 -39.82 14.60 -24.55
C ARG C 52 -40.80 13.96 -25.54
N GLU C 53 -41.44 14.81 -26.35
CA GLU C 53 -42.48 14.38 -27.27
C GLU C 53 -41.98 14.45 -28.71
N GLY C 54 -42.41 13.50 -29.53
CA GLY C 54 -42.21 13.55 -30.96
C GLY C 54 -41.15 12.56 -31.43
N GLN C 55 -40.90 12.61 -32.73
CA GLN C 55 -39.87 11.80 -33.37
C GLN C 55 -38.61 12.62 -33.65
N ASN C 56 -38.61 13.90 -33.31
CA ASN C 56 -37.43 14.75 -33.38
C ASN C 56 -37.26 15.49 -32.07
N PRO C 57 -37.05 14.78 -30.96
CA PRO C 57 -37.10 15.42 -29.65
C PRO C 57 -35.81 16.17 -29.32
N VAL C 58 -35.97 17.20 -28.50
CA VAL C 58 -34.84 17.98 -27.98
C VAL C 58 -34.85 17.86 -26.47
N TRP C 59 -33.77 17.34 -25.91
CA TRP C 59 -33.64 17.20 -24.46
C TRP C 59 -32.80 18.32 -23.84
N SER C 60 -31.59 18.52 -24.34
CA SER C 60 -30.66 19.52 -23.80
C SER C 60 -30.40 19.30 -22.32
N GLU C 61 -29.91 18.10 -22.00
CA GLU C 61 -29.64 17.69 -20.62
C GLU C 61 -28.16 17.35 -20.48
N GLU C 62 -27.60 17.71 -19.32
CA GLU C 62 -26.18 17.51 -19.05
C GLU C 62 -25.98 16.47 -17.96
N PHE C 63 -25.02 15.57 -18.19
CA PHE C 63 -24.65 14.54 -17.23
C PHE C 63 -23.14 14.54 -17.07
N VAL C 64 -22.68 14.67 -15.83
CA VAL C 64 -21.26 14.63 -15.52
C VAL C 64 -20.96 13.36 -14.76
N PHE C 65 -19.88 12.69 -15.13
CA PHE C 65 -19.48 11.40 -14.54
C PHE C 65 -18.03 11.54 -14.07
N ASP C 66 -17.85 11.76 -12.78
CA ASP C 66 -16.54 12.03 -12.21
C ASP C 66 -15.85 10.75 -11.77
N ASP C 67 -14.52 10.73 -11.93
CA ASP C 67 -13.67 9.66 -11.43
C ASP C 67 -14.11 8.29 -11.95
N LEU C 68 -14.06 8.14 -13.26
CA LEU C 68 -14.46 6.88 -13.90
C LEU C 68 -13.50 5.77 -13.50
N PRO C 69 -14.01 4.58 -13.19
CA PRO C 69 -13.13 3.43 -13.02
C PRO C 69 -12.27 3.22 -14.25
N PRO C 70 -11.07 2.67 -14.09
CA PRO C 70 -10.16 2.51 -15.25
C PRO C 70 -10.66 1.51 -16.29
N ASP C 71 -11.53 0.57 -15.93
CA ASP C 71 -12.01 -0.41 -16.89
C ASP C 71 -13.03 0.17 -17.87
N ILE C 72 -13.55 1.37 -17.61
CA ILE C 72 -14.51 2.00 -18.51
C ILE C 72 -13.79 2.48 -19.77
N ASN C 73 -14.28 2.04 -20.93
CA ASN C 73 -13.65 2.39 -22.20
C ASN C 73 -14.60 3.05 -23.19
N ARG C 74 -15.84 3.30 -22.81
CA ARG C 74 -16.84 3.81 -23.75
C ARG C 74 -18.07 4.25 -22.96
N PHE C 75 -18.95 4.96 -23.65
CA PHE C 75 -20.31 5.19 -23.18
C PHE C 75 -21.28 4.78 -24.29
N GLU C 76 -22.46 4.33 -23.86
CA GLU C 76 -23.51 3.93 -24.78
C GLU C 76 -24.80 4.64 -24.40
N ILE C 77 -25.57 5.03 -25.41
CA ILE C 77 -26.88 5.64 -25.20
C ILE C 77 -27.91 4.83 -25.97
N THR C 78 -28.97 4.42 -25.29
CA THR C 78 -30.11 3.79 -25.94
C THR C 78 -31.29 4.75 -25.95
N LEU C 79 -32.22 4.50 -26.86
CA LEU C 79 -33.41 5.31 -27.03
C LEU C 79 -34.64 4.46 -26.75
N SER C 80 -35.49 4.93 -25.84
CA SER C 80 -36.67 4.22 -25.40
C SER C 80 -37.92 5.06 -25.68
N ASN C 81 -39.07 4.51 -25.33
CA ASN C 81 -40.35 5.18 -25.56
C ASN C 81 -41.21 5.05 -24.30
N LYS C 82 -41.59 6.18 -23.72
CA LYS C 82 -42.40 6.20 -22.51
C LYS C 82 -43.85 5.92 -22.84
N THR C 83 -44.42 4.90 -22.19
CA THR C 83 -45.81 4.53 -22.39
C THR C 83 -46.39 4.03 -21.08
N LYS C 84 -47.71 4.02 -21.00
CA LYS C 84 -48.40 3.58 -19.80
C LYS C 84 -49.33 2.40 -20.09
N LYS C 87 -43.35 0.24 -20.74
CA LYS C 87 -41.93 0.45 -20.55
C LYS C 87 -41.24 0.80 -21.88
N ASP C 88 -41.20 -0.19 -22.78
CA ASP C 88 -40.54 -0.06 -24.07
C ASP C 88 -39.11 0.50 -23.96
N PRO C 89 -38.20 -0.21 -23.31
CA PRO C 89 -36.83 0.29 -23.17
C PRO C 89 -35.89 -0.25 -24.25
N ASP C 90 -34.92 0.61 -24.60
CA ASP C 90 -33.76 0.23 -25.40
C ASP C 90 -34.17 -0.26 -26.80
N ILE C 91 -34.86 0.62 -27.53
CA ILE C 91 -35.22 0.30 -28.91
C ILE C 91 -34.05 0.57 -29.85
N LEU C 92 -33.44 1.73 -29.75
CA LEU C 92 -32.30 2.12 -30.56
C LEU C 92 -31.09 2.33 -29.66
N PHE C 93 -29.90 2.38 -30.27
CA PHE C 93 -28.68 2.52 -29.48
C PHE C 93 -27.58 3.13 -30.32
N MET C 94 -26.62 3.73 -29.62
CA MET C 94 -25.35 4.16 -30.22
C MET C 94 -24.24 3.91 -29.20
N ARG C 95 -23.01 3.80 -29.71
CA ARG C 95 -21.84 3.57 -28.88
C ARG C 95 -20.75 4.56 -29.26
N CYS C 96 -19.91 4.89 -28.29
CA CYS C 96 -18.78 5.77 -28.54
C CYS C 96 -17.63 5.40 -27.62
N GLN C 97 -16.57 4.83 -28.19
CA GLN C 97 -15.37 4.55 -27.41
C GLN C 97 -14.73 5.86 -26.95
N LEU C 98 -14.30 5.88 -25.68
CA LEU C 98 -13.69 7.08 -25.12
C LEU C 98 -12.43 7.49 -25.88
N SER C 99 -11.80 6.57 -26.62
CA SER C 99 -10.58 6.88 -27.34
C SER C 99 -10.79 7.88 -28.48
N ARG C 100 -12.03 8.10 -28.91
CA ARG C 100 -12.30 9.13 -29.91
C ARG C 100 -12.29 10.54 -29.32
N LEU C 101 -12.29 10.66 -28.01
CA LEU C 101 -12.31 11.95 -27.32
C LEU C 101 -10.93 12.17 -26.69
N GLN C 102 -10.01 12.74 -27.47
CA GLN C 102 -8.66 13.01 -27.03
C GLN C 102 -8.43 14.51 -26.93
N LYS C 103 -7.22 14.88 -26.49
CA LYS C 103 -6.77 16.25 -26.29
C LYS C 103 -7.57 16.98 -25.21
N GLY C 104 -8.41 16.28 -24.46
CA GLY C 104 -9.35 16.95 -23.56
C GLY C 104 -10.34 17.85 -24.26
N HIS C 105 -10.45 17.75 -25.58
CA HIS C 105 -11.27 18.67 -26.36
C HIS C 105 -12.74 18.26 -26.31
N ALA C 106 -13.62 19.27 -26.38
CA ALA C 106 -15.04 19.03 -26.48
C ALA C 106 -15.43 18.71 -27.91
N THR C 107 -16.46 17.88 -28.07
CA THR C 107 -16.92 17.44 -29.37
C THR C 107 -18.44 17.57 -29.45
N ASP C 108 -18.93 17.95 -30.63
CA ASP C 108 -20.36 18.06 -30.91
C ASP C 108 -20.61 17.29 -32.21
N GLU C 109 -21.36 16.19 -32.10
CA GLU C 109 -21.50 15.27 -33.23
C GLU C 109 -22.90 14.70 -33.29
N TRP C 110 -23.39 14.52 -34.52
CA TRP C 110 -24.58 13.72 -34.79
C TRP C 110 -24.16 12.26 -34.96
N PHE C 111 -24.83 11.36 -34.25
CA PHE C 111 -24.51 9.94 -34.30
C PHE C 111 -25.62 9.16 -34.98
N LEU C 112 -25.27 8.40 -36.02
CA LEU C 112 -26.23 7.53 -36.68
C LEU C 112 -26.63 6.41 -35.72
N LEU C 113 -27.92 6.29 -35.44
CA LEU C 113 -28.41 5.30 -34.51
C LEU C 113 -28.47 3.92 -35.16
N SER C 114 -28.38 2.90 -34.32
CA SER C 114 -28.60 1.52 -34.74
C SER C 114 -29.80 0.96 -33.99
N SER C 115 -30.41 -0.08 -34.56
CA SER C 115 -31.68 -0.59 -34.08
C SER C 115 -31.50 -1.95 -33.42
N HIS C 116 -32.25 -2.16 -32.33
CA HIS C 116 -32.34 -3.47 -31.69
C HIS C 116 -33.54 -4.27 -32.17
N ILE C 117 -34.62 -3.58 -32.53
CA ILE C 117 -35.83 -4.23 -33.05
C ILE C 117 -35.82 -4.10 -34.57
N PRO C 118 -36.43 -5.03 -35.30
CA PRO C 118 -36.46 -4.91 -36.77
C PRO C 118 -37.32 -3.73 -37.20
N LEU C 119 -36.85 -3.03 -38.24
CA LEU C 119 -37.60 -1.93 -38.84
C LEU C 119 -37.96 -2.17 -40.29
N LYS C 120 -37.15 -2.90 -41.04
CA LYS C 120 -37.45 -3.31 -42.41
C LYS C 120 -37.72 -2.11 -43.32
N GLY C 121 -36.71 -1.25 -43.43
CA GLY C 121 -36.76 -0.11 -44.32
C GLY C 121 -36.91 1.23 -43.64
N ILE C 122 -37.37 1.27 -42.40
CA ILE C 122 -37.44 2.52 -41.65
C ILE C 122 -36.05 2.89 -41.19
N GLU C 123 -35.74 4.17 -41.26
CA GLU C 123 -34.43 4.66 -40.83
C GLU C 123 -34.44 4.88 -39.32
N PRO C 124 -33.41 4.42 -38.59
CA PRO C 124 -33.45 4.54 -37.13
C PRO C 124 -33.32 5.97 -36.64
N GLY C 125 -32.69 6.85 -37.40
CA GLY C 125 -32.50 8.23 -37.00
C GLY C 125 -31.10 8.51 -36.51
N SER C 126 -30.94 9.71 -35.96
CA SER C 126 -29.65 10.18 -35.47
C SER C 126 -29.81 10.83 -34.10
N LEU C 127 -28.69 10.91 -33.38
CA LEU C 127 -28.68 11.47 -32.03
C LEU C 127 -27.49 12.42 -31.90
N ARG C 128 -27.76 13.66 -31.50
CA ARG C 128 -26.73 14.67 -31.35
C ARG C 128 -26.27 14.70 -29.89
N VAL C 129 -24.97 14.47 -29.69
CA VAL C 129 -24.39 14.40 -28.35
C VAL C 129 -23.15 15.28 -28.30
N ARG C 130 -22.98 15.99 -27.18
CA ARG C 130 -21.75 16.70 -26.88
C ARG C 130 -21.04 15.99 -25.74
N ALA C 131 -19.75 15.68 -25.94
CA ALA C 131 -18.99 14.89 -24.99
C ALA C 131 -17.65 15.53 -24.72
N ARG C 132 -17.21 15.47 -23.45
CA ARG C 132 -15.92 15.98 -23.03
C ARG C 132 -15.28 14.94 -22.12
N TYR C 133 -14.21 14.31 -22.59
CA TYR C 133 -13.46 13.32 -21.81
C TYR C 133 -12.25 14.03 -21.21
N SER C 134 -12.35 14.38 -19.93
CA SER C 134 -11.27 15.07 -19.24
C SER C 134 -10.36 14.08 -18.53
N MET C 135 -9.07 14.42 -18.50
CA MET C 135 -8.05 13.59 -17.89
C MET C 135 -7.17 14.48 -17.01
N GLU C 136 -7.31 14.36 -15.70
CA GLU C 136 -6.55 15.16 -14.76
C GLU C 136 -5.29 14.40 -14.33
N LYS C 137 -4.13 14.95 -14.66
CA LYS C 137 -2.86 14.37 -14.26
C LYS C 137 -2.40 15.06 -12.98
N ILE C 138 -2.46 14.33 -11.87
CA ILE C 138 -2.18 14.88 -10.54
C ILE C 138 -0.97 14.17 -9.96
N MET C 139 0.02 14.94 -9.54
CA MET C 139 1.27 14.41 -9.04
C MET C 139 1.16 14.09 -7.56
N PRO C 140 2.12 13.32 -7.02
CA PRO C 140 2.16 13.11 -5.56
C PRO C 140 2.08 14.44 -4.81
N GLU C 141 1.44 14.41 -3.64
CA GLU C 141 1.11 15.64 -2.92
C GLU C 141 2.35 16.46 -2.60
N GLU C 142 3.46 15.80 -2.26
CA GLU C 142 4.65 16.54 -1.85
C GLU C 142 5.20 17.40 -2.97
N GLU C 143 4.94 17.04 -4.23
CA GLU C 143 5.39 17.86 -5.34
C GLU C 143 4.78 19.25 -5.32
N TYR C 144 3.61 19.42 -4.69
CA TYR C 144 2.93 20.71 -4.61
C TYR C 144 3.21 21.45 -3.31
N SER C 145 4.20 21.01 -2.53
CA SER C 145 4.38 21.54 -1.17
C SER C 145 4.69 23.04 -1.19
N GLU C 146 5.71 23.44 -1.95
CA GLU C 146 6.02 24.86 -2.07
C GLU C 146 4.83 25.62 -2.64
N PHE C 147 4.17 25.04 -3.65
CA PHE C 147 2.98 25.65 -4.21
C PHE C 147 1.91 25.86 -3.14
N LYS C 148 1.65 24.84 -2.34
CA LYS C 148 0.66 24.96 -1.27
C LYS C 148 1.06 26.04 -0.26
N GLU C 149 2.34 26.08 0.12
CA GLU C 149 2.80 27.09 1.06
C GLU C 149 2.62 28.50 0.49
N LEU C 150 2.81 28.66 -0.82
CA LEU C 150 2.66 29.98 -1.44
C LEU C 150 1.20 30.43 -1.45
N ILE C 151 0.25 29.49 -1.61
CA ILE C 151 -1.15 29.87 -1.70
C ILE C 151 -1.70 30.31 -0.34
N LEU C 152 -1.27 29.64 0.73
CA LEU C 152 -1.81 29.86 2.06
C LEU C 152 -1.17 31.03 2.80
N GLN C 153 -0.37 31.85 2.11
CA GLN C 153 0.28 32.97 2.78
C GLN C 153 -0.74 34.03 3.19
N LYS C 154 -0.53 34.58 4.39
CA LYS C 154 -1.52 35.44 5.03
C LYS C 154 -1.90 36.63 4.17
N GLU C 155 -0.98 37.12 3.34
CA GLU C 155 -1.25 38.27 2.50
C GLU C 155 -2.12 37.92 1.29
N LEU C 156 -2.26 36.63 0.97
CA LEU C 156 -3.17 36.16 -0.08
C LEU C 156 -2.82 36.76 -1.45
N HIS C 157 -1.55 37.07 -1.67
CA HIS C 157 -1.15 37.74 -2.90
C HIS C 157 -1.43 36.88 -4.13
N VAL C 158 -1.26 35.56 -4.00
CA VAL C 158 -1.58 34.68 -5.12
C VAL C 158 -3.09 34.70 -5.41
N VAL C 159 -3.90 34.75 -4.35
CA VAL C 159 -5.35 34.77 -4.52
C VAL C 159 -5.80 36.02 -5.26
N TYR C 160 -5.25 37.19 -4.88
CA TYR C 160 -5.62 38.44 -5.54
C TYR C 160 -5.19 38.43 -7.00
N ALA C 161 -3.98 37.93 -7.28
CA ALA C 161 -3.51 37.87 -8.66
C ALA C 161 -4.37 36.94 -9.50
N LEU C 162 -4.76 35.80 -8.94
CA LEU C 162 -5.64 34.88 -9.67
C LEU C 162 -7.03 35.47 -9.87
N SER C 163 -7.51 36.27 -8.91
CA SER C 163 -8.79 36.95 -9.08
C SER C 163 -8.75 37.95 -10.24
N HIS C 164 -7.60 38.58 -10.47
CA HIS C 164 -7.48 39.54 -11.56
C HIS C 164 -7.41 38.83 -12.91
N VAL C 165 -6.52 37.85 -13.06
CA VAL C 165 -6.28 37.24 -14.37
C VAL C 165 -7.50 36.43 -14.80
N CYS C 166 -8.15 35.74 -13.86
CA CYS C 166 -9.41 35.05 -14.14
C CYS C 166 -10.52 36.10 -14.10
N GLY C 167 -10.91 36.58 -15.27
CA GLY C 167 -11.70 37.79 -15.41
C GLY C 167 -13.11 37.75 -14.84
N GLN C 168 -13.96 36.89 -15.39
CA GLN C 168 -15.35 36.81 -14.97
C GLN C 168 -15.73 35.35 -14.81
N ASP C 169 -16.75 35.10 -13.98
CA ASP C 169 -17.18 33.76 -13.61
C ASP C 169 -16.03 32.98 -12.96
N ARG C 170 -15.65 33.46 -11.79
CA ARG C 170 -14.65 32.82 -10.94
C ARG C 170 -15.24 31.70 -10.10
N THR C 171 -16.44 31.22 -10.44
CA THR C 171 -17.07 30.15 -9.68
C THR C 171 -16.16 28.93 -9.57
N LEU C 172 -15.51 28.57 -10.67
CA LEU C 172 -14.54 27.47 -10.60
C LEU C 172 -13.34 27.86 -9.75
N LEU C 173 -12.78 29.05 -9.99
CA LEU C 173 -11.66 29.53 -9.18
C LEU C 173 -12.04 29.59 -7.70
N ALA C 174 -13.23 30.09 -7.39
CA ALA C 174 -13.68 30.14 -6.01
C ALA C 174 -13.84 28.74 -5.42
N SER C 175 -14.34 27.80 -6.23
CA SER C 175 -14.57 26.44 -5.73
C SER C 175 -13.25 25.76 -5.34
N ILE C 176 -12.22 25.91 -6.17
CA ILE C 176 -10.94 25.27 -5.88
C ILE C 176 -10.28 25.91 -4.66
N LEU C 177 -10.30 27.25 -4.59
CA LEU C 177 -9.71 27.95 -3.46
C LEU C 177 -10.46 27.65 -2.17
N LEU C 178 -11.79 27.59 -2.24
CA LEU C 178 -12.58 27.25 -1.05
C LEU C 178 -12.22 25.87 -0.52
N ARG C 179 -12.07 24.90 -1.43
CA ARG C 179 -11.76 23.54 -1.00
C ARG C 179 -10.33 23.43 -0.45
N ILE C 180 -9.38 24.15 -1.06
CA ILE C 180 -8.00 24.11 -0.60
C ILE C 180 -7.90 24.62 0.84
N PHE C 181 -8.50 25.78 1.11
CA PHE C 181 -8.44 26.36 2.45
C PHE C 181 -9.30 25.58 3.43
N LEU C 182 -10.44 25.04 2.98
CA LEU C 182 -11.25 24.20 3.85
C LEU C 182 -10.46 23.00 4.35
N HIS C 183 -9.71 22.35 3.45
CA HIS C 183 -8.93 21.18 3.83
C HIS C 183 -7.88 21.51 4.88
N GLU C 184 -7.34 22.73 4.85
CA GLU C 184 -6.31 23.16 5.79
C GLU C 184 -6.89 23.85 7.02
N LYS C 185 -8.21 23.87 7.17
CA LYS C 185 -8.88 24.52 8.30
C LYS C 185 -8.55 26.00 8.36
N LEU C 186 -8.40 26.64 7.20
CA LEU C 186 -8.10 28.06 7.11
C LEU C 186 -9.14 28.81 6.29
N GLU C 187 -10.33 28.24 6.13
CA GLU C 187 -11.39 28.91 5.37
C GLU C 187 -11.73 30.26 6.00
N SER C 188 -11.54 30.41 7.31
CA SER C 188 -11.75 31.70 7.95
C SER C 188 -10.72 32.72 7.49
N LEU C 189 -9.46 32.29 7.33
CA LEU C 189 -8.44 33.21 6.83
C LEU C 189 -8.81 33.75 5.45
N LEU C 190 -9.22 32.87 4.54
CA LEU C 190 -9.57 33.28 3.18
C LEU C 190 -10.74 34.27 3.19
N LEU C 191 -11.86 33.86 3.81
CA LEU C 191 -13.08 34.66 3.73
C LEU C 191 -12.94 35.98 4.46
N CYS C 192 -12.40 35.96 5.68
CA CYS C 192 -12.29 37.18 6.47
C CYS C 192 -11.33 38.17 5.83
N THR C 193 -10.20 37.70 5.32
CA THR C 193 -9.24 38.61 4.70
C THR C 193 -9.81 39.25 3.44
N LEU C 194 -10.48 38.45 2.59
CA LEU C 194 -11.04 39.00 1.37
C LEU C 194 -12.18 39.96 1.67
N ASN C 195 -13.03 39.61 2.64
CA ASN C 195 -14.11 40.53 3.02
C ASN C 195 -13.56 41.82 3.61
N ASP C 196 -12.45 41.72 4.36
CA ASP C 196 -11.82 42.93 4.90
C ASP C 196 -11.19 43.75 3.80
N ARG C 197 -10.56 43.10 2.82
CA ARG C 197 -10.00 43.81 1.67
C ARG C 197 -11.09 44.57 0.93
N GLU C 198 -12.18 43.88 0.62
CA GLU C 198 -13.31 44.51 -0.06
C GLU C 198 -13.84 45.70 0.75
N ILE C 199 -14.00 45.53 2.06
CA ILE C 199 -14.50 46.62 2.89
C ILE C 199 -13.47 47.75 2.95
N SER C 200 -12.18 47.41 3.00
CA SER C 200 -11.15 48.44 3.07
C SER C 200 -11.15 49.30 1.81
N MET C 201 -11.37 48.68 0.65
CA MET C 201 -11.40 49.43 -0.60
C MET C 201 -12.53 50.45 -0.61
N GLU C 202 -13.74 50.01 -0.28
CA GLU C 202 -14.90 50.89 -0.36
C GLU C 202 -14.78 52.00 0.67
N ASP C 203 -14.80 53.24 0.20
CA ASP C 203 -15.06 54.37 1.07
C ASP C 203 -16.55 54.65 1.20
N GLU C 204 -17.36 54.05 0.34
CA GLU C 204 -18.82 54.14 0.41
C GLU C 204 -19.32 52.86 1.06
N ALA C 205 -19.67 52.95 2.35
CA ALA C 205 -20.25 51.81 3.05
C ALA C 205 -21.60 51.39 2.46
N THR C 206 -22.17 52.19 1.58
CA THR C 206 -23.45 51.88 0.95
C THR C 206 -23.32 50.89 -0.21
N THR C 207 -22.10 50.55 -0.62
CA THR C 207 -21.87 49.68 -1.77
C THR C 207 -21.11 48.41 -1.38
N LEU C 208 -21.32 47.93 -0.15
CA LEU C 208 -20.54 46.81 0.35
C LEU C 208 -21.06 45.50 -0.25
N PHE C 209 -20.19 44.83 -1.00
CA PHE C 209 -20.48 43.53 -1.62
C PHE C 209 -21.70 43.57 -2.54
N ARG C 210 -22.05 44.77 -3.04
CA ARG C 210 -23.20 44.86 -3.94
C ARG C 210 -22.89 44.26 -5.30
N ALA C 211 -21.63 44.28 -5.72
CA ALA C 211 -21.22 43.69 -6.97
C ALA C 211 -20.76 42.24 -6.75
N THR C 212 -20.65 41.50 -7.85
CA THR C 212 -20.21 40.11 -7.80
C THR C 212 -18.67 40.11 -7.84
N THR C 213 -18.06 39.96 -6.68
CA THR C 213 -16.62 39.89 -6.53
C THR C 213 -16.22 38.45 -6.21
N LEU C 214 -14.91 38.22 -6.13
CA LEU C 214 -14.42 36.92 -5.69
C LEU C 214 -14.81 36.66 -4.23
N ALA C 215 -14.82 37.72 -3.41
CA ALA C 215 -15.23 37.58 -2.02
C ALA C 215 -16.70 37.21 -1.92
N SER C 216 -17.54 37.83 -2.74
CA SER C 216 -18.97 37.52 -2.70
C SER C 216 -19.25 36.12 -3.22
N THR C 217 -18.53 35.69 -4.26
CA THR C 217 -18.71 34.35 -4.78
C THR C 217 -18.28 33.29 -3.77
N LEU C 218 -17.12 33.50 -3.12
CA LEU C 218 -16.67 32.57 -2.11
C LEU C 218 -17.64 32.54 -0.93
N MET C 219 -18.19 33.69 -0.56
CA MET C 219 -19.18 33.73 0.52
C MET C 219 -20.42 32.93 0.17
N GLU C 220 -20.92 33.10 -1.06
CA GLU C 220 -22.10 32.36 -1.49
C GLU C 220 -21.85 30.85 -1.52
N GLN C 221 -20.67 30.44 -2.00
CA GLN C 221 -20.38 29.01 -2.09
C GLN C 221 -20.11 28.40 -0.72
N TYR C 222 -19.54 29.17 0.21
CA TYR C 222 -19.35 28.66 1.56
C TYR C 222 -20.69 28.51 2.28
N MET C 223 -21.58 29.49 2.14
CA MET C 223 -22.90 29.36 2.75
C MET C 223 -23.70 28.24 2.12
N LYS C 224 -23.49 27.97 0.82
CA LYS C 224 -24.12 26.83 0.18
C LYS C 224 -23.69 25.52 0.83
N ALA C 225 -22.49 25.48 1.41
CA ALA C 225 -22.02 24.28 2.07
C ALA C 225 -22.43 24.19 3.53
N THR C 226 -22.56 25.33 4.21
CA THR C 226 -22.76 25.36 5.64
C THR C 226 -24.16 25.75 6.08
N ALA C 227 -24.92 26.47 5.25
CA ALA C 227 -26.17 27.07 5.70
C ALA C 227 -27.41 26.40 5.12
N THR C 228 -27.27 25.32 4.33
CA THR C 228 -28.45 24.70 3.73
C THR C 228 -29.42 24.18 4.79
N GLN C 229 -28.88 23.63 5.88
CA GLN C 229 -29.71 23.03 6.92
C GLN C 229 -30.48 24.08 7.71
N PHE C 230 -29.89 25.27 7.88
CA PHE C 230 -30.55 26.33 8.62
C PHE C 230 -31.76 26.87 7.87
N VAL C 231 -31.62 27.11 6.56
CA VAL C 231 -32.69 27.68 5.77
C VAL C 231 -33.91 26.77 5.76
N HIS C 232 -33.69 25.45 5.83
CA HIS C 232 -34.81 24.52 5.82
C HIS C 232 -35.64 24.64 7.10
N HIS C 233 -34.98 24.51 8.25
CA HIS C 233 -35.69 24.57 9.52
C HIS C 233 -36.37 25.92 9.73
N ALA C 234 -36.01 26.93 8.94
CA ALA C 234 -36.62 28.25 9.03
C ALA C 234 -37.76 28.47 8.05
N LEU C 235 -37.72 27.88 6.85
CA LEU C 235 -38.76 28.13 5.85
C LEU C 235 -39.64 26.95 5.52
N LYS C 236 -39.23 25.72 5.84
CA LYS C 236 -39.98 24.55 5.41
C LYS C 236 -41.45 24.65 5.81
N ASP C 237 -41.72 24.76 7.11
CA ASP C 237 -43.10 24.81 7.58
C ASP C 237 -43.82 26.05 7.06
N SER C 238 -43.11 27.17 6.94
CA SER C 238 -43.73 28.37 6.40
C SER C 238 -44.18 28.17 4.96
N ILE C 239 -43.34 27.50 4.16
CA ILE C 239 -43.68 27.29 2.75
C ILE C 239 -44.86 26.33 2.61
N LEU C 240 -44.91 25.28 3.45
CA LEU C 240 -46.04 24.36 3.40
C LEU C 240 -47.35 25.10 3.69
N LYS C 241 -47.32 26.03 4.65
CA LYS C 241 -48.53 26.75 5.01
C LYS C 241 -48.90 27.80 3.97
N ILE C 242 -47.92 28.29 3.20
CA ILE C 242 -48.21 29.17 2.07
C ILE C 242 -48.88 28.38 0.96
N MET C 243 -48.38 27.18 0.67
CA MET C 243 -49.00 26.34 -0.36
C MET C 243 -50.39 25.90 0.06
N GLU C 244 -50.68 25.82 1.36
CA GLU C 244 -52.02 25.49 1.82
C GLU C 244 -52.96 26.68 1.65
N SER C 245 -52.52 27.87 2.05
CA SER C 245 -53.35 29.06 1.90
C SER C 245 -53.62 29.35 0.43
N LYS C 246 -54.67 30.14 0.17
CA LYS C 246 -55.13 30.40 -1.18
C LYS C 246 -55.53 31.87 -1.31
N GLN C 247 -54.54 32.73 -1.57
CA GLN C 247 -54.78 34.16 -1.73
C GLN C 247 -54.08 34.69 -2.98
N ASN C 259 -63.68 42.41 -6.82
CA ASN C 259 -62.31 41.91 -6.84
C ASN C 259 -61.44 42.74 -5.88
N GLU C 260 -61.70 42.61 -4.58
CA GLU C 260 -61.02 43.42 -3.59
C GLU C 260 -60.47 42.56 -2.45
N ASP C 261 -61.22 42.43 -1.37
CA ASP C 261 -60.79 41.69 -0.17
C ASP C 261 -59.44 42.21 0.32
N VAL C 262 -59.30 43.54 0.37
CA VAL C 262 -58.00 44.14 0.58
C VAL C 262 -57.60 44.07 2.06
N ASN C 263 -58.45 44.57 2.95
CA ASN C 263 -58.10 44.61 4.37
C ASN C 263 -57.79 43.23 4.92
N THR C 264 -58.61 42.23 4.58
CA THR C 264 -58.45 40.89 5.15
C THR C 264 -57.18 40.22 4.64
N ASN C 265 -56.84 40.42 3.37
CA ASN C 265 -55.65 39.78 2.80
C ASN C 265 -54.39 40.24 3.51
N LEU C 266 -54.32 41.51 3.90
CA LEU C 266 -53.14 42.03 4.58
C LEU C 266 -52.98 41.39 5.96
N THR C 267 -54.08 41.25 6.71
CA THR C 267 -54.02 40.64 8.03
C THR C 267 -53.51 39.21 7.94
N HIS C 268 -53.95 38.46 6.94
CA HIS C 268 -53.41 37.12 6.70
C HIS C 268 -51.90 37.20 6.49
N LEU C 269 -51.47 37.97 5.48
CA LEU C 269 -50.05 38.10 5.19
C LEU C 269 -49.23 38.43 6.43
N LEU C 270 -49.76 39.30 7.29
CA LEU C 270 -49.06 39.62 8.54
C LEU C 270 -48.94 38.40 9.44
N ASN C 271 -49.89 37.46 9.35
CA ASN C 271 -49.82 36.27 10.18
C ASN C 271 -48.64 35.38 9.79
N ILE C 272 -48.45 35.16 8.48
CA ILE C 272 -47.34 34.30 8.05
C ILE C 272 -46.01 35.05 8.11
N LEU C 273 -46.01 36.37 8.06
CA LEU C 273 -44.78 37.10 8.36
C LEU C 273 -44.35 36.86 9.80
N SER C 274 -45.30 36.81 10.73
CA SER C 274 -45.00 36.45 12.10
C SER C 274 -44.59 34.98 12.21
N GLU C 275 -45.16 34.13 11.35
CA GLU C 275 -44.72 32.73 11.27
C GLU C 275 -43.24 32.64 10.94
N LEU C 276 -42.82 33.31 9.87
CA LEU C 276 -41.50 33.10 9.30
C LEU C 276 -40.40 33.77 10.12
N VAL C 277 -40.63 35.02 10.54
CA VAL C 277 -39.61 35.74 11.29
C VAL C 277 -39.34 35.07 12.64
N GLU C 278 -40.35 34.42 13.21
CA GLU C 278 -40.15 33.71 14.47
C GLU C 278 -39.34 32.44 14.25
N LYS C 279 -39.61 31.72 13.16
CA LYS C 279 -38.85 30.51 12.85
C LYS C 279 -37.42 30.86 12.45
N ILE C 280 -37.25 31.96 11.70
CA ILE C 280 -35.91 32.38 11.31
C ILE C 280 -35.09 32.78 12.54
N PHE C 281 -35.72 33.48 13.48
CA PHE C 281 -35.03 33.86 14.71
C PHE C 281 -34.70 32.63 15.56
N MET C 282 -35.62 31.67 15.62
CA MET C 282 -35.47 30.51 16.49
C MET C 282 -34.61 29.41 15.88
N ALA C 283 -34.03 29.62 14.70
CA ALA C 283 -33.10 28.68 14.11
C ALA C 283 -31.66 29.22 14.07
N SER C 284 -31.37 30.24 14.87
CA SER C 284 -30.05 30.86 14.84
C SER C 284 -28.96 29.89 15.28
N GLU C 285 -29.25 29.04 16.26
CA GLU C 285 -28.24 28.10 16.75
C GLU C 285 -27.97 26.96 15.77
N ILE C 286 -28.78 26.82 14.72
CA ILE C 286 -28.50 25.82 13.70
C ILE C 286 -27.33 26.24 12.81
N LEU C 287 -27.04 27.53 12.75
CA LEU C 287 -25.92 28.01 11.95
C LEU C 287 -24.60 27.45 12.48
N PRO C 288 -23.69 27.05 11.59
CA PRO C 288 -22.40 26.55 12.06
C PRO C 288 -21.57 27.65 12.69
N PRO C 289 -20.70 27.32 13.64
CA PRO C 289 -19.96 28.37 14.36
C PRO C 289 -18.93 29.11 13.50
N THR C 290 -18.29 28.43 12.54
CA THR C 290 -17.30 29.10 11.71
C THR C 290 -17.95 30.17 10.84
N LEU C 291 -19.11 29.87 10.25
CA LEU C 291 -19.82 30.88 9.46
C LEU C 291 -20.22 32.07 10.33
N ARG C 292 -20.64 31.82 11.57
CA ARG C 292 -20.95 32.92 12.48
C ARG C 292 -19.69 33.68 12.87
N TYR C 293 -18.56 33.00 12.97
CA TYR C 293 -17.29 33.70 13.18
C TYR C 293 -16.95 34.59 11.99
N ILE C 294 -17.26 34.14 10.77
CA ILE C 294 -17.09 34.99 9.60
C ILE C 294 -17.94 36.25 9.74
N TYR C 295 -19.20 36.09 10.16
CA TYR C 295 -20.09 37.23 10.32
C TYR C 295 -19.55 38.22 11.34
N GLY C 296 -18.98 37.71 12.44
CA GLY C 296 -18.38 38.58 13.43
C GLY C 296 -17.23 39.39 12.90
N CYS C 297 -16.43 38.80 11.99
CA CYS C 297 -15.34 39.55 11.37
C CYS C 297 -15.88 40.59 10.39
N LEU C 298 -17.01 40.30 9.75
CA LEU C 298 -17.69 41.34 8.96
C LEU C 298 -18.09 42.52 9.84
N GLN C 299 -18.61 42.24 11.04
CA GLN C 299 -18.99 43.31 11.96
C GLN C 299 -17.76 44.09 12.40
N LYS C 300 -16.65 43.40 12.67
CA LYS C 300 -15.45 44.08 13.12
C LYS C 300 -14.86 44.95 12.02
N SER C 301 -14.95 44.49 10.77
CA SER C 301 -14.38 45.25 9.65
C SER C 301 -15.16 46.54 9.43
N VAL C 302 -16.49 46.46 9.39
CA VAL C 302 -17.29 47.65 9.15
C VAL C 302 -17.20 48.60 10.35
N GLN C 303 -17.00 48.06 11.55
CA GLN C 303 -16.83 48.92 12.71
C GLN C 303 -15.48 49.63 12.69
N HIS C 304 -14.46 49.01 12.10
CA HIS C 304 -13.16 49.65 12.00
C HIS C 304 -13.19 50.82 11.03
N LYS C 305 -13.82 50.65 9.87
CA LYS C 305 -13.82 51.68 8.84
C LYS C 305 -14.86 52.76 9.13
N TRP C 306 -16.07 52.38 9.55
CA TRP C 306 -17.15 53.32 9.86
C TRP C 306 -17.62 53.06 11.29
N PRO C 307 -16.89 53.55 12.28
CA PRO C 307 -17.20 53.22 13.68
C PRO C 307 -18.58 53.66 14.13
N THR C 308 -19.13 54.74 13.57
CA THR C 308 -20.36 55.31 14.10
C THR C 308 -21.62 54.76 13.45
N ASN C 309 -21.51 54.08 12.31
CA ASN C 309 -22.70 53.57 11.62
C ASN C 309 -23.04 52.20 12.21
N THR C 310 -23.78 52.25 13.32
CA THR C 310 -24.27 51.01 13.92
C THR C 310 -25.19 50.26 12.98
N THR C 311 -25.90 50.98 12.11
CA THR C 311 -26.82 50.34 11.19
C THR C 311 -26.08 49.48 10.16
N MET C 312 -24.92 49.95 9.68
CA MET C 312 -24.19 49.18 8.67
C MET C 312 -23.59 47.92 9.25
N ARG C 313 -23.28 47.91 10.55
CA ARG C 313 -22.91 46.65 11.20
C ARG C 313 -24.02 45.62 11.02
N THR C 314 -25.27 46.06 11.10
CA THR C 314 -26.40 45.16 10.89
C THR C 314 -26.56 44.79 9.43
N ARG C 315 -26.45 45.78 8.54
CA ARG C 315 -26.78 45.55 7.13
C ARG C 315 -25.77 44.63 6.44
N VAL C 316 -24.50 44.67 6.84
CA VAL C 316 -23.50 43.85 6.16
C VAL C 316 -23.76 42.38 6.43
N VAL C 317 -24.30 42.03 7.60
CA VAL C 317 -24.66 40.65 7.88
C VAL C 317 -26.00 40.31 7.25
N SER C 318 -26.95 41.24 7.31
CA SER C 318 -28.24 41.04 6.65
C SER C 318 -28.08 40.82 5.15
N GLY C 319 -27.11 41.51 4.55
CA GLY C 319 -26.85 41.35 3.13
C GLY C 319 -26.44 39.94 2.73
N PHE C 320 -25.94 39.14 3.67
CA PHE C 320 -25.61 37.76 3.41
C PHE C 320 -26.68 36.80 3.90
N VAL C 321 -27.07 36.91 5.18
CA VAL C 321 -28.01 35.96 5.75
C VAL C 321 -29.37 36.06 5.07
N PHE C 322 -29.80 37.28 4.73
CA PHE C 322 -31.13 37.52 4.17
C PHE C 322 -31.09 37.87 2.69
N LEU C 323 -30.23 38.81 2.29
CA LEU C 323 -30.27 39.34 0.94
C LEU C 323 -29.80 38.31 -0.10
N ARG C 324 -28.87 37.44 0.28
CA ARG C 324 -28.30 36.47 -0.66
C ARG C 324 -28.68 35.03 -0.32
N LEU C 325 -29.38 34.78 0.78
CA LEU C 325 -29.65 33.42 1.19
C LEU C 325 -31.13 33.16 1.42
N ILE C 326 -31.74 33.88 2.36
CA ILE C 326 -33.11 33.56 2.76
C ILE C 326 -34.12 34.02 1.72
N CYS C 327 -34.04 35.27 1.30
CA CYS C 327 -34.99 35.78 0.31
C CYS C 327 -34.91 35.07 -1.03
N PRO C 328 -33.73 34.81 -1.61
CA PRO C 328 -33.71 33.96 -2.82
C PRO C 328 -34.17 32.54 -2.56
N ALA C 329 -34.11 32.06 -1.30
CA ALA C 329 -34.64 30.74 -0.99
C ALA C 329 -36.16 30.77 -0.94
N ILE C 330 -36.73 31.84 -0.42
CA ILE C 330 -38.19 31.98 -0.41
C ILE C 330 -38.72 32.11 -1.83
N LEU C 331 -38.05 32.95 -2.65
CA LEU C 331 -38.49 33.13 -4.03
C LEU C 331 -38.27 31.88 -4.86
N ASN C 332 -37.22 31.11 -4.57
CA ASN C 332 -36.86 29.94 -5.36
C ASN C 332 -36.79 28.71 -4.44
N PRO C 333 -37.93 28.23 -3.97
CA PRO C 333 -37.93 27.03 -3.10
C PRO C 333 -37.51 25.76 -3.83
N ARG C 334 -37.49 25.75 -5.16
CA ARG C 334 -36.92 24.61 -5.86
C ARG C 334 -35.43 24.47 -5.58
N MET C 335 -34.68 25.56 -5.78
CA MET C 335 -33.25 25.56 -5.49
C MET C 335 -32.96 25.34 -4.01
N PHE C 336 -33.96 25.52 -3.14
CA PHE C 336 -33.84 25.23 -1.73
C PHE C 336 -35.00 24.33 -1.27
N ASN C 337 -35.27 23.30 -2.07
CA ASN C 337 -36.16 22.20 -1.72
C ASN C 337 -37.50 22.64 -1.12
N SER C 342 -43.40 21.85 -6.39
CA SER C 342 -44.15 22.48 -7.47
C SER C 342 -45.00 23.64 -6.98
N PRO C 343 -44.40 24.83 -6.92
CA PRO C 343 -45.17 26.03 -6.53
C PRO C 343 -46.34 26.30 -7.46
N SER C 344 -47.24 27.15 -6.99
CA SER C 344 -48.48 27.48 -7.68
C SER C 344 -48.70 28.99 -7.59
N PRO C 345 -49.37 29.58 -8.60
CA PRO C 345 -49.63 31.03 -8.55
C PRO C 345 -50.70 31.40 -7.54
N ILE C 346 -51.40 30.42 -6.99
CA ILE C 346 -52.41 30.66 -5.97
C ILE C 346 -51.87 31.59 -4.88
N ALA C 347 -50.64 31.33 -4.43
CA ALA C 347 -49.95 32.23 -3.53
C ALA C 347 -48.50 32.45 -3.94
N ALA C 348 -48.15 32.22 -5.20
CA ALA C 348 -46.81 32.57 -5.67
C ALA C 348 -46.53 34.05 -5.48
N ARG C 349 -47.57 34.88 -5.50
CA ARG C 349 -47.42 36.26 -5.05
C ARG C 349 -46.91 36.31 -3.62
N THR C 350 -47.55 35.54 -2.73
CA THR C 350 -47.17 35.56 -1.32
C THR C 350 -45.72 35.12 -1.14
N LEU C 351 -45.33 34.03 -1.80
CA LEU C 351 -43.92 33.63 -1.80
C LEU C 351 -43.03 34.78 -2.25
N ILE C 352 -43.51 35.59 -3.19
CA ILE C 352 -42.79 36.79 -3.58
C ILE C 352 -43.11 37.94 -2.64
N LEU C 353 -44.33 38.00 -2.10
CA LEU C 353 -44.69 39.08 -1.20
C LEU C 353 -43.86 39.03 0.09
N VAL C 354 -43.71 37.83 0.67
CA VAL C 354 -43.03 37.73 1.96
C VAL C 354 -41.54 37.98 1.82
N ALA C 355 -40.94 37.59 0.70
CA ALA C 355 -39.53 37.92 0.46
C ALA C 355 -39.33 39.42 0.34
N LYS C 356 -40.32 40.13 -0.20
CA LYS C 356 -40.25 41.58 -0.26
C LYS C 356 -40.30 42.19 1.15
N SER C 357 -41.22 41.69 1.98
CA SER C 357 -41.36 42.23 3.33
C SER C 357 -40.20 41.82 4.23
N VAL C 358 -39.74 40.58 4.09
CA VAL C 358 -38.60 40.12 4.88
C VAL C 358 -37.34 40.89 4.52
N GLN C 359 -37.13 41.12 3.22
CA GLN C 359 -35.96 41.90 2.80
C GLN C 359 -36.02 43.32 3.33
N ASN C 360 -37.22 43.93 3.34
CA ASN C 360 -37.36 45.28 3.87
C ASN C 360 -37.02 45.32 5.36
N LEU C 361 -37.46 44.31 6.12
CA LEU C 361 -37.14 44.27 7.54
C LEU C 361 -35.65 44.03 7.76
N ALA C 362 -35.04 43.16 6.95
CA ALA C 362 -33.61 42.88 7.11
C ALA C 362 -32.76 44.10 6.82
N ASN C 363 -33.21 44.96 5.90
CA ASN C 363 -32.53 46.22 5.61
C ASN C 363 -33.01 47.36 6.49
N LEU C 364 -33.87 47.07 7.47
CA LEU C 364 -34.37 48.07 8.41
C LEU C 364 -35.02 49.26 7.70
N VAL C 365 -35.83 48.95 6.69
CA VAL C 365 -36.57 49.98 5.97
C VAL C 365 -38.04 49.57 5.91
N GLU C 366 -38.89 50.58 5.77
CA GLU C 366 -40.33 50.42 5.62
C GLU C 366 -40.71 50.61 4.16
N PHE C 367 -41.81 49.96 3.76
CA PHE C 367 -42.31 50.15 2.41
C PHE C 367 -42.69 51.60 2.18
N GLY C 368 -42.13 52.20 1.14
CA GLY C 368 -42.25 53.63 0.88
C GLY C 368 -43.31 53.94 -0.16
N ALA C 369 -43.01 54.95 -0.99
CA ALA C 369 -43.98 55.39 -2.00
C ALA C 369 -43.95 54.49 -3.23
N LYS C 370 -42.76 54.05 -3.65
CA LYS C 370 -42.64 53.20 -4.83
C LYS C 370 -43.35 51.87 -4.68
N GLU C 371 -43.74 51.48 -3.46
CA GLU C 371 -44.54 50.29 -3.24
C GLU C 371 -45.96 50.73 -2.93
N PRO C 372 -46.89 50.66 -3.89
CA PRO C 372 -48.24 51.22 -3.66
C PRO C 372 -49.18 50.25 -2.98
N TYR C 373 -48.88 48.95 -3.05
CA TYR C 373 -49.77 47.91 -2.53
C TYR C 373 -49.16 47.15 -1.36
N MET C 374 -48.18 47.74 -0.67
CA MET C 374 -47.48 47.06 0.41
C MET C 374 -47.28 47.90 1.66
N GLU C 375 -47.81 49.12 1.70
CA GLU C 375 -47.51 50.02 2.81
C GLU C 375 -48.15 49.58 4.12
N GLY C 376 -49.15 48.70 4.07
CA GLY C 376 -49.81 48.25 5.29
C GLY C 376 -48.93 47.41 6.19
N VAL C 377 -47.82 46.88 5.67
CA VAL C 377 -46.90 46.06 6.46
C VAL C 377 -45.96 46.91 7.30
N ASN C 378 -45.86 48.21 7.02
CA ASN C 378 -44.92 49.07 7.74
C ASN C 378 -45.02 49.01 9.26
N PRO C 379 -46.21 48.95 9.88
CA PRO C 379 -46.24 48.77 11.34
C PRO C 379 -45.55 47.50 11.81
N PHE C 380 -45.68 46.40 11.08
CA PHE C 380 -44.99 45.17 11.46
C PHE C 380 -43.49 45.34 11.38
N ILE C 381 -43.00 45.95 10.30
CA ILE C 381 -41.57 46.18 10.13
C ILE C 381 -41.02 47.02 11.28
N LYS C 382 -41.74 48.08 11.66
CA LYS C 382 -41.27 48.96 12.72
C LYS C 382 -41.17 48.23 14.04
N SER C 383 -42.20 47.47 14.41
CA SER C 383 -42.22 46.77 15.68
C SER C 383 -41.14 45.69 15.78
N ASN C 384 -40.65 45.18 14.64
CA ASN C 384 -39.65 44.13 14.62
C ASN C 384 -38.25 44.66 14.30
N LYS C 385 -38.11 45.96 14.09
CA LYS C 385 -36.81 46.53 13.73
C LYS C 385 -35.75 46.20 14.77
N HIS C 386 -36.06 46.44 16.05
CA HIS C 386 -35.10 46.19 17.11
C HIS C 386 -34.73 44.71 17.18
N ARG C 387 -35.73 43.83 17.03
CA ARG C 387 -35.47 42.40 17.08
C ARG C 387 -34.54 41.95 15.96
N MET C 388 -34.71 42.53 14.76
CA MET C 388 -33.82 42.21 13.65
C MET C 388 -32.38 42.56 13.97
N ILE C 389 -32.14 43.72 14.56
CA ILE C 389 -30.79 44.15 14.91
C ILE C 389 -30.14 43.17 15.88
N MET C 390 -30.87 42.81 16.94
CA MET C 390 -30.30 41.93 17.96
C MET C 390 -30.03 40.54 17.40
N PHE C 391 -30.88 40.06 16.49
CA PHE C 391 -30.66 38.76 15.89
C PHE C 391 -29.37 38.74 15.08
N LEU C 392 -29.14 39.78 14.27
CA LEU C 392 -27.94 39.81 13.45
C LEU C 392 -26.69 40.12 14.27
N ASP C 393 -26.85 40.83 15.39
CA ASP C 393 -25.71 41.08 16.27
C ASP C 393 -25.29 39.79 16.97
N GLU C 394 -26.25 39.07 17.56
CA GLU C 394 -25.92 37.82 18.22
C GLU C 394 -25.41 36.78 17.22
N LEU C 395 -25.80 36.90 15.95
CA LEU C 395 -25.34 35.96 14.95
C LEU C 395 -23.82 36.01 14.81
N GLY C 396 -23.23 37.20 14.88
CA GLY C 396 -21.80 37.34 14.79
C GLY C 396 -21.04 37.24 16.09
N ASN C 397 -21.73 36.95 17.20
CA ASN C 397 -21.10 36.92 18.52
C ASN C 397 -20.39 35.59 18.76
N VAL C 398 -19.42 35.30 17.90
CA VAL C 398 -18.54 34.15 18.06
C VAL C 398 -17.10 34.66 18.08
N PRO C 399 -16.52 34.84 19.27
CA PRO C 399 -15.23 35.54 19.37
C PRO C 399 -14.03 34.71 18.93
N GLU C 400 -14.03 33.43 19.25
CA GLU C 400 -12.91 32.56 18.95
C GLU C 400 -13.33 31.46 17.99
N LEU C 401 -12.45 31.15 17.03
CA LEU C 401 -12.71 30.06 16.12
C LEU C 401 -12.87 28.75 16.89
N PRO C 402 -13.75 27.86 16.46
CA PRO C 402 -13.90 26.58 17.17
C PRO C 402 -12.66 25.72 17.06
N ASP C 403 -11.96 25.50 18.17
CA ASP C 403 -10.89 24.50 18.18
C ASP C 403 -11.42 23.10 17.93
N THR C 404 -12.72 22.89 18.05
CA THR C 404 -13.38 21.70 17.53
C THR C 404 -13.56 21.88 16.03
N THR C 405 -12.90 21.04 15.24
CA THR C 405 -12.87 21.18 13.79
C THR C 405 -13.61 20.02 13.14
N GLU C 406 -14.59 20.34 12.31
CA GLU C 406 -15.27 19.34 11.50
C GLU C 406 -14.30 18.74 10.49
N HIS C 407 -14.72 17.66 9.85
CA HIS C 407 -13.90 17.01 8.83
C HIS C 407 -14.23 17.63 7.47
N SER C 408 -13.69 18.81 7.26
CA SER C 408 -13.60 19.42 5.93
C SER C 408 -12.41 18.77 5.23
N ARG C 409 -12.64 17.57 4.72
CA ARG C 409 -11.62 16.81 4.01
C ARG C 409 -12.01 16.72 2.54
N THR C 410 -11.13 17.24 1.68
CA THR C 410 -11.31 17.23 0.24
C THR C 410 -10.13 16.49 -0.39
N ASP C 411 -10.13 16.45 -1.72
CA ASP C 411 -9.00 15.90 -2.47
C ASP C 411 -7.99 17.04 -2.67
N LEU C 412 -7.04 17.15 -1.75
CA LEU C 412 -6.15 18.31 -1.71
C LEU C 412 -5.27 18.36 -2.95
N SER C 413 -4.54 17.28 -3.23
CA SER C 413 -3.58 17.30 -4.34
C SER C 413 -4.30 17.50 -5.68
N ARG C 414 -5.50 16.94 -5.81
CA ARG C 414 -6.29 17.19 -7.01
C ARG C 414 -6.69 18.65 -7.13
N ASP C 415 -6.98 19.29 -5.98
CA ASP C 415 -7.30 20.71 -6.00
C ASP C 415 -6.08 21.55 -6.33
N LEU C 416 -4.91 21.18 -5.79
CA LEU C 416 -3.69 21.93 -6.11
C LEU C 416 -3.30 21.76 -7.57
N ALA C 417 -3.50 20.56 -8.12
CA ALA C 417 -3.24 20.35 -9.54
C ALA C 417 -4.20 21.16 -10.41
N ALA C 418 -5.44 21.34 -9.96
CA ALA C 418 -6.40 22.14 -10.72
C ALA C 418 -6.10 23.62 -10.62
N LEU C 419 -5.57 24.08 -9.48
CA LEU C 419 -5.18 25.48 -9.37
C LEU C 419 -3.92 25.75 -10.18
N HIS C 420 -2.98 24.80 -10.20
CA HIS C 420 -1.79 24.95 -11.03
C HIS C 420 -2.15 24.98 -12.50
N GLU C 421 -3.17 24.22 -12.90
CA GLU C 421 -3.66 24.28 -14.28
C GLU C 421 -4.20 25.66 -14.61
N ILE C 422 -4.87 26.30 -13.65
CA ILE C 422 -5.36 27.66 -13.87
C ILE C 422 -4.20 28.63 -14.00
N CYS C 423 -3.17 28.49 -13.17
CA CYS C 423 -1.99 29.34 -13.27
C CYS C 423 -1.31 29.18 -14.62
N VAL C 424 -1.26 27.96 -15.16
CA VAL C 424 -0.66 27.75 -16.47
C VAL C 424 -1.48 28.43 -17.56
N ALA C 425 -2.81 28.32 -17.48
CA ALA C 425 -3.67 28.89 -18.52
C ALA C 425 -3.63 30.42 -18.54
N HIS C 426 -3.26 31.05 -17.43
CA HIS C 426 -3.20 32.50 -17.35
C HIS C 426 -1.79 33.00 -17.04
N SER C 427 -0.76 32.20 -17.35
CA SER C 427 0.60 32.57 -16.98
C SER C 427 1.07 33.83 -17.69
N ASP C 428 0.56 34.09 -18.90
CA ASP C 428 0.99 35.27 -19.63
C ASP C 428 0.56 36.55 -18.91
N GLU C 429 -0.72 36.64 -18.54
CA GLU C 429 -1.16 37.79 -17.76
C GLU C 429 -0.46 37.84 -16.41
N LEU C 430 -0.24 36.69 -15.78
CA LEU C 430 0.50 36.65 -14.52
C LEU C 430 1.91 37.16 -14.70
N ARG C 431 2.52 36.90 -15.87
CA ARG C 431 3.85 37.43 -16.15
C ARG C 431 3.82 38.95 -16.22
N THR C 432 2.83 39.50 -16.94
CA THR C 432 2.67 40.95 -17.01
C THR C 432 2.42 41.55 -15.64
N LEU C 433 1.63 40.85 -14.82
CA LEU C 433 1.36 41.34 -13.46
C LEU C 433 2.64 41.39 -12.62
N SER C 434 3.47 40.35 -12.71
CA SER C 434 4.68 40.27 -11.90
C SER C 434 5.69 41.37 -12.22
N ASN C 435 5.64 41.92 -13.44
CA ASN C 435 6.57 42.97 -13.81
C ASN C 435 6.27 44.31 -13.16
N GLU C 436 5.19 44.40 -12.38
CA GLU C 436 4.87 45.62 -11.65
C GLU C 436 5.46 45.56 -10.24
N ARG C 437 5.94 46.70 -9.77
CA ARG C 437 6.42 46.78 -8.39
C ARG C 437 5.25 46.74 -7.41
N GLY C 438 5.55 46.37 -6.18
CA GLY C 438 4.52 46.30 -5.16
C GLY C 438 4.81 45.17 -4.17
N ALA C 439 3.98 45.14 -3.12
CA ALA C 439 4.15 44.14 -2.07
C ALA C 439 3.98 42.71 -2.58
N GLN C 440 3.25 42.52 -3.68
CA GLN C 440 2.99 41.20 -4.23
C GLN C 440 3.98 40.76 -5.29
N GLN C 441 4.92 41.64 -5.67
CA GLN C 441 5.78 41.35 -6.82
C GLN C 441 6.67 40.15 -6.56
N HIS C 442 7.28 40.06 -5.38
CA HIS C 442 8.18 38.95 -5.09
C HIS C 442 7.42 37.62 -5.08
N VAL C 443 6.25 37.58 -4.44
CA VAL C 443 5.47 36.35 -4.40
C VAL C 443 5.04 35.96 -5.81
N LEU C 444 4.64 36.94 -6.62
CA LEU C 444 4.20 36.65 -7.98
C LEU C 444 5.35 36.11 -8.83
N LYS C 445 6.57 36.63 -8.62
CA LYS C 445 7.74 36.05 -9.27
C LYS C 445 7.93 34.60 -8.83
N LYS C 446 7.78 34.34 -7.53
CA LYS C 446 7.86 32.99 -7.00
C LYS C 446 6.81 32.07 -7.63
N LEU C 447 5.60 32.59 -7.82
CA LEU C 447 4.52 31.78 -8.39
C LEU C 447 4.82 31.39 -9.82
N LEU C 448 5.39 32.30 -10.60
CA LEU C 448 5.75 31.97 -11.98
C LEU C 448 6.84 30.92 -12.03
N ALA C 449 7.77 30.96 -11.06
CA ALA C 449 8.81 29.95 -11.00
C ALA C 449 8.23 28.58 -10.66
N ILE C 450 7.39 28.53 -9.62
CA ILE C 450 6.82 27.25 -9.20
C ILE C 450 5.90 26.71 -10.27
N THR C 451 5.10 27.58 -10.90
CA THR C 451 4.22 27.13 -11.98
C THR C 451 5.01 26.47 -13.10
N GLU C 452 6.12 27.08 -13.51
CA GLU C 452 6.93 26.51 -14.58
C GLU C 452 7.56 25.18 -14.15
N LEU C 453 8.02 25.10 -12.91
CA LEU C 453 8.62 23.86 -12.43
C LEU C 453 7.59 22.74 -12.30
N LEU C 454 6.40 23.06 -11.78
CA LEU C 454 5.36 22.05 -11.65
C LEU C 454 4.97 21.48 -13.01
N GLN C 455 4.90 22.33 -14.03
CA GLN C 455 4.63 21.85 -15.38
C GLN C 455 5.78 20.99 -15.89
N GLN C 456 7.01 21.36 -15.57
CA GLN C 456 8.16 20.55 -15.95
C GLN C 456 8.09 19.18 -15.29
N LYS C 457 7.83 19.15 -13.98
CA LYS C 457 7.79 17.88 -13.26
C LYS C 457 6.62 17.02 -13.74
N GLN C 458 5.48 17.65 -14.05
CA GLN C 458 4.36 16.89 -14.59
C GLN C 458 4.72 16.24 -15.92
N ASN C 459 5.45 16.96 -16.78
CA ASN C 459 5.87 16.40 -18.06
C ASN C 459 6.82 15.22 -17.87
N GLN C 460 7.64 15.25 -16.82
CA GLN C 460 8.51 14.12 -16.54
C GLN C 460 7.70 12.89 -16.16
N TYR C 461 6.59 13.09 -15.46
CA TYR C 461 5.76 11.96 -15.03
C TYR C 461 5.04 11.32 -16.21
N THR C 462 4.58 12.13 -17.17
CA THR C 462 3.73 11.67 -18.25
C THR C 462 4.49 11.40 -19.54
N LYS C 463 5.36 12.32 -19.95
CA LYS C 463 6.01 12.23 -21.25
C LYS C 463 7.16 11.23 -21.26
N THR C 464 7.80 11.00 -20.11
CA THR C 464 8.92 10.07 -20.05
C THR C 464 8.46 8.64 -19.79
N LYS D 9 -5.36 0.20 11.96
CA LYS D 9 -4.61 -0.64 11.03
C LYS D 9 -4.59 -2.08 11.53
N ARG D 10 -3.43 -2.72 11.47
CA ARG D 10 -3.28 -4.11 11.90
C ARG D 10 -2.05 -4.25 12.78
N LEU D 11 -2.00 -5.36 13.52
CA LEU D 11 -0.90 -5.63 14.43
C LEU D 11 0.34 -6.04 13.66
N ARG D 12 1.48 -5.44 13.99
CA ARG D 12 2.77 -5.80 13.43
C ARG D 12 3.56 -6.59 14.45
N GLN D 13 4.15 -7.70 14.01
CA GLN D 13 4.89 -8.60 14.90
C GLN D 13 6.30 -8.77 14.35
N VAL D 14 7.28 -8.22 15.06
CA VAL D 14 8.69 -8.34 14.71
C VAL D 14 9.31 -9.42 15.57
N SER D 15 9.89 -10.44 14.93
CA SER D 15 10.55 -11.53 15.63
C SER D 15 12.05 -11.40 15.50
N SER D 16 12.76 -11.76 16.57
CA SER D 16 14.22 -11.77 16.57
C SER D 16 14.69 -13.02 17.29
N LEU D 17 15.91 -13.45 16.96
CA LEU D 17 16.51 -14.65 17.52
C LEU D 17 17.93 -14.34 17.96
N VAL D 18 18.29 -14.75 19.17
CA VAL D 18 19.62 -14.55 19.72
C VAL D 18 20.22 -15.91 20.02
N LEU D 19 21.33 -16.23 19.37
CA LEU D 19 22.03 -17.50 19.54
C LEU D 19 23.38 -17.23 20.19
N HIS D 20 23.64 -17.94 21.29
CA HIS D 20 24.96 -17.93 21.91
C HIS D 20 25.54 -19.33 21.76
N ILE D 21 26.48 -19.47 20.83
CA ILE D 21 27.18 -20.74 20.64
C ILE D 21 28.26 -20.84 21.72
N GLU D 22 28.04 -21.71 22.70
CA GLU D 22 28.85 -21.75 23.90
C GLU D 22 30.09 -22.64 23.73
N GLU D 23 29.89 -23.93 23.53
CA GLU D 23 30.99 -24.88 23.46
C GLU D 23 30.47 -26.20 22.91
N ALA D 24 31.40 -27.09 22.58
CA ALA D 24 31.08 -28.40 22.03
C ALA D 24 31.79 -29.48 22.83
N HIS D 25 31.47 -30.74 22.51
CA HIS D 25 31.96 -31.89 23.27
C HIS D 25 32.10 -33.08 22.34
N LYS D 26 33.24 -33.78 22.44
CA LYS D 26 33.45 -35.06 21.75
C LYS D 26 33.38 -34.91 20.23
N LEU D 27 34.16 -34.00 19.69
CA LEU D 27 34.21 -33.92 18.23
C LEU D 27 35.18 -34.96 17.69
N PRO D 28 34.86 -35.61 16.57
CA PRO D 28 35.76 -36.62 15.98
C PRO D 28 37.18 -36.11 15.76
N VAL D 29 38.15 -36.76 16.39
CA VAL D 29 39.55 -36.37 16.26
C VAL D 29 40.03 -36.53 14.83
N LYS D 30 39.53 -37.55 14.12
CA LYS D 30 39.92 -37.77 12.74
C LYS D 30 39.32 -36.74 11.79
N HIS D 31 38.40 -35.90 12.26
CA HIS D 31 37.74 -34.92 11.42
C HIS D 31 37.76 -33.50 11.97
N PHE D 32 38.24 -33.28 13.19
CA PHE D 32 38.20 -31.96 13.81
C PHE D 32 39.52 -31.68 14.50
N THR D 33 40.26 -30.70 14.00
CA THR D 33 41.44 -30.15 14.66
C THR D 33 41.21 -28.70 15.08
N ASN D 34 40.72 -27.87 14.17
CA ASN D 34 40.36 -26.48 14.45
C ASN D 34 38.91 -26.26 14.02
N PRO D 35 37.96 -26.79 14.78
CA PRO D 35 36.56 -26.73 14.35
C PRO D 35 35.94 -25.34 14.52
N TYR D 36 35.04 -25.02 13.59
CA TYR D 36 34.23 -23.81 13.67
C TYR D 36 32.81 -24.15 13.26
N CYS D 37 31.88 -23.26 13.59
CA CYS D 37 30.46 -23.47 13.36
C CYS D 37 29.96 -22.58 12.24
N ASN D 38 28.97 -23.10 11.51
CA ASN D 38 28.24 -22.32 10.52
C ASN D 38 26.78 -22.25 10.96
N ILE D 39 26.18 -21.07 10.86
CA ILE D 39 24.82 -20.82 11.33
C ILE D 39 23.93 -20.61 10.11
N TYR D 40 22.77 -21.29 10.11
CA TYR D 40 21.82 -21.22 9.01
C TYR D 40 20.45 -20.79 9.53
N LEU D 41 19.81 -19.90 8.77
CA LEU D 41 18.41 -19.55 8.98
C LEU D 41 17.60 -20.26 7.90
N ASN D 42 16.68 -21.13 8.32
CA ASN D 42 16.22 -22.21 7.46
C ASN D 42 17.44 -22.93 6.92
N SER D 43 17.69 -22.86 5.62
CA SER D 43 18.87 -23.49 5.02
C SER D 43 19.75 -22.47 4.31
N VAL D 44 19.75 -21.23 4.78
CA VAL D 44 20.56 -20.15 4.24
C VAL D 44 21.63 -19.79 5.26
N GLN D 45 22.90 -19.85 4.85
CA GLN D 45 23.99 -19.54 5.75
C GLN D 45 24.05 -18.04 6.02
N VAL D 46 24.12 -17.67 7.29
CA VAL D 46 24.13 -16.26 7.67
C VAL D 46 25.30 -15.86 8.55
N ALA D 47 26.00 -16.79 9.21
CA ALA D 47 27.10 -16.41 10.09
C ALA D 47 28.03 -17.60 10.28
N LYS D 48 29.27 -17.28 10.66
CA LYS D 48 30.26 -18.28 11.01
C LYS D 48 30.91 -17.88 12.34
N THR D 49 31.36 -18.89 13.09
CA THR D 49 32.16 -18.66 14.27
C THR D 49 33.64 -18.66 13.93
N HIS D 50 34.43 -18.03 14.78
CA HIS D 50 35.87 -18.09 14.62
C HIS D 50 36.37 -19.49 14.92
N ALA D 51 37.47 -19.86 14.28
CA ALA D 51 38.02 -21.21 14.40
C ALA D 51 38.70 -21.37 15.76
N ARG D 52 38.14 -22.22 16.61
CA ARG D 52 38.76 -22.59 17.87
C ARG D 52 39.41 -23.95 17.73
N GLU D 53 40.27 -24.27 18.69
CA GLU D 53 41.16 -25.43 18.59
C GLU D 53 40.73 -26.54 19.55
N GLY D 54 41.01 -27.78 19.14
CA GLY D 54 40.73 -28.94 19.95
C GLY D 54 39.44 -29.64 19.54
N GLN D 55 39.08 -30.65 20.33
CA GLN D 55 37.85 -31.39 20.14
C GLN D 55 36.79 -31.06 21.18
N ASN D 56 37.10 -30.15 22.11
CA ASN D 56 36.12 -29.63 23.06
C ASN D 56 36.22 -28.11 23.10
N PRO D 57 35.97 -27.44 21.98
CA PRO D 57 36.26 -26.01 21.89
C PRO D 57 35.19 -25.17 22.56
N VAL D 58 35.61 -23.99 23.01
CA VAL D 58 34.72 -23.01 23.61
C VAL D 58 34.72 -21.78 22.70
N TRP D 59 33.53 -21.38 22.25
CA TRP D 59 33.39 -20.23 21.36
C TRP D 59 32.88 -19.00 22.09
N SER D 60 31.71 -19.09 22.72
CA SER D 60 31.09 -18.00 23.46
C SER D 60 30.97 -16.75 22.58
N GLU D 61 30.21 -16.90 21.49
CA GLU D 61 29.98 -15.84 20.54
C GLU D 61 28.49 -15.54 20.44
N GLU D 62 28.17 -14.26 20.28
CA GLU D 62 26.80 -13.78 20.23
C GLU D 62 26.40 -13.50 18.79
N PHE D 63 25.21 -13.98 18.41
CA PHE D 63 24.67 -13.75 17.07
C PHE D 63 23.25 -13.23 17.19
N VAL D 64 23.03 -12.02 16.70
CA VAL D 64 21.73 -11.36 16.75
C VAL D 64 21.14 -11.34 15.34
N PHE D 65 19.92 -11.86 15.22
CA PHE D 65 19.21 -11.90 13.94
C PHE D 65 17.86 -11.21 14.15
N ASP D 66 17.82 -9.92 13.86
CA ASP D 66 16.65 -9.09 14.12
C ASP D 66 15.73 -9.05 12.91
N ASP D 67 14.43 -8.98 13.19
CA ASP D 67 13.40 -8.80 12.17
C ASP D 67 13.46 -9.91 11.11
N LEU D 68 13.26 -11.13 11.58
CA LEU D 68 13.31 -12.29 10.69
C LEU D 68 12.17 -12.22 9.68
N PRO D 69 12.42 -12.61 8.42
CA PRO D 69 11.31 -12.78 7.49
C PRO D 69 10.35 -13.83 7.99
N PRO D 70 9.06 -13.71 7.66
CA PRO D 70 8.05 -14.63 8.23
C PRO D 70 8.19 -16.08 7.77
N ASP D 71 8.98 -16.36 6.74
CA ASP D 71 9.16 -17.71 6.24
C ASP D 71 10.25 -18.49 6.98
N ILE D 72 10.94 -17.86 7.91
CA ILE D 72 11.97 -18.54 8.70
C ILE D 72 11.27 -19.35 9.78
N ASN D 73 11.48 -20.67 9.76
CA ASN D 73 10.83 -21.56 10.72
C ASN D 73 11.80 -22.32 11.61
N ARG D 74 13.12 -22.14 11.43
CA ARG D 74 14.10 -22.93 12.17
C ARG D 74 15.47 -22.31 11.98
N PHE D 75 16.41 -22.80 12.78
CA PHE D 75 17.83 -22.52 12.56
C PHE D 75 18.60 -23.83 12.63
N GLU D 76 19.65 -23.92 11.82
CA GLU D 76 20.53 -25.08 11.78
C GLU D 76 21.97 -24.63 11.93
N ILE D 77 22.73 -25.38 12.72
CA ILE D 77 24.15 -25.12 12.94
C ILE D 77 24.93 -26.34 12.47
N THR D 78 25.90 -26.11 11.59
CA THR D 78 26.81 -27.16 11.14
C THR D 78 28.19 -26.91 11.73
N LEU D 79 29.00 -27.97 11.76
CA LEU D 79 30.35 -27.92 12.28
C LEU D 79 31.33 -28.23 11.16
N SER D 80 32.34 -27.38 11.01
CA SER D 80 33.36 -27.54 10.00
C SER D 80 34.72 -27.67 10.69
N ASN D 81 35.79 -27.71 9.90
CA ASN D 81 37.14 -27.85 10.41
C ASN D 81 38.07 -27.00 9.57
N LYS D 82 38.79 -26.10 10.22
CA LYS D 82 39.80 -25.28 9.54
C LYS D 82 41.14 -26.00 9.55
N SER D 86 42.58 -26.22 2.09
CA SER D 86 41.47 -25.38 2.55
C SER D 86 40.88 -25.92 3.85
N LYS D 87 39.61 -26.33 3.78
CA LYS D 87 38.89 -26.77 4.98
C LYS D 87 37.78 -27.73 4.57
N ASP D 88 37.29 -28.49 5.57
CA ASP D 88 36.22 -29.43 5.35
C ASP D 88 34.90 -28.83 5.83
N PRO D 89 33.99 -28.48 4.94
CA PRO D 89 32.74 -27.83 5.38
C PRO D 89 31.64 -28.82 5.75
N ASP D 90 30.95 -28.49 6.85
CA ASP D 90 29.67 -29.11 7.21
C ASP D 90 29.78 -30.63 7.37
N ILE D 91 30.57 -31.03 8.37
CA ILE D 91 30.68 -32.44 8.69
C ILE D 91 29.51 -32.88 9.57
N LEU D 92 29.29 -32.19 10.68
CA LEU D 92 28.19 -32.47 11.59
C LEU D 92 27.18 -31.34 11.54
N PHE D 93 25.98 -31.60 12.05
CA PHE D 93 24.91 -30.62 11.98
C PHE D 93 23.87 -30.90 13.06
N MET D 94 23.19 -29.83 13.48
CA MET D 94 21.99 -29.93 14.30
C MET D 94 20.98 -28.91 13.77
N ARG D 95 19.71 -29.17 14.06
CA ARG D 95 18.64 -28.26 13.65
C ARG D 95 17.66 -28.09 14.81
N CYS D 96 16.96 -26.96 14.81
CA CYS D 96 15.99 -26.66 15.85
C CYS D 96 14.91 -25.75 15.30
N GLN D 97 13.68 -26.23 15.26
CA GLN D 97 12.56 -25.41 14.81
C GLN D 97 12.30 -24.29 15.82
N LEU D 98 11.94 -23.11 15.30
CA LEU D 98 11.65 -21.98 16.16
C LEU D 98 10.43 -22.23 17.04
N SER D 99 9.58 -23.19 16.67
CA SER D 99 8.39 -23.49 17.47
C SER D 99 8.77 -24.08 18.83
N ARG D 100 9.95 -24.71 18.93
CA ARG D 100 10.40 -25.20 20.23
C ARG D 100 10.78 -24.08 21.17
N LEU D 101 11.11 -22.90 20.64
CA LEU D 101 11.53 -21.77 21.46
C LEU D 101 10.38 -20.78 21.54
N GLN D 102 9.42 -21.12 22.40
CA GLN D 102 8.27 -20.26 22.66
C GLN D 102 8.54 -19.46 23.94
N LYS D 103 7.53 -18.71 24.39
CA LYS D 103 7.56 -17.97 25.64
C LYS D 103 8.61 -16.87 25.69
N GLY D 104 9.37 -16.69 24.61
CA GLY D 104 10.35 -15.63 24.52
C GLY D 104 11.39 -15.64 25.62
N HIS D 105 11.66 -16.80 26.22
CA HIS D 105 12.60 -16.94 27.30
C HIS D 105 13.86 -17.65 26.82
N ALA D 106 14.99 -17.30 27.41
CA ALA D 106 16.27 -17.89 27.00
C ALA D 106 16.34 -19.36 27.38
N THR D 107 17.00 -20.14 26.53
CA THR D 107 17.22 -21.56 26.78
C THR D 107 18.70 -21.88 26.63
N ASP D 108 19.20 -22.74 27.50
CA ASP D 108 20.58 -23.22 27.45
C ASP D 108 20.54 -24.74 27.45
N GLU D 109 20.73 -25.36 26.29
CA GLU D 109 20.57 -26.79 26.14
C GLU D 109 21.75 -27.37 25.36
N TRP D 110 21.91 -28.68 25.48
CA TRP D 110 22.92 -29.44 24.75
C TRP D 110 22.26 -30.24 23.64
N PHE D 111 22.77 -30.08 22.42
CA PHE D 111 22.31 -30.83 21.25
C PHE D 111 23.43 -31.77 20.84
N LEU D 112 23.18 -33.08 20.87
CA LEU D 112 24.16 -34.01 20.31
C LEU D 112 23.90 -34.14 18.82
N LEU D 113 24.97 -34.00 18.04
CA LEU D 113 24.90 -33.69 16.63
C LEU D 113 24.54 -34.93 15.79
N SER D 114 24.20 -34.68 14.54
CA SER D 114 24.01 -35.70 13.53
C SER D 114 25.08 -35.53 12.46
N SER D 115 25.46 -36.63 11.83
CA SER D 115 26.59 -36.64 10.91
C SER D 115 26.12 -36.65 9.47
N HIS D 116 26.82 -35.87 8.63
CA HIS D 116 26.60 -35.91 7.19
C HIS D 116 27.51 -36.91 6.49
N ILE D 117 28.60 -37.31 7.13
CA ILE D 117 29.51 -38.31 6.59
C ILE D 117 29.55 -39.52 7.53
N PRO D 118 29.63 -40.73 7.01
CA PRO D 118 29.75 -41.90 7.88
C PRO D 118 30.99 -41.78 8.76
N LEU D 119 30.84 -42.19 10.02
CA LEU D 119 31.91 -42.06 11.01
C LEU D 119 32.31 -43.37 11.67
N LYS D 120 31.65 -44.48 11.32
CA LYS D 120 32.06 -45.82 11.75
C LYS D 120 32.06 -45.97 13.28
N GLY D 121 30.92 -45.65 13.90
CA GLY D 121 30.76 -45.85 15.32
C GLY D 121 31.37 -44.78 16.20
N ILE D 122 32.02 -43.77 15.63
CA ILE D 122 32.51 -42.65 16.41
C ILE D 122 31.34 -41.75 16.77
N GLU D 123 31.20 -41.43 18.05
CA GLU D 123 30.06 -40.63 18.48
C GLU D 123 30.16 -39.22 17.92
N PRO D 124 29.05 -38.68 17.39
CA PRO D 124 29.13 -37.37 16.73
C PRO D 124 29.51 -36.24 17.67
N GLY D 125 29.12 -36.31 18.94
CA GLY D 125 29.38 -35.24 19.88
C GLY D 125 28.16 -34.36 20.11
N SER D 126 28.36 -33.34 20.94
CA SER D 126 27.27 -32.46 21.36
C SER D 126 27.68 -31.00 21.22
N LEU D 127 26.67 -30.13 21.14
CA LEU D 127 26.85 -28.68 21.00
C LEU D 127 25.96 -27.97 21.99
N ARG D 128 26.55 -27.13 22.84
CA ARG D 128 25.79 -26.31 23.77
C ARG D 128 25.45 -24.97 23.11
N VAL D 129 24.17 -24.60 23.16
CA VAL D 129 23.69 -23.41 22.47
C VAL D 129 22.70 -22.69 23.37
N ARG D 130 22.91 -21.39 23.57
CA ARG D 130 21.91 -20.52 24.18
C ARG D 130 21.04 -19.95 23.08
N ALA D 131 19.71 -20.00 23.27
CA ALA D 131 18.78 -19.54 22.26
C ALA D 131 17.70 -18.70 22.90
N ARG D 132 17.21 -17.71 22.15
CA ARG D 132 16.20 -16.79 22.63
C ARG D 132 15.40 -16.29 21.43
N TYR D 133 14.15 -16.73 21.32
CA TYR D 133 13.27 -16.39 20.20
C TYR D 133 12.21 -15.42 20.72
N SER D 134 12.42 -14.13 20.44
CA SER D 134 11.51 -13.09 20.89
C SER D 134 10.62 -12.64 19.74
N MET D 135 9.42 -12.17 20.09
CA MET D 135 8.47 -11.62 19.12
C MET D 135 7.83 -10.39 19.73
N GLU D 136 8.05 -9.24 19.10
CA GLU D 136 7.52 -7.97 19.60
C GLU D 136 6.20 -7.66 18.93
N LYS D 137 5.13 -7.59 19.71
CA LYS D 137 3.79 -7.27 19.20
C LYS D 137 3.62 -5.75 19.25
N ILE D 138 3.67 -5.11 18.09
CA ILE D 138 3.64 -3.66 17.98
C ILE D 138 2.32 -3.22 17.35
N MET D 139 1.64 -2.32 18.02
CA MET D 139 0.37 -1.79 17.56
C MET D 139 0.58 -0.61 16.62
N PRO D 140 -0.43 -0.26 15.83
CA PRO D 140 -0.33 0.96 15.02
C PRO D 140 0.06 2.17 15.85
N GLU D 141 0.80 3.09 15.22
CA GLU D 141 1.46 4.17 15.95
C GLU D 141 0.46 5.02 16.73
N GLU D 142 -0.72 5.26 16.15
CA GLU D 142 -1.69 6.12 16.80
C GLU D 142 -2.19 5.57 18.13
N GLU D 143 -2.14 4.25 18.33
CA GLU D 143 -2.52 3.68 19.62
C GLU D 143 -1.59 4.14 20.75
N TYR D 144 -0.37 4.57 20.41
CA TYR D 144 0.58 5.05 21.39
C TYR D 144 0.60 6.57 21.52
N SER D 145 -0.40 7.26 20.96
CA SER D 145 -0.35 8.72 20.88
C SER D 145 -0.31 9.35 22.27
N GLU D 146 -1.32 9.04 23.10
CA GLU D 146 -1.36 9.58 24.46
C GLU D 146 -0.13 9.15 25.26
N PHE D 147 0.31 7.92 25.08
CA PHE D 147 1.53 7.44 25.72
C PHE D 147 2.72 8.30 25.34
N LYS D 148 2.87 8.58 24.05
CA LYS D 148 4.02 9.35 23.59
C LYS D 148 3.99 10.78 24.13
N GLU D 149 2.81 11.41 24.15
CA GLU D 149 2.69 12.75 24.69
C GLU D 149 3.06 12.79 26.16
N LEU D 150 2.85 11.70 26.89
CA LEU D 150 3.24 11.64 28.29
C LEU D 150 4.76 11.58 28.44
N ILE D 151 5.42 10.73 27.66
CA ILE D 151 6.87 10.57 27.75
C ILE D 151 7.58 11.85 27.30
N LEU D 152 7.05 12.51 26.27
CA LEU D 152 7.68 13.69 25.70
C LEU D 152 7.44 14.96 26.51
N GLN D 153 6.79 14.88 27.66
CA GLN D 153 6.54 16.06 28.47
C GLN D 153 7.85 16.64 28.98
N LYS D 154 7.92 17.97 29.05
CA LYS D 154 9.18 18.64 29.36
C LYS D 154 9.62 18.38 30.80
N GLU D 155 8.68 18.16 31.71
CA GLU D 155 9.06 17.92 33.11
C GLU D 155 9.66 16.53 33.31
N LEU D 156 9.43 15.60 32.37
CA LEU D 156 10.11 14.30 32.33
C LEU D 156 9.80 13.45 33.55
N HIS D 157 8.60 13.62 34.13
CA HIS D 157 8.23 12.82 35.30
C HIS D 157 8.23 11.32 34.99
N VAL D 158 7.85 10.95 33.76
CA VAL D 158 7.86 9.54 33.39
C VAL D 158 9.30 9.02 33.32
N VAL D 159 10.22 9.85 32.85
CA VAL D 159 11.62 9.43 32.72
C VAL D 159 12.23 9.17 34.10
N TYR D 160 11.99 10.07 35.05
CA TYR D 160 12.53 9.88 36.40
C TYR D 160 11.95 8.64 37.06
N ALA D 161 10.64 8.42 36.91
CA ALA D 161 10.02 7.24 37.52
C ALA D 161 10.55 5.96 36.88
N LEU D 162 10.77 5.97 35.56
CA LEU D 162 11.28 4.78 34.90
C LEU D 162 12.75 4.54 35.25
N SER D 163 13.54 5.61 35.37
CA SER D 163 14.92 5.46 35.81
C SER D 163 15.00 4.83 37.19
N HIS D 164 14.07 5.19 38.08
CA HIS D 164 14.08 4.64 39.43
C HIS D 164 13.74 3.15 39.42
N VAL D 165 12.72 2.75 38.66
CA VAL D 165 12.30 1.36 38.68
C VAL D 165 13.18 0.49 37.78
N CYS D 166 13.72 1.05 36.70
CA CYS D 166 14.60 0.30 35.81
C CYS D 166 16.03 0.41 36.35
N GLY D 167 16.40 -0.57 37.16
CA GLY D 167 17.74 -0.60 37.72
C GLY D 167 18.68 -1.52 36.97
N GLN D 168 18.12 -2.57 36.34
CA GLN D 168 18.91 -3.59 35.69
C GLN D 168 18.94 -3.49 34.17
N ASP D 169 17.91 -2.91 33.55
CA ASP D 169 17.92 -2.63 32.12
C ASP D 169 18.20 -1.16 31.83
N ARG D 170 19.02 -0.52 32.68
CA ARG D 170 19.31 0.89 32.54
C ARG D 170 19.85 1.21 31.15
N THR D 171 20.77 0.38 30.64
CA THR D 171 21.26 0.58 29.28
C THR D 171 20.14 0.38 28.27
N LEU D 172 19.32 -0.65 28.46
CA LEU D 172 18.20 -0.89 27.56
C LEU D 172 17.18 0.25 27.64
N LEU D 173 16.82 0.65 28.86
CA LEU D 173 15.88 1.77 29.03
C LEU D 173 16.44 3.04 28.42
N ALA D 174 17.74 3.29 28.60
CA ALA D 174 18.35 4.49 28.03
C ALA D 174 18.32 4.46 26.52
N SER D 175 18.52 3.28 25.93
CA SER D 175 18.49 3.16 24.47
C SER D 175 17.12 3.52 23.91
N ILE D 176 16.05 3.06 24.58
CA ILE D 176 14.71 3.29 24.07
C ILE D 176 14.30 4.75 24.22
N LEU D 177 14.63 5.37 25.36
CA LEU D 177 14.35 6.78 25.54
C LEU D 177 15.15 7.63 24.55
N LEU D 178 16.39 7.24 24.27
CA LEU D 178 17.20 7.99 23.32
C LEU D 178 16.60 7.94 21.91
N ARG D 179 16.16 6.76 21.47
CA ARG D 179 15.61 6.64 20.13
C ARG D 179 14.26 7.31 20.00
N ILE D 180 13.44 7.28 21.06
CA ILE D 180 12.14 7.97 21.02
C ILE D 180 12.36 9.47 20.90
N PHE D 181 13.20 10.04 21.77
CA PHE D 181 13.43 11.48 21.73
C PHE D 181 14.20 11.90 20.49
N LEU D 182 15.06 11.02 19.95
CA LEU D 182 15.75 11.34 18.71
C LEU D 182 14.78 11.38 17.53
N HIS D 183 13.81 10.45 17.51
CA HIS D 183 12.82 10.46 16.44
C HIS D 183 12.01 11.75 16.43
N GLU D 184 11.76 12.33 17.60
CA GLU D 184 10.99 13.56 17.73
C GLU D 184 11.87 14.80 17.76
N LYS D 185 13.17 14.66 17.47
CA LYS D 185 14.10 15.78 17.41
C LYS D 185 14.18 16.54 18.74
N LEU D 186 14.07 15.80 19.85
CA LEU D 186 14.02 16.40 21.18
C LEU D 186 15.09 15.84 22.10
N GLU D 187 16.19 15.33 21.52
CA GLU D 187 17.26 14.76 22.33
C GLU D 187 17.89 15.81 23.24
N SER D 188 17.89 17.07 22.82
CA SER D 188 18.42 18.13 23.68
C SER D 188 17.60 18.29 24.94
N LEU D 189 16.27 18.31 24.81
CA LEU D 189 15.40 18.40 25.98
C LEU D 189 15.69 17.28 26.97
N LEU D 190 15.78 16.04 26.47
CA LEU D 190 16.05 14.92 27.34
C LEU D 190 17.42 15.05 28.02
N LEU D 191 18.47 15.24 27.22
CA LEU D 191 19.83 15.21 27.77
C LEU D 191 20.10 16.44 28.64
N CYS D 192 19.69 17.63 28.21
CA CYS D 192 19.99 18.84 28.97
C CYS D 192 19.22 18.87 30.28
N THR D 193 17.93 18.52 30.25
CA THR D 193 17.14 18.52 31.48
C THR D 193 17.69 17.53 32.49
N LEU D 194 18.05 16.33 32.02
CA LEU D 194 18.55 15.31 32.94
C LEU D 194 19.94 15.66 33.46
N ASN D 195 20.81 16.20 32.60
CA ASN D 195 22.13 16.61 33.04
C ASN D 195 22.04 17.74 34.05
N ASP D 196 21.13 18.70 33.82
CA ASP D 196 20.96 19.80 34.76
C ASP D 196 20.38 19.31 36.08
N ARG D 197 19.49 18.31 36.02
CA ARG D 197 18.96 17.72 37.25
C ARG D 197 20.05 17.06 38.06
N GLU D 198 20.93 16.30 37.40
CA GLU D 198 22.04 15.67 38.09
C GLU D 198 22.97 16.72 38.71
N ILE D 199 23.29 17.77 37.96
CA ILE D 199 24.15 18.82 38.48
C ILE D 199 23.46 19.57 39.61
N SER D 200 22.15 19.79 39.48
CA SER D 200 21.41 20.50 40.52
C SER D 200 21.42 19.73 41.84
N MET D 201 21.41 18.40 41.77
CA MET D 201 21.28 17.63 43.00
C MET D 201 22.58 17.57 43.78
N GLU D 202 23.69 17.31 43.10
CA GLU D 202 24.98 17.21 43.74
C GLU D 202 25.40 18.52 44.40
N ALA D 205 30.06 19.13 43.97
CA ALA D 205 30.68 20.01 42.98
C ALA D 205 31.93 19.36 42.40
N THR D 206 32.46 18.39 43.13
CA THR D 206 33.76 17.80 42.82
C THR D 206 33.68 16.40 42.22
N THR D 207 32.61 15.66 42.47
CA THR D 207 32.45 14.30 41.96
C THR D 207 31.25 14.23 41.01
N LEU D 208 31.11 15.26 40.17
CA LEU D 208 29.99 15.32 39.23
C LEU D 208 30.09 14.22 38.19
N PHE D 209 28.97 13.52 37.97
CA PHE D 209 28.83 12.49 36.94
C PHE D 209 29.87 11.37 37.09
N ARG D 210 30.52 11.27 38.25
CA ARG D 210 31.49 10.19 38.46
C ARG D 210 30.79 8.85 38.66
N ALA D 211 29.55 8.87 39.14
CA ALA D 211 28.74 7.67 39.26
C ALA D 211 27.96 7.43 37.96
N THR D 212 27.63 6.17 37.74
CA THR D 212 26.86 5.77 36.55
C THR D 212 25.39 6.02 36.83
N THR D 213 24.87 7.13 36.31
CA THR D 213 23.45 7.45 36.40
C THR D 213 22.79 7.23 35.05
N LEU D 214 21.46 7.35 35.03
CA LEU D 214 20.72 7.28 33.78
C LEU D 214 21.12 8.42 32.85
N ALA D 215 21.46 9.58 33.40
CA ALA D 215 21.95 10.68 32.59
C ALA D 215 23.31 10.38 31.99
N SER D 216 24.20 9.75 32.77
CA SER D 216 25.50 9.39 32.25
C SER D 216 25.41 8.30 31.19
N THR D 217 24.46 7.37 31.35
CA THR D 217 24.29 6.31 30.36
C THR D 217 23.74 6.85 29.05
N LEU D 218 22.75 7.74 29.12
CA LEU D 218 22.21 8.35 27.91
C LEU D 218 23.27 9.18 27.18
N MET D 219 24.09 9.91 27.93
CA MET D 219 25.13 10.74 27.32
C MET D 219 26.12 9.88 26.54
N GLU D 220 26.56 8.77 27.15
CA GLU D 220 27.49 7.88 26.47
C GLU D 220 26.87 7.28 25.22
N GLN D 221 25.62 6.81 25.32
CA GLN D 221 24.97 6.20 24.17
C GLN D 221 24.71 7.21 23.07
N TYR D 222 24.37 8.45 23.44
CA TYR D 222 24.23 9.51 22.44
C TYR D 222 25.57 9.81 21.78
N MET D 223 26.65 9.79 22.56
CA MET D 223 27.97 10.07 21.99
C MET D 223 28.44 8.92 21.10
N LYS D 224 28.12 7.68 21.47
CA LYS D 224 28.41 6.57 20.57
C LYS D 224 27.59 6.62 19.29
N ALA D 225 26.45 7.31 19.31
CA ALA D 225 25.60 7.37 18.13
C ALA D 225 26.02 8.46 17.16
N THR D 226 26.58 9.56 17.65
CA THR D 226 26.82 10.74 16.82
C THR D 226 28.28 11.15 16.71
N ALA D 227 29.16 10.66 17.58
CA ALA D 227 30.53 11.17 17.65
C ALA D 227 31.57 10.15 17.20
N THR D 228 31.16 9.05 16.57
CA THR D 228 32.14 8.06 16.11
C THR D 228 33.06 8.65 15.04
N GLN D 229 32.49 9.38 14.08
CA GLN D 229 33.30 9.96 13.01
C GLN D 229 34.33 10.93 13.55
N PHE D 230 34.03 11.57 14.68
CA PHE D 230 35.01 12.45 15.32
C PHE D 230 36.17 11.63 15.89
N VAL D 231 35.85 10.58 16.63
CA VAL D 231 36.90 9.69 17.14
C VAL D 231 37.66 9.07 15.98
N HIS D 232 36.98 8.80 14.87
CA HIS D 232 37.65 8.24 13.70
C HIS D 232 38.67 9.23 13.14
N HIS D 233 38.20 10.41 12.71
CA HIS D 233 39.08 11.36 12.05
C HIS D 233 40.18 11.85 13.00
N ALA D 234 39.83 12.20 14.23
CA ALA D 234 40.80 12.78 15.15
C ALA D 234 41.87 11.79 15.57
N LEU D 235 41.58 10.50 15.52
CA LEU D 235 42.48 9.51 16.07
C LEU D 235 42.99 8.52 15.03
N LYS D 236 42.08 7.92 14.25
CA LYS D 236 42.43 6.71 13.47
C LYS D 236 43.74 6.85 12.72
N ASP D 237 44.01 8.04 12.18
CA ASP D 237 45.26 8.25 11.46
C ASP D 237 46.46 7.92 12.34
N SER D 238 46.40 8.25 13.63
CA SER D 238 47.54 8.02 14.50
C SER D 238 47.61 6.55 14.94
N ILE D 239 46.49 6.00 15.43
CA ILE D 239 46.58 4.64 15.97
C ILE D 239 47.03 3.65 14.92
N LEU D 240 46.72 3.91 13.65
CA LEU D 240 47.19 3.02 12.60
C LEU D 240 48.71 2.97 12.52
N LYS D 241 49.41 3.93 13.13
CA LYS D 241 50.85 4.09 12.95
C LYS D 241 51.67 3.62 14.15
N ILE D 242 51.08 2.85 15.07
CA ILE D 242 51.84 2.28 16.18
C ILE D 242 51.91 0.76 16.13
N MET D 243 50.83 0.09 15.70
CA MET D 243 50.87 -1.36 15.65
C MET D 243 51.96 -1.85 14.70
N GLU D 244 52.09 -1.19 13.55
CA GLU D 244 53.19 -1.49 12.64
C GLU D 244 54.45 -0.72 12.98
N SER D 245 54.38 0.26 13.87
CA SER D 245 55.59 0.91 14.37
C SER D 245 56.33 -0.08 15.26
N LYS D 246 57.45 -0.60 14.76
CA LYS D 246 58.23 -1.56 15.54
C LYS D 246 58.98 -0.92 16.70
N GLN D 247 58.92 0.40 16.84
CA GLN D 247 59.53 1.09 17.96
C GLN D 247 58.54 1.15 19.12
N SER D 248 59.00 0.79 20.31
CA SER D 248 58.14 0.80 21.48
C SER D 248 58.11 2.20 22.10
N CYS D 249 57.30 2.35 23.15
CA CYS D 249 57.23 3.58 23.92
C CYS D 249 57.25 3.33 25.42
N GLU D 250 57.56 2.11 25.85
CA GLU D 250 57.59 1.78 27.26
C GLU D 250 58.59 2.66 28.00
N LEU D 251 58.21 3.08 29.22
CA LEU D 251 58.98 4.06 29.97
C LEU D 251 59.51 3.56 31.30
N SER D 252 58.89 2.55 31.90
CA SER D 252 59.33 2.08 33.21
C SER D 252 60.64 1.32 33.05
N PRO D 253 61.68 1.64 33.84
CA PRO D 253 62.94 0.89 33.74
C PRO D 253 62.81 -0.57 34.15
N SER D 254 61.67 -0.98 34.67
CA SER D 254 61.46 -2.35 35.12
C SER D 254 60.87 -3.25 34.04
N LYS D 255 60.33 -2.69 32.96
CA LYS D 255 59.68 -3.49 31.93
C LYS D 255 60.40 -3.48 30.59
N LEU D 256 61.48 -2.69 30.45
CA LEU D 256 62.19 -2.64 29.18
C LEU D 256 63.00 -3.92 28.97
N GLU D 257 63.17 -4.29 27.70
CA GLU D 257 64.03 -5.41 27.35
C GLU D 257 65.25 -4.92 26.61
N ASN D 263 64.91 7.17 26.69
CA ASN D 263 64.76 8.52 26.18
C ASN D 263 64.32 8.50 24.72
N THR D 264 64.83 7.54 23.96
CA THR D 264 64.39 7.37 22.58
C THR D 264 62.91 7.04 22.52
N ASN D 265 62.46 6.11 23.36
CA ASN D 265 61.04 5.80 23.45
C ASN D 265 60.24 7.02 23.92
N LEU D 266 60.81 7.78 24.86
CA LEU D 266 60.13 8.97 25.36
C LEU D 266 59.94 10.01 24.25
N THR D 267 60.97 10.19 23.41
CA THR D 267 60.84 11.10 22.28
C THR D 267 59.77 10.62 21.30
N HIS D 268 59.67 9.30 21.11
CA HIS D 268 58.68 8.76 20.19
C HIS D 268 57.26 8.99 20.70
N LEU D 269 56.99 8.62 21.95
CA LEU D 269 55.66 8.84 22.52
C LEU D 269 55.32 10.33 22.54
N LEU D 270 56.26 11.17 22.95
CA LEU D 270 56.04 12.61 22.94
C LEU D 270 55.73 13.12 21.53
N ASN D 271 56.32 12.49 20.51
CA ASN D 271 56.02 12.86 19.13
C ASN D 271 54.61 12.43 18.75
N ILE D 272 54.27 11.15 18.98
CA ILE D 272 52.92 10.68 18.68
C ILE D 272 51.88 11.39 19.52
N LEU D 273 52.27 11.83 20.72
CA LEU D 273 51.35 12.61 21.55
C LEU D 273 51.07 13.97 20.93
N SER D 274 52.10 14.63 20.43
CA SER D 274 51.91 15.94 19.80
C SER D 274 51.00 15.83 18.57
N GLU D 275 51.19 14.79 17.76
CA GLU D 275 50.37 14.62 16.57
C GLU D 275 48.94 14.29 16.93
N LEU D 276 48.74 13.35 17.86
CA LEU D 276 47.39 12.98 18.27
C LEU D 276 46.64 14.16 18.86
N VAL D 277 47.27 14.87 19.79
CA VAL D 277 46.59 15.98 20.48
C VAL D 277 46.26 17.08 19.48
N GLU D 278 47.16 17.38 18.55
CA GLU D 278 46.85 18.36 17.52
C GLU D 278 45.72 17.87 16.63
N LYS D 279 45.69 16.58 16.32
CA LYS D 279 44.63 16.04 15.48
C LYS D 279 43.28 16.04 16.20
N ILE D 280 43.28 15.69 17.49
CA ILE D 280 42.05 15.75 18.27
C ILE D 280 41.57 17.19 18.39
N PHE D 281 42.50 18.12 18.65
CA PHE D 281 42.13 19.53 18.83
C PHE D 281 41.50 20.10 17.56
N MET D 282 41.85 19.56 16.40
CA MET D 282 41.27 20.02 15.14
C MET D 282 40.28 19.00 14.58
N ALA D 283 39.56 18.32 15.48
CA ALA D 283 38.36 17.58 15.10
C ALA D 283 37.17 17.98 15.96
N SER D 284 37.27 19.06 16.74
CA SER D 284 36.07 19.81 17.10
C SER D 284 35.27 20.15 15.85
N GLU D 285 35.91 20.02 14.69
CA GLU D 285 35.28 20.19 13.39
C GLU D 285 34.10 19.25 13.18
N ILE D 286 34.33 17.94 13.33
CA ILE D 286 33.36 16.94 12.86
C ILE D 286 32.19 16.74 13.80
N LEU D 287 32.26 17.21 15.04
CA LEU D 287 31.19 16.95 16.00
C LEU D 287 29.88 17.58 15.52
N PRO D 288 28.74 16.90 15.71
CA PRO D 288 27.47 17.49 15.29
C PRO D 288 27.11 18.67 16.18
N PRO D 289 26.36 19.64 15.65
CA PRO D 289 26.05 20.83 16.46
C PRO D 289 25.18 20.54 17.67
N THR D 290 24.31 19.53 17.60
CA THR D 290 23.43 19.23 18.73
C THR D 290 24.22 18.73 19.92
N LEU D 291 25.21 17.86 19.70
CA LEU D 291 26.04 17.39 20.80
C LEU D 291 26.83 18.53 21.42
N ARG D 292 27.36 19.43 20.59
CA ARG D 292 28.05 20.60 21.10
C ARG D 292 27.11 21.51 21.88
N TYR D 293 25.84 21.56 21.47
CA TYR D 293 24.84 22.30 22.25
C TYR D 293 24.66 21.69 23.63
N ILE D 294 24.66 20.35 23.71
CA ILE D 294 24.52 19.68 25.00
C ILE D 294 25.68 20.05 25.91
N TYR D 295 26.91 20.04 25.37
CA TYR D 295 28.08 20.42 26.16
C TYR D 295 27.96 21.85 26.65
N GLY D 296 27.46 22.75 25.80
CA GLY D 296 27.26 24.13 26.23
C GLY D 296 26.25 24.26 27.34
N CYS D 297 25.26 23.37 27.38
CA CYS D 297 24.30 23.37 28.48
C CYS D 297 24.90 22.80 29.76
N LEU D 298 25.78 21.80 29.64
CA LEU D 298 26.54 21.34 30.80
C LEU D 298 27.32 22.49 31.42
N GLN D 299 27.98 23.29 30.58
CA GLN D 299 28.76 24.41 31.09
C GLN D 299 27.87 25.45 31.75
N LYS D 300 26.71 25.74 31.15
CA LYS D 300 25.80 26.72 31.72
C LYS D 300 25.23 26.24 33.04
N SER D 301 24.94 24.95 33.16
CA SER D 301 24.44 24.41 34.42
C SER D 301 25.49 24.49 35.51
N VAL D 302 26.74 24.12 35.20
CA VAL D 302 27.81 24.22 36.17
C VAL D 302 28.06 25.67 36.55
N GLN D 303 27.98 26.58 35.58
CA GLN D 303 28.17 28.00 35.86
C GLN D 303 27.05 28.55 36.72
N HIS D 304 25.84 28.00 36.61
CA HIS D 304 24.72 28.48 37.41
C HIS D 304 24.92 28.13 38.88
N LYS D 305 25.26 26.87 39.16
CA LYS D 305 25.40 26.44 40.55
C LYS D 305 26.70 26.93 41.18
N TRP D 306 27.82 26.86 40.45
CA TRP D 306 29.13 27.29 40.93
C TRP D 306 29.75 28.25 39.93
N PRO D 307 29.39 29.54 40.00
CA PRO D 307 29.89 30.49 38.99
C PRO D 307 31.40 30.69 39.01
N THR D 308 32.04 30.69 40.18
CA THR D 308 33.47 30.94 40.25
C THR D 308 34.31 29.75 39.81
N ASN D 309 33.73 28.56 39.72
CA ASN D 309 34.47 27.34 39.40
C ASN D 309 34.61 27.21 37.89
N THR D 310 35.62 27.90 37.35
CA THR D 310 35.92 27.78 35.93
C THR D 310 36.57 26.44 35.61
N THR D 311 37.23 25.83 36.59
CA THR D 311 37.92 24.56 36.33
C THR D 311 36.93 23.43 36.08
N MET D 312 35.81 23.41 36.80
CA MET D 312 34.82 22.36 36.58
C MET D 312 33.96 22.64 35.35
N ARG D 313 33.79 23.92 34.97
CA ARG D 313 33.22 24.21 33.65
C ARG D 313 34.05 23.57 32.55
N THR D 314 35.36 23.42 32.78
CA THR D 314 36.22 22.72 31.84
C THR D 314 36.15 21.21 32.04
N ARG D 315 36.15 20.76 33.29
CA ARG D 315 36.23 19.32 33.57
C ARG D 315 34.90 18.61 33.27
N VAL D 316 33.77 19.32 33.38
CA VAL D 316 32.49 18.66 33.11
C VAL D 316 32.37 18.28 31.64
N VAL D 317 33.03 19.01 30.75
CA VAL D 317 33.06 18.62 29.35
C VAL D 317 34.14 17.57 29.12
N SER D 318 35.29 17.72 29.79
CA SER D 318 36.38 16.77 29.63
C SER D 318 35.98 15.36 30.07
N GLY D 319 35.15 15.25 31.12
CA GLY D 319 34.69 13.95 31.58
C GLY D 319 33.91 13.15 30.56
N PHE D 320 33.29 13.83 29.59
CA PHE D 320 32.52 13.15 28.55
C PHE D 320 33.31 12.97 27.26
N VAL D 321 33.88 14.05 26.72
CA VAL D 321 34.60 13.95 25.46
C VAL D 321 35.90 13.18 25.60
N PHE D 322 36.48 13.13 26.80
CA PHE D 322 37.76 12.47 27.00
C PHE D 322 37.68 11.25 27.92
N LEU D 323 37.15 11.42 29.13
CA LEU D 323 37.18 10.33 30.11
C LEU D 323 36.27 9.17 29.72
N ARG D 324 35.22 9.45 28.95
CA ARG D 324 34.28 8.42 28.52
C ARG D 324 34.29 8.18 27.02
N LEU D 325 34.97 9.01 26.24
CA LEU D 325 34.91 8.92 24.78
C LEU D 325 36.28 8.73 24.15
N ILE D 326 37.24 9.62 24.40
CA ILE D 326 38.51 9.56 23.69
C ILE D 326 39.45 8.52 24.32
N CYS D 327 39.66 8.62 25.64
CA CYS D 327 40.66 7.77 26.29
C CYS D 327 40.29 6.29 26.23
N PRO D 328 39.06 5.87 26.55
CA PRO D 328 38.74 4.44 26.40
C PRO D 328 38.79 3.97 24.95
N ALA D 329 38.70 4.89 23.98
CA ALA D 329 38.87 4.50 22.59
C ALA D 329 40.33 4.25 22.26
N ILE D 330 41.25 4.93 22.94
CA ILE D 330 42.67 4.61 22.76
C ILE D 330 43.01 3.31 23.46
N LEU D 331 42.47 3.08 24.65
CA LEU D 331 42.66 1.81 25.33
C LEU D 331 41.96 0.68 24.57
N ASN D 332 40.78 0.96 24.01
CA ASN D 332 39.99 -0.05 23.30
C ASN D 332 39.59 0.48 21.93
N PRO D 333 40.54 0.56 21.00
CA PRO D 333 40.21 1.01 19.63
C PRO D 333 39.50 -0.05 18.81
N ARG D 334 39.29 -1.25 19.36
CA ARG D 334 38.52 -2.30 18.74
C ARG D 334 37.02 -2.13 18.93
N MET D 335 36.55 -0.92 19.25
CA MET D 335 35.14 -0.64 19.47
C MET D 335 34.54 0.31 18.44
N PHE D 336 35.22 1.41 18.11
CA PHE D 336 34.70 2.42 17.19
C PHE D 336 35.15 2.18 15.76
N ASN D 337 35.16 0.93 15.30
CA ASN D 337 35.53 0.53 13.94
C ASN D 337 36.95 0.92 13.56
N ILE D 338 37.75 1.41 14.51
CA ILE D 338 39.12 1.79 14.20
C ILE D 338 39.97 0.57 13.88
N ILE D 339 39.72 -0.53 14.59
CA ILE D 339 40.68 -1.62 14.70
C ILE D 339 39.98 -2.91 14.26
N SER D 340 40.14 -3.27 12.99
CA SER D 340 39.72 -4.55 12.47
C SER D 340 40.85 -5.58 12.49
N ASP D 341 42.06 -5.17 12.83
CA ASP D 341 43.20 -6.06 13.03
C ASP D 341 43.42 -6.20 14.54
N SER D 342 44.56 -6.78 14.93
CA SER D 342 44.74 -6.96 16.36
C SER D 342 45.99 -6.25 16.85
N PRO D 343 45.96 -5.67 18.05
CA PRO D 343 47.14 -5.00 18.58
C PRO D 343 48.26 -5.99 18.89
N SER D 344 49.44 -5.42 19.11
CA SER D 344 50.70 -6.14 19.26
C SER D 344 51.26 -5.91 20.67
N PRO D 345 52.30 -6.66 21.10
CA PRO D 345 52.71 -6.54 22.52
C PRO D 345 53.15 -5.14 22.90
N ILE D 346 53.79 -4.42 21.98
CA ILE D 346 54.22 -3.05 22.26
C ILE D 346 53.20 -2.02 21.81
N ALA D 347 52.30 -2.38 20.88
CA ALA D 347 51.26 -1.45 20.46
C ALA D 347 50.34 -1.12 21.62
N ALA D 348 49.68 -2.14 22.19
CA ALA D 348 48.82 -1.92 23.35
C ALA D 348 49.55 -1.21 24.48
N ARG D 349 50.85 -1.49 24.63
CA ARG D 349 51.65 -0.76 25.62
C ARG D 349 51.69 0.72 25.29
N THR D 350 51.89 1.07 24.01
CA THR D 350 51.91 2.47 23.61
C THR D 350 50.54 3.12 23.79
N LEU D 351 49.48 2.43 23.33
CA LEU D 351 48.14 2.98 23.45
C LEU D 351 47.76 3.21 24.92
N ILE D 352 48.24 2.34 25.82
CA ILE D 352 47.98 2.54 27.24
C ILE D 352 48.70 3.79 27.74
N LEU D 353 49.95 3.98 27.33
CA LEU D 353 50.69 5.17 27.76
C LEU D 353 50.11 6.43 27.13
N VAL D 354 49.58 6.33 25.90
CA VAL D 354 48.98 7.49 25.26
C VAL D 354 47.69 7.89 25.97
N ALA D 355 46.82 6.91 26.22
CA ALA D 355 45.57 7.20 26.92
C ALA D 355 45.84 7.74 28.33
N LYS D 356 46.90 7.26 28.98
CA LYS D 356 47.28 7.79 30.27
C LYS D 356 47.60 9.28 30.19
N SER D 357 48.42 9.66 29.21
CA SER D 357 48.82 11.06 29.08
C SER D 357 47.65 11.93 28.65
N VAL D 358 46.84 11.44 27.71
CA VAL D 358 45.70 12.23 27.23
C VAL D 358 44.69 12.46 28.35
N GLN D 359 44.45 11.43 29.16
CA GLN D 359 43.53 11.58 30.29
C GLN D 359 44.05 12.62 31.29
N ASN D 360 45.35 12.59 31.58
CA ASN D 360 45.91 13.54 32.53
C ASN D 360 45.78 14.97 32.01
N LEU D 361 46.12 15.18 30.73
CA LEU D 361 45.94 16.51 30.14
C LEU D 361 44.48 16.92 30.15
N ALA D 362 43.58 15.97 29.91
CA ALA D 362 42.16 16.26 29.95
C ALA D 362 41.71 16.63 31.35
N ASN D 363 42.38 16.11 32.37
CA ASN D 363 42.12 16.45 33.76
C ASN D 363 42.91 17.66 34.22
N LEU D 364 43.76 18.22 33.36
CA LEU D 364 44.61 19.36 33.70
C LEU D 364 45.51 19.05 34.89
N VAL D 365 46.06 17.84 34.91
CA VAL D 365 46.95 17.40 35.99
C VAL D 365 48.19 16.78 35.36
N GLU D 366 49.28 16.79 36.14
CA GLU D 366 50.54 16.18 35.73
C GLU D 366 50.77 14.89 36.50
N PHE D 367 51.53 13.99 35.89
CA PHE D 367 51.85 12.71 36.51
C PHE D 367 52.65 12.89 37.79
N PRO D 372 55.78 7.57 38.46
CA PRO D 372 56.95 8.41 38.22
C PRO D 372 57.58 8.16 36.85
N TYR D 373 57.40 6.95 36.31
CA TYR D 373 57.94 6.63 35.00
C TYR D 373 57.24 7.38 33.88
N MET D 374 56.21 8.18 34.19
CA MET D 374 55.52 9.00 33.22
C MET D 374 55.83 10.49 33.37
N GLU D 375 56.87 10.83 34.14
CA GLU D 375 57.17 12.24 34.39
C GLU D 375 57.54 12.97 33.11
N GLY D 376 58.27 12.32 32.20
CA GLY D 376 58.69 12.95 30.96
C GLY D 376 57.57 13.58 30.16
N VAL D 377 56.32 13.19 30.46
CA VAL D 377 55.15 13.79 29.83
C VAL D 377 54.67 15.05 30.54
N ASN D 378 55.18 15.32 31.75
CA ASN D 378 54.74 16.50 32.50
C ASN D 378 54.93 17.82 31.77
N PRO D 379 56.08 18.13 31.15
CA PRO D 379 56.19 19.44 30.49
C PRO D 379 55.30 19.56 29.28
N PHE D 380 55.04 18.45 28.58
CA PHE D 380 54.06 18.45 27.50
C PHE D 380 52.68 18.82 28.03
N ILE D 381 52.27 18.19 29.14
CA ILE D 381 50.97 18.48 29.73
C ILE D 381 50.90 19.95 30.14
N LYS D 382 51.96 20.46 30.76
CA LYS D 382 51.98 21.86 31.18
C LYS D 382 51.86 22.79 29.98
N SER D 383 52.67 22.55 28.94
CA SER D 383 52.66 23.43 27.78
C SER D 383 51.36 23.36 27.00
N ASN D 384 50.60 22.27 27.13
CA ASN D 384 49.31 22.13 26.47
C ASN D 384 48.13 22.29 27.42
N LYS D 385 48.38 22.44 28.71
CA LYS D 385 47.28 22.59 29.68
C LYS D 385 46.40 23.77 29.33
N HIS D 386 47.01 24.89 28.93
CA HIS D 386 46.24 26.08 28.58
C HIS D 386 45.36 25.84 27.37
N ARG D 387 45.91 25.18 26.34
CA ARG D 387 45.15 24.92 25.13
C ARG D 387 43.95 23.99 25.40
N MET D 388 44.15 22.99 26.27
CA MET D 388 43.09 22.05 26.60
C MET D 388 41.85 22.77 27.11
N ILE D 389 42.04 23.76 27.99
CA ILE D 389 40.91 24.53 28.51
C ILE D 389 40.18 25.23 27.37
N MET D 390 40.93 25.85 26.47
CA MET D 390 40.32 26.59 25.37
C MET D 390 39.58 25.67 24.40
N PHE D 391 40.12 24.46 24.19
CA PHE D 391 39.45 23.52 23.31
C PHE D 391 38.12 23.08 23.89
N LEU D 392 38.09 22.74 25.17
CA LEU D 392 36.87 22.29 25.81
C LEU D 392 35.86 23.42 25.99
N ASP D 393 36.32 24.67 26.00
CA ASP D 393 35.39 25.79 26.07
C ASP D 393 34.70 26.02 24.74
N GLU D 394 35.48 26.15 23.66
CA GLU D 394 34.90 26.31 22.32
C GLU D 394 34.04 25.12 21.92
N LEU D 395 34.28 23.95 22.51
CA LEU D 395 33.48 22.77 22.21
C LEU D 395 32.01 23.02 22.47
N GLY D 396 31.68 23.71 23.56
CA GLY D 396 30.30 23.99 23.90
C GLY D 396 29.83 25.34 23.43
N ASN D 397 30.53 25.92 22.45
CA ASN D 397 30.17 27.25 21.94
C ASN D 397 29.19 27.14 20.77
N VAL D 398 28.05 26.53 21.07
CA VAL D 398 26.94 26.46 20.12
C VAL D 398 25.69 26.97 20.82
N PRO D 399 25.31 28.22 20.62
CA PRO D 399 24.18 28.79 21.37
C PRO D 399 22.83 28.34 20.85
N GLU D 400 22.72 28.05 19.56
CA GLU D 400 21.45 27.72 18.94
C GLU D 400 21.54 26.38 18.23
N LEU D 401 20.49 25.56 18.39
CA LEU D 401 20.41 24.29 17.71
C LEU D 401 20.19 24.49 16.22
N PRO D 402 20.52 23.49 15.39
CA PRO D 402 20.26 23.61 13.94
C PRO D 402 18.78 23.65 13.61
N ASP D 403 18.46 23.85 12.33
CA ASP D 403 17.08 23.95 11.88
C ASP D 403 16.50 22.59 11.51
N THR D 404 17.26 21.77 10.79
CA THR D 404 16.83 20.42 10.43
C THR D 404 18.02 19.48 10.57
N THR D 405 17.88 18.49 11.43
CA THR D 405 18.95 17.54 11.69
C THR D 405 18.85 16.36 10.72
N GLU D 406 19.68 15.35 10.94
CA GLU D 406 19.58 14.12 10.17
C GLU D 406 18.27 13.41 10.47
N HIS D 407 17.76 12.69 9.47
CA HIS D 407 16.54 11.93 9.64
C HIS D 407 16.78 10.76 10.58
N SER D 408 16.02 10.71 11.67
CA SER D 408 16.16 9.65 12.66
C SER D 408 15.59 8.36 12.09
N ARG D 409 16.48 7.48 11.63
CA ARG D 409 16.07 6.14 11.18
C ARG D 409 15.79 5.32 12.44
N THR D 410 14.56 5.46 12.94
CA THR D 410 14.10 4.74 14.10
C THR D 410 12.69 4.25 13.86
N ASP D 411 12.34 3.15 14.51
CA ASP D 411 10.98 2.62 14.51
C ASP D 411 10.31 3.17 15.77
N LEU D 412 9.56 4.26 15.62
CA LEU D 412 8.98 4.93 16.78
C LEU D 412 8.00 4.03 17.51
N SER D 413 7.09 3.39 16.77
CA SER D 413 6.09 2.54 17.42
C SER D 413 6.74 1.32 18.07
N ARG D 414 7.81 0.78 17.48
CA ARG D 414 8.51 -0.32 18.12
C ARG D 414 9.17 0.11 19.42
N ASP D 415 9.73 1.31 19.45
CA ASP D 415 10.35 1.81 20.68
C ASP D 415 9.29 2.20 21.71
N LEU D 416 8.17 2.74 21.26
CA LEU D 416 7.07 3.01 22.18
C LEU D 416 6.50 1.71 22.73
N ALA D 417 6.38 0.68 21.90
CA ALA D 417 5.90 -0.61 22.37
C ALA D 417 6.91 -1.26 23.31
N ALA D 418 8.19 -1.07 23.05
CA ALA D 418 9.22 -1.60 23.95
C ALA D 418 9.21 -0.87 25.28
N LEU D 419 8.98 0.44 25.26
CA LEU D 419 8.86 1.19 26.50
C LEU D 419 7.60 0.80 27.28
N HIS D 420 6.52 0.47 26.56
CA HIS D 420 5.29 0.04 27.23
C HIS D 420 5.49 -1.28 27.96
N GLU D 421 6.24 -2.21 27.36
CA GLU D 421 6.56 -3.47 28.03
C GLU D 421 7.36 -3.22 29.31
N ILE D 422 8.31 -2.28 29.26
CA ILE D 422 9.06 -1.90 30.45
C ILE D 422 8.13 -1.40 31.54
N CYS D 423 7.13 -0.58 31.17
CA CYS D 423 6.17 -0.09 32.15
C CYS D 423 5.31 -1.23 32.69
N VAL D 424 4.95 -2.19 31.83
CA VAL D 424 4.15 -3.33 32.27
C VAL D 424 4.94 -4.18 33.26
N ALA D 425 6.21 -4.47 32.95
CA ALA D 425 7.03 -5.30 33.82
C ALA D 425 7.24 -4.66 35.19
N HIS D 426 7.15 -3.34 35.30
CA HIS D 426 7.39 -2.62 36.54
C HIS D 426 6.13 -1.93 37.07
N SER D 427 4.94 -2.43 36.70
CA SER D 427 3.70 -1.75 37.05
C SER D 427 3.50 -1.69 38.56
N ASP D 428 3.93 -2.72 39.29
CA ASP D 428 3.76 -2.72 40.75
C ASP D 428 4.57 -1.60 41.39
N GLU D 429 5.85 -1.46 40.98
CA GLU D 429 6.68 -0.40 41.52
C GLU D 429 6.19 0.97 41.08
N LEU D 430 5.69 1.08 39.85
CA LEU D 430 5.14 2.35 39.38
C LEU D 430 3.87 2.70 40.14
N ARG D 431 3.06 1.70 40.51
CA ARG D 431 1.89 1.93 41.33
C ARG D 431 2.28 2.52 42.69
N THR D 432 3.31 1.95 43.31
CA THR D 432 3.76 2.45 44.61
C THR D 432 4.29 3.88 44.49
N LEU D 433 4.98 4.19 43.38
CA LEU D 433 5.47 5.54 43.18
C LEU D 433 4.33 6.53 42.98
N SER D 434 3.27 6.11 42.28
CA SER D 434 2.14 6.99 42.02
C SER D 434 1.41 7.38 43.30
N ASN D 435 1.55 6.61 44.38
CA ASN D 435 0.84 6.89 45.62
C ASN D 435 1.50 8.00 46.43
N GLU D 436 2.68 8.47 46.02
CA GLU D 436 3.38 9.54 46.73
C GLU D 436 2.89 10.90 46.25
N ARG D 437 2.73 11.82 47.19
CA ARG D 437 2.40 13.19 46.84
C ARG D 437 3.61 13.86 46.19
N GLY D 438 3.34 14.87 45.37
CA GLY D 438 4.39 15.57 44.67
C GLY D 438 4.00 15.97 43.26
N ALA D 439 4.90 16.69 42.58
CA ALA D 439 4.58 17.21 41.25
C ALA D 439 4.33 16.10 40.24
N GLN D 440 4.84 14.91 40.49
CA GLN D 440 4.78 13.80 39.54
C GLN D 440 3.58 12.88 39.74
N GLN D 441 2.74 13.13 40.73
CA GLN D 441 1.67 12.19 41.05
C GLN D 441 0.65 12.09 39.92
N HIS D 442 0.20 13.23 39.41
CA HIS D 442 -0.83 13.20 38.36
C HIS D 442 -0.31 12.51 37.11
N VAL D 443 0.92 12.83 36.69
CA VAL D 443 1.50 12.18 35.52
C VAL D 443 1.67 10.68 35.76
N LEU D 444 1.94 10.29 37.01
CA LEU D 444 2.17 8.89 37.30
C LEU D 444 0.85 8.10 37.32
N LYS D 445 -0.22 8.72 37.80
CA LYS D 445 -1.54 8.08 37.69
C LYS D 445 -1.94 7.93 36.23
N LYS D 446 -1.67 8.95 35.42
CA LYS D 446 -1.96 8.87 34.00
C LYS D 446 -1.14 7.79 33.32
N LEU D 447 0.14 7.66 33.70
CA LEU D 447 0.97 6.60 33.13
C LEU D 447 0.42 5.22 33.45
N LEU D 448 0.00 4.99 34.69
CA LEU D 448 -0.61 3.71 35.05
C LEU D 448 -1.85 3.44 34.23
N ALA D 449 -2.69 4.47 34.03
CA ALA D 449 -3.92 4.30 33.27
C ALA D 449 -3.60 3.93 31.82
N ILE D 450 -2.70 4.67 31.19
CA ILE D 450 -2.38 4.42 29.79
C ILE D 450 -1.70 3.07 29.62
N THR D 451 -0.90 2.65 30.61
CA THR D 451 -0.25 1.34 30.51
C THR D 451 -1.28 0.22 30.55
N GLU D 452 -2.26 0.31 31.44
CA GLU D 452 -3.33 -0.68 31.48
C GLU D 452 -4.13 -0.67 30.18
N LEU D 453 -4.38 0.52 29.63
CA LEU D 453 -5.18 0.61 28.41
C LEU D 453 -4.44 0.01 27.21
N LEU D 454 -3.13 0.30 27.10
CA LEU D 454 -2.36 -0.28 26.02
C LEU D 454 -2.29 -1.80 26.13
N GLN D 455 -2.29 -2.32 27.36
CA GLN D 455 -2.28 -3.76 27.55
C GLN D 455 -3.60 -4.38 27.11
N GLN D 456 -4.72 -3.78 27.50
CA GLN D 456 -6.03 -4.26 27.07
C GLN D 456 -6.15 -4.25 25.55
N LYS D 457 -5.73 -3.14 24.93
CA LYS D 457 -5.84 -3.02 23.48
C LYS D 457 -4.94 -4.03 22.78
N GLN D 458 -3.76 -4.29 23.34
CA GLN D 458 -2.88 -5.31 22.75
C GLN D 458 -3.51 -6.70 22.85
N ASN D 459 -4.24 -6.96 23.94
CA ASN D 459 -4.97 -8.23 24.03
C ASN D 459 -6.08 -8.30 22.99
N GLN D 460 -6.66 -7.16 22.63
CA GLN D 460 -7.72 -7.17 21.62
C GLN D 460 -7.20 -7.60 20.26
N TYR D 461 -5.95 -7.27 19.94
CA TYR D 461 -5.37 -7.68 18.67
C TYR D 461 -4.97 -9.16 18.64
N THR D 462 -4.76 -9.78 19.80
CA THR D 462 -4.22 -11.12 19.87
C THR D 462 -5.16 -12.15 20.49
N LYS D 463 -6.39 -11.78 20.83
CA LYS D 463 -7.28 -12.66 21.55
C LYS D 463 -7.92 -13.69 20.63
N THR D 464 -8.15 -14.89 21.18
CA THR D 464 -8.84 -16.02 20.51
C THR D 464 -8.53 -16.14 19.03
#